data_6S0V
#
_entry.id   6S0V
#
_cell.length_a   50.467
_cell.length_b   185.250
_cell.length_c   110.460
_cell.angle_alpha   90.00
_cell.angle_beta   94.68
_cell.angle_gamma   90.00
#
_symmetry.space_group_name_H-M   'P 1 21 1'
#
loop_
_entity.id
_entity.type
_entity.pdbx_description
1 polymer 'Kanamycin B dioxygenase'
2 non-polymer 'NICKEL (II) ION'
3 non-polymer 'SULFATE ION'
4 non-polymer '(1R,2R,3S,4R,6S)-4,6-diamino-2,3-dihydroxycyclohexyl 2,6-diamino-2,6-dideoxy-alpha-D-glucopyranoside'
5 water water
#
_entity_poly.entity_id   1
_entity_poly.type   'polypeptide(L)'
_entity_poly.pdbx_seq_one_letter_code
;SNAMALAAPPGELTLALTPDDKTLDPASLDRALAILAEHGILVLTGMLRTRLTDQLRTAMLDDLPEVLRQQDVPTNFVPG
HVQQDPPVRESLLFPDVLLNPVVYQITHAVLGADARNAVYSGNMNLPGSHEQPVHLDEPHLWPGISHPPYCLCVDVPLID
FTLENGSTEYWPGSHVLNPDECYDERGCVLPAELERRRAVAPPVRFPIPVGSVVIRDGRLWHRGVPNLSAAPRPLLAMTH
YTEWFDMPPIQLPDTVKSWVDGSDRHTHAHFVAGDVDHLTGDHPFAVR
;
_entity_poly.pdbx_strand_id   A,B,C,D,E,F
#
# COMPACT_ATOMS: atom_id res chain seq x y z
N ALA A 5 21.71 -11.25 -33.54
CA ALA A 5 22.67 -10.83 -34.61
C ALA A 5 24.02 -10.49 -33.98
N LEU A 6 24.18 -10.78 -32.69
CA LEU A 6 25.42 -10.46 -31.93
C LEU A 6 26.56 -11.39 -32.33
N ALA A 7 27.80 -10.97 -32.13
CA ALA A 7 29.01 -11.78 -32.44
C ALA A 7 29.49 -12.46 -31.15
N ALA A 8 28.88 -12.08 -30.02
CA ALA A 8 29.18 -12.69 -28.71
C ALA A 8 28.02 -12.43 -27.75
N PRO A 9 28.01 -13.05 -26.55
CA PRO A 9 26.97 -12.83 -25.56
C PRO A 9 26.99 -11.37 -25.10
N PRO A 10 25.82 -10.71 -24.97
CA PRO A 10 25.75 -9.33 -24.50
C PRO A 10 26.27 -9.17 -23.07
N GLY A 11 26.88 -8.03 -22.77
CA GLY A 11 27.44 -7.72 -21.44
C GLY A 11 26.37 -7.68 -20.37
N GLU A 12 25.19 -7.15 -20.71
CA GLU A 12 24.03 -7.11 -19.78
C GLU A 12 23.78 -8.51 -19.18
N LEU A 13 24.04 -9.56 -19.97
CA LEU A 13 23.69 -10.95 -19.63
C LEU A 13 24.89 -11.75 -19.16
N THR A 14 26.12 -11.25 -19.32
CA THR A 14 27.33 -12.14 -19.28
C THR A 14 28.12 -11.92 -18.00
N LEU A 15 28.87 -12.93 -17.55
CA LEU A 15 29.76 -12.85 -16.36
C LEU A 15 30.93 -13.79 -16.63
N ALA A 16 32.16 -13.26 -16.73
CA ALA A 16 33.36 -14.00 -17.20
C ALA A 16 34.04 -14.67 -16.02
N LEU A 17 34.44 -15.93 -16.19
CA LEU A 17 35.13 -16.72 -15.14
C LEU A 17 36.25 -17.54 -15.75
N THR A 18 37.08 -18.15 -14.90
CA THR A 18 37.99 -19.27 -15.21
C THR A 18 37.40 -20.54 -14.57
N PRO A 19 37.76 -21.75 -15.05
CA PRO A 19 37.32 -22.98 -14.40
C PRO A 19 37.74 -23.11 -12.93
N ASP A 20 38.86 -22.51 -12.51
CA ASP A 20 39.37 -22.60 -11.11
C ASP A 20 38.50 -21.83 -10.11
N ASP A 21 37.77 -20.80 -10.57
CA ASP A 21 36.88 -19.97 -9.71
C ASP A 21 35.85 -20.90 -9.07
N LYS A 22 35.83 -21.01 -7.73
CA LYS A 22 34.89 -21.88 -7.00
C LYS A 22 33.73 -21.05 -6.40
N THR A 23 33.88 -19.73 -6.25
CA THR A 23 32.76 -18.84 -5.79
C THR A 23 32.88 -17.48 -6.48
N LEU A 24 31.77 -16.75 -6.51
CA LEU A 24 31.73 -15.33 -6.91
C LEU A 24 31.90 -14.48 -5.65
N ASP A 25 32.70 -13.42 -5.72
CA ASP A 25 32.80 -12.39 -4.65
C ASP A 25 31.43 -11.72 -4.52
N PRO A 26 31.07 -11.21 -3.33
CA PRO A 26 29.74 -10.64 -3.10
C PRO A 26 29.26 -9.69 -4.20
N ALA A 27 30.16 -8.88 -4.78
CA ALA A 27 29.82 -7.86 -5.81
C ALA A 27 29.38 -8.58 -7.09
N SER A 28 30.07 -9.66 -7.48
CA SER A 28 29.76 -10.50 -8.67
C SER A 28 28.43 -11.23 -8.48
N LEU A 29 28.19 -11.81 -7.30
CA LEU A 29 26.95 -12.58 -7.00
C LEU A 29 25.75 -11.64 -7.07
N ASP A 30 25.83 -10.45 -6.46
CA ASP A 30 24.72 -9.45 -6.47
C ASP A 30 24.38 -9.11 -7.92
N ARG A 31 25.39 -8.99 -8.78
CA ARG A 31 25.22 -8.69 -10.22
C ARG A 31 24.50 -9.86 -10.91
N ALA A 32 24.96 -11.09 -10.69
CA ALA A 32 24.40 -12.33 -11.27
C ALA A 32 22.90 -12.38 -10.94
N LEU A 33 22.54 -12.26 -9.66
CA LEU A 33 21.14 -12.22 -9.17
C LEU A 33 20.36 -11.07 -9.81
N ALA A 34 20.98 -9.88 -9.97
CA ALA A 34 20.35 -8.68 -10.55
C ALA A 34 20.01 -8.94 -12.02
N ILE A 35 20.82 -9.75 -12.69
CA ILE A 35 20.62 -10.09 -14.12
C ILE A 35 19.47 -11.09 -14.23
N LEU A 36 19.48 -12.13 -13.38
CA LEU A 36 18.43 -13.18 -13.41
C LEU A 36 17.08 -12.57 -13.03
N ALA A 37 17.09 -11.57 -12.15
CA ALA A 37 15.86 -10.84 -11.76
C ALA A 37 15.35 -10.01 -12.93
N GLU A 38 16.22 -9.21 -13.55
CA GLU A 38 15.80 -8.21 -14.56
C GLU A 38 15.55 -8.92 -15.89
N HIS A 39 16.52 -9.71 -16.34
CA HIS A 39 16.58 -10.23 -17.74
C HIS A 39 16.09 -11.68 -17.80
N GLY A 40 16.27 -12.46 -16.74
CA GLY A 40 15.78 -13.86 -16.68
C GLY A 40 16.76 -14.86 -17.28
N ILE A 41 17.95 -14.41 -17.66
CA ILE A 41 18.98 -15.29 -18.29
C ILE A 41 20.36 -14.70 -18.00
N LEU A 42 21.30 -15.56 -17.65
CA LEU A 42 22.69 -15.21 -17.26
C LEU A 42 23.63 -16.16 -17.99
N VAL A 43 24.61 -15.65 -18.72
CA VAL A 43 25.63 -16.50 -19.40
C VAL A 43 26.93 -16.43 -18.61
N LEU A 44 27.48 -17.57 -18.19
CA LEU A 44 28.77 -17.66 -17.46
C LEU A 44 29.81 -18.24 -18.42
N THR A 45 30.75 -17.43 -18.90
CA THR A 45 31.83 -17.88 -19.81
C THR A 45 32.97 -18.48 -18.99
N GLY A 46 33.63 -19.51 -19.53
CA GLY A 46 34.86 -20.11 -18.98
C GLY A 46 34.62 -20.91 -17.71
N MET A 47 33.50 -21.61 -17.60
CA MET A 47 33.11 -22.36 -16.37
C MET A 47 33.72 -23.76 -16.36
N LEU A 48 33.76 -24.45 -17.52
CA LEU A 48 34.10 -25.89 -17.59
C LEU A 48 35.33 -26.11 -18.49
N ARG A 49 36.14 -27.10 -18.12
CA ARG A 49 37.39 -27.49 -18.83
C ARG A 49 37.02 -28.26 -20.10
N THR A 50 37.88 -28.17 -21.13
CA THR A 50 37.78 -28.92 -22.40
C THR A 50 37.73 -30.43 -22.10
N ARG A 51 38.53 -30.90 -21.15
CA ARG A 51 38.59 -32.35 -20.79
C ARG A 51 37.17 -32.87 -20.52
N LEU A 52 36.29 -32.10 -19.88
CA LEU A 52 34.91 -32.55 -19.55
C LEU A 52 33.99 -32.42 -20.77
N THR A 53 33.84 -31.22 -21.32
CA THR A 53 32.94 -30.96 -22.48
C THR A 53 33.26 -31.97 -23.60
N ASP A 54 34.55 -32.23 -23.86
CA ASP A 54 35.01 -33.17 -24.93
C ASP A 54 34.40 -34.57 -24.67
N GLN A 55 34.60 -35.12 -23.48
CA GLN A 55 34.11 -36.48 -23.14
C GLN A 55 32.58 -36.54 -23.31
N LEU A 56 31.87 -35.52 -22.82
CA LEU A 56 30.39 -35.43 -22.83
C LEU A 56 29.89 -35.27 -24.26
N ARG A 57 30.52 -34.41 -25.05
CA ARG A 57 30.18 -34.25 -26.49
C ARG A 57 30.32 -35.61 -27.19
N THR A 58 31.48 -36.26 -27.04
CA THR A 58 31.78 -37.58 -27.65
C THR A 58 30.72 -38.61 -27.24
N ALA A 59 30.40 -38.69 -25.95
CA ALA A 59 29.48 -39.69 -25.36
C ALA A 59 28.09 -39.56 -26.00
N MET A 60 27.64 -38.32 -26.21
CA MET A 60 26.25 -38.02 -26.70
C MET A 60 26.16 -38.25 -28.21
N LEU A 61 27.19 -37.91 -28.98
CA LEU A 61 27.24 -38.21 -30.43
C LEU A 61 27.33 -39.72 -30.65
N ASP A 62 28.00 -40.44 -29.75
CA ASP A 62 28.09 -41.93 -29.78
C ASP A 62 26.72 -42.53 -29.51
N ASP A 63 25.89 -41.92 -28.64
CA ASP A 63 24.55 -42.46 -28.26
C ASP A 63 23.48 -42.09 -29.30
N LEU A 64 23.71 -41.06 -30.12
CA LEU A 64 22.69 -40.48 -31.04
C LEU A 64 22.15 -41.56 -31.97
N PRO A 65 22.98 -42.45 -32.55
CA PRO A 65 22.47 -43.57 -33.33
C PRO A 65 21.41 -44.42 -32.61
N GLU A 66 21.65 -44.78 -31.34
CA GLU A 66 20.70 -45.61 -30.55
C GLU A 66 19.40 -44.83 -30.35
N VAL A 67 19.48 -43.51 -30.25
CA VAL A 67 18.31 -42.62 -30.05
C VAL A 67 17.46 -42.60 -31.33
N LEU A 68 18.11 -42.47 -32.49
CA LEU A 68 17.42 -42.32 -33.80
C LEU A 68 16.85 -43.65 -34.28
N ARG A 69 17.36 -44.79 -33.76
CA ARG A 69 16.85 -46.16 -34.09
C ARG A 69 15.47 -46.37 -33.48
N GLN A 70 15.17 -45.72 -32.34
CA GLN A 70 13.88 -45.84 -31.58
C GLN A 70 12.66 -45.73 -32.52
N GLN A 71 11.60 -46.46 -32.20
CA GLN A 71 10.45 -46.65 -33.12
C GLN A 71 9.83 -45.28 -33.40
N ASP A 72 9.46 -44.57 -32.33
CA ASP A 72 9.11 -43.13 -32.36
C ASP A 72 10.18 -42.30 -31.63
N VAL A 73 10.85 -41.41 -32.35
CA VAL A 73 11.91 -40.51 -31.82
C VAL A 73 11.24 -39.35 -31.10
N PRO A 74 11.50 -39.17 -29.79
CA PRO A 74 10.91 -38.06 -29.04
C PRO A 74 11.55 -36.73 -29.42
N THR A 75 10.73 -35.82 -29.94
CA THR A 75 11.16 -34.45 -30.28
C THR A 75 10.42 -33.45 -29.40
N ASN A 76 10.93 -32.23 -29.30
CA ASN A 76 10.20 -31.10 -28.68
C ASN A 76 9.63 -30.23 -29.80
N PHE A 77 8.29 -30.21 -29.93
CA PHE A 77 7.48 -29.29 -30.80
C PHE A 77 7.57 -29.67 -32.29
N VAL A 78 8.77 -29.69 -32.87
CA VAL A 78 8.95 -29.80 -34.35
C VAL A 78 10.07 -30.79 -34.65
N PRO A 79 10.19 -31.29 -35.90
CA PRO A 79 11.27 -32.20 -36.28
C PRO A 79 12.66 -31.58 -36.10
N GLY A 80 13.62 -32.39 -35.63
CA GLY A 80 15.04 -32.01 -35.58
C GLY A 80 15.46 -31.67 -34.17
N HIS A 81 14.51 -31.53 -33.25
CA HIS A 81 14.81 -31.13 -31.86
C HIS A 81 14.64 -32.33 -30.95
N VAL A 82 15.63 -33.22 -30.92
CA VAL A 82 15.53 -34.57 -30.28
C VAL A 82 15.79 -34.42 -28.78
N GLN A 83 14.96 -35.05 -27.95
CA GLN A 83 15.27 -35.21 -26.50
C GLN A 83 16.23 -36.39 -26.38
N GLN A 84 17.41 -36.18 -25.78
CA GLN A 84 18.39 -37.25 -25.52
C GLN A 84 19.02 -37.03 -24.15
N ASP A 85 18.91 -37.99 -23.22
CA ASP A 85 19.59 -37.92 -21.91
C ASP A 85 21.07 -38.24 -22.11
N PRO A 86 22.01 -37.50 -21.50
CA PRO A 86 23.42 -37.91 -21.48
C PRO A 86 23.54 -39.15 -20.60
N PRO A 87 24.67 -39.88 -20.66
CA PRO A 87 24.84 -41.11 -19.90
C PRO A 87 25.09 -40.83 -18.41
N VAL A 88 24.64 -41.74 -17.57
CA VAL A 88 24.81 -41.71 -16.08
C VAL A 88 25.74 -42.86 -15.66
N ARG A 89 26.86 -42.99 -16.36
CA ARG A 89 27.97 -43.91 -16.04
C ARG A 89 28.91 -43.19 -15.07
N GLU A 90 29.38 -43.89 -14.04
CA GLU A 90 30.34 -43.38 -13.03
C GLU A 90 31.34 -42.42 -13.69
N SER A 91 31.93 -42.83 -14.82
CA SER A 91 33.08 -42.16 -15.51
C SER A 91 32.66 -40.86 -16.20
N LEU A 92 31.38 -40.67 -16.52
CA LEU A 92 30.85 -39.47 -17.25
C LEU A 92 29.94 -38.64 -16.34
N LEU A 93 29.98 -38.90 -15.03
CA LEU A 93 29.29 -38.04 -14.02
C LEU A 93 30.37 -37.26 -13.26
N PHE A 94 30.61 -36.01 -13.68
CA PHE A 94 31.64 -35.13 -13.13
C PHE A 94 31.02 -34.19 -12.10
N PRO A 95 31.59 -34.07 -10.88
CA PRO A 95 31.12 -33.10 -9.89
C PRO A 95 31.08 -31.65 -10.38
N ASP A 96 32.05 -31.22 -11.22
CA ASP A 96 32.06 -29.82 -11.70
C ASP A 96 30.88 -29.54 -12.63
N VAL A 97 30.17 -30.58 -13.09
CA VAL A 97 29.00 -30.42 -14.00
C VAL A 97 27.70 -30.58 -13.20
N LEU A 98 27.53 -31.69 -12.47
CA LEU A 98 26.29 -31.95 -11.67
C LEU A 98 26.17 -30.98 -10.50
N LEU A 99 27.28 -30.87 -9.75
CA LEU A 99 27.38 -30.14 -8.46
C LEU A 99 28.37 -28.98 -8.64
N ASN A 100 28.21 -28.16 -9.68
CA ASN A 100 29.12 -27.02 -9.93
C ASN A 100 28.95 -26.03 -8.78
N PRO A 101 30.04 -25.62 -8.11
CA PRO A 101 29.94 -24.79 -6.91
C PRO A 101 29.45 -23.35 -7.21
N VAL A 102 29.75 -22.82 -8.39
CA VAL A 102 29.31 -21.45 -8.79
C VAL A 102 27.83 -21.49 -9.15
N VAL A 103 27.40 -22.53 -9.86
CA VAL A 103 25.98 -22.65 -10.28
C VAL A 103 25.12 -22.70 -9.01
N TYR A 104 25.44 -23.64 -8.11
CA TYR A 104 24.68 -23.86 -6.85
C TYR A 104 24.75 -22.62 -5.96
N GLN A 105 25.83 -21.85 -6.01
CA GLN A 105 25.94 -20.58 -5.24
C GLN A 105 24.85 -19.62 -5.70
N ILE A 106 24.66 -19.52 -7.02
CA ILE A 106 23.61 -18.65 -7.62
C ILE A 106 22.24 -19.24 -7.29
N THR A 107 22.04 -20.53 -7.50
CA THR A 107 20.70 -21.17 -7.34
C THR A 107 20.30 -21.18 -5.86
N HIS A 108 21.27 -21.33 -4.95
CA HIS A 108 20.97 -21.30 -3.49
C HIS A 108 20.47 -19.90 -3.14
N ALA A 109 21.11 -18.88 -3.70
CA ALA A 109 20.76 -17.46 -3.45
C ALA A 109 19.37 -17.15 -3.99
N VAL A 110 19.01 -17.72 -5.13
CA VAL A 110 17.72 -17.43 -5.82
C VAL A 110 16.61 -18.31 -5.24
N LEU A 111 16.82 -19.62 -5.14
CA LEU A 111 15.73 -20.61 -4.88
C LEU A 111 15.74 -21.10 -3.42
N GLY A 112 16.81 -20.89 -2.66
CA GLY A 112 16.95 -21.32 -1.25
C GLY A 112 17.98 -22.42 -1.10
N ALA A 113 18.56 -22.58 0.09
CA ALA A 113 19.63 -23.58 0.38
C ALA A 113 19.11 -25.01 0.15
N ASP A 114 17.78 -25.19 0.15
CA ASP A 114 17.14 -26.52 0.01
C ASP A 114 16.81 -26.83 -1.45
N ALA A 115 17.12 -25.91 -2.37
CA ALA A 115 16.94 -26.11 -3.83
C ALA A 115 17.76 -27.32 -4.27
N ARG A 116 17.24 -28.06 -5.23
CA ARG A 116 17.80 -29.36 -5.69
C ARG A 116 17.72 -29.48 -7.21
N ASN A 117 18.73 -30.10 -7.82
CA ASN A 117 18.70 -30.43 -9.25
C ASN A 117 17.83 -31.66 -9.40
N ALA A 118 16.95 -31.72 -10.39
CA ALA A 118 16.00 -32.84 -10.60
C ALA A 118 15.95 -33.24 -12.07
N VAL A 119 16.86 -32.72 -12.88
CA VAL A 119 16.93 -33.03 -14.33
C VAL A 119 18.40 -33.20 -14.71
N TYR A 120 18.70 -34.24 -15.46
CA TYR A 120 20.00 -34.46 -16.13
C TYR A 120 19.65 -35.01 -17.51
N SER A 121 19.33 -34.11 -18.44
CA SER A 121 18.80 -34.43 -19.79
C SER A 121 19.56 -33.66 -20.86
N GLY A 122 19.07 -33.67 -22.10
CA GLY A 122 19.77 -33.02 -23.22
C GLY A 122 18.88 -32.77 -24.42
N ASN A 123 19.34 -31.89 -25.31
CA ASN A 123 18.63 -31.45 -26.53
C ASN A 123 19.64 -31.57 -27.66
N MET A 124 19.48 -32.57 -28.52
CA MET A 124 20.29 -32.75 -29.74
C MET A 124 19.56 -32.04 -30.88
N ASN A 125 20.04 -30.88 -31.32
CA ASN A 125 19.47 -30.09 -32.44
C ASN A 125 20.13 -30.56 -33.75
N LEU A 126 19.42 -31.36 -34.55
CA LEU A 126 20.01 -32.00 -35.75
C LEU A 126 20.04 -31.04 -36.91
N PRO A 127 20.98 -31.23 -37.87
CA PRO A 127 20.96 -30.53 -39.15
C PRO A 127 19.62 -30.61 -39.88
N GLY A 128 19.16 -29.45 -40.36
CA GLY A 128 17.90 -29.26 -41.09
C GLY A 128 16.70 -29.30 -40.17
N SER A 129 16.89 -29.02 -38.88
CA SER A 129 15.79 -28.92 -37.88
C SER A 129 14.85 -27.79 -38.26
N HIS A 130 13.62 -27.83 -37.72
CA HIS A 130 12.56 -26.84 -37.94
C HIS A 130 12.63 -25.78 -36.84
N GLU A 131 11.88 -24.70 -37.00
CA GLU A 131 11.73 -23.60 -36.01
C GLU A 131 10.71 -24.06 -34.97
N GLN A 132 11.08 -24.06 -33.70
CA GLN A 132 10.14 -24.28 -32.56
C GLN A 132 9.27 -23.04 -32.42
N PRO A 133 8.03 -23.17 -31.91
CA PRO A 133 7.28 -22.01 -31.43
C PRO A 133 7.92 -21.44 -30.15
N VAL A 134 7.71 -20.16 -29.88
CA VAL A 134 8.20 -19.51 -28.63
C VAL A 134 7.41 -20.09 -27.46
N HIS A 135 8.09 -20.44 -26.37
CA HIS A 135 7.46 -21.16 -25.24
C HIS A 135 8.21 -20.99 -23.92
N LEU A 136 7.57 -21.44 -22.84
CA LEU A 136 8.17 -21.69 -21.50
C LEU A 136 8.55 -23.16 -21.43
N ASP A 137 9.71 -23.48 -20.86
CA ASP A 137 10.03 -24.87 -20.52
C ASP A 137 9.22 -25.29 -19.29
N GLU A 138 9.03 -24.36 -18.35
CA GLU A 138 8.36 -24.62 -17.06
C GLU A 138 7.37 -23.48 -16.83
N PRO A 139 6.10 -23.79 -16.52
CA PRO A 139 5.06 -22.76 -16.48
C PRO A 139 4.98 -21.98 -15.16
N HIS A 140 4.21 -20.90 -15.19
CA HIS A 140 3.79 -20.17 -13.98
C HIS A 140 2.81 -21.03 -13.19
N LEU A 141 2.88 -20.96 -11.87
CA LEU A 141 2.13 -21.88 -10.98
C LEU A 141 0.62 -21.55 -11.00
N TRP A 142 0.25 -20.30 -11.24
CA TRP A 142 -1.17 -19.90 -11.46
C TRP A 142 -1.22 -18.88 -12.58
N PRO A 143 -2.31 -18.86 -13.37
CA PRO A 143 -2.50 -17.81 -14.37
C PRO A 143 -2.78 -16.44 -13.73
N GLY A 144 -2.27 -15.36 -14.35
CA GLY A 144 -2.57 -13.96 -13.97
C GLY A 144 -1.88 -13.51 -12.69
N ILE A 145 -0.87 -14.23 -12.22
CA ILE A 145 -0.20 -13.98 -10.90
C ILE A 145 1.29 -13.74 -11.14
N SER A 146 1.83 -12.71 -10.49
CA SER A 146 3.30 -12.50 -10.38
C SER A 146 3.80 -13.26 -9.16
N HIS A 147 4.77 -14.17 -9.35
CA HIS A 147 5.48 -14.80 -8.22
C HIS A 147 6.95 -14.90 -8.55
N PRO A 148 7.82 -15.03 -7.55
CA PRO A 148 9.24 -15.26 -7.81
C PRO A 148 9.47 -16.56 -8.58
N PRO A 149 10.71 -16.80 -9.06
CA PRO A 149 11.06 -18.08 -9.67
C PRO A 149 10.99 -19.25 -8.67
N TYR A 150 10.65 -20.44 -9.17
CA TYR A 150 10.71 -21.73 -8.44
C TYR A 150 11.68 -22.70 -9.11
N CYS A 151 12.22 -22.36 -10.28
CA CYS A 151 13.13 -23.26 -11.03
C CYS A 151 14.05 -22.43 -11.94
N LEU A 152 15.31 -22.86 -11.99
CA LEU A 152 16.34 -22.31 -12.90
C LEU A 152 16.84 -23.43 -13.81
N CYS A 153 16.66 -23.28 -15.12
CA CYS A 153 17.28 -24.14 -16.15
C CYS A 153 18.78 -23.83 -16.15
N VAL A 154 19.61 -24.87 -16.21
CA VAL A 154 21.10 -24.76 -16.30
C VAL A 154 21.53 -25.48 -17.58
N ASP A 155 21.77 -24.72 -18.64
CA ASP A 155 22.07 -25.27 -19.98
C ASP A 155 23.58 -25.25 -20.19
N VAL A 156 24.14 -26.36 -20.65
CA VAL A 156 25.61 -26.53 -20.87
C VAL A 156 25.83 -26.92 -22.33
N PRO A 157 26.18 -25.97 -23.22
CA PRO A 157 26.53 -26.32 -24.59
C PRO A 157 27.83 -27.16 -24.62
N LEU A 158 27.82 -28.22 -25.44
CA LEU A 158 28.93 -29.20 -25.59
C LEU A 158 29.69 -28.99 -26.91
N ILE A 159 29.30 -28.00 -27.73
CA ILE A 159 30.12 -27.47 -28.85
C ILE A 159 29.93 -25.95 -28.87
N ASP A 160 30.81 -25.20 -29.54
CA ASP A 160 30.56 -23.75 -29.77
C ASP A 160 29.19 -23.64 -30.44
N PHE A 161 28.24 -22.97 -29.77
CA PHE A 161 26.93 -22.58 -30.34
C PHE A 161 27.15 -21.32 -31.20
N THR A 162 26.58 -21.35 -32.41
CA THR A 162 26.73 -20.28 -33.41
C THR A 162 25.34 -19.89 -33.90
N LEU A 163 25.23 -18.80 -34.64
CA LEU A 163 23.94 -18.42 -35.26
C LEU A 163 23.54 -19.53 -36.24
N GLU A 164 24.48 -20.12 -36.97
CA GLU A 164 24.05 -21.06 -38.03
C GLU A 164 23.71 -22.43 -37.42
N ASN A 165 24.28 -22.81 -36.28
CA ASN A 165 24.17 -24.23 -35.83
C ASN A 165 23.06 -24.37 -34.78
N GLY A 166 22.31 -23.31 -34.49
CA GLY A 166 21.09 -23.41 -33.68
C GLY A 166 21.31 -22.95 -32.24
N SER A 167 21.96 -21.80 -32.08
CA SER A 167 21.99 -21.08 -30.79
C SER A 167 20.57 -20.58 -30.52
N THR A 168 20.13 -20.71 -29.28
CA THR A 168 18.72 -20.52 -28.88
C THR A 168 18.32 -19.04 -28.91
N GLU A 169 17.14 -18.75 -29.46
CA GLU A 169 16.50 -17.41 -29.39
C GLU A 169 15.96 -17.24 -27.97
N TYR A 170 16.44 -16.22 -27.26
CA TYR A 170 16.01 -15.88 -25.88
C TYR A 170 15.23 -14.57 -25.91
N TRP A 171 14.20 -14.46 -25.08
CA TRP A 171 13.37 -13.23 -24.90
C TRP A 171 13.64 -12.64 -23.53
N PRO A 172 14.58 -11.69 -23.38
CA PRO A 172 14.94 -11.15 -22.06
C PRO A 172 13.74 -10.51 -21.36
N GLY A 173 13.64 -10.72 -20.05
CA GLY A 173 12.65 -10.10 -19.15
C GLY A 173 11.30 -10.79 -19.21
N SER A 174 11.13 -11.82 -20.04
CA SER A 174 9.82 -12.45 -20.33
C SER A 174 9.40 -13.35 -19.17
N HIS A 175 10.33 -13.65 -18.27
CA HIS A 175 10.09 -14.59 -17.14
C HIS A 175 9.09 -14.03 -16.13
N VAL A 176 8.90 -12.71 -16.08
CA VAL A 176 7.97 -12.09 -15.07
C VAL A 176 6.60 -11.83 -15.70
N LEU A 177 6.48 -11.95 -17.02
CA LEU A 177 5.20 -11.74 -17.74
C LEU A 177 4.31 -12.95 -17.50
N ASN A 178 3.07 -12.74 -17.06
CA ASN A 178 2.06 -13.84 -16.90
C ASN A 178 0.68 -13.21 -16.79
N PRO A 179 0.18 -12.59 -17.89
CA PRO A 179 -1.22 -12.17 -17.97
C PRO A 179 -2.15 -13.37 -18.21
N ASP A 180 -3.47 -13.13 -18.21
CA ASP A 180 -4.52 -14.16 -18.44
C ASP A 180 -4.51 -14.61 -19.90
N GLU A 181 -4.85 -15.87 -20.13
CA GLU A 181 -4.92 -16.52 -21.47
C GLU A 181 -3.65 -16.22 -22.28
N CYS A 182 -2.48 -16.25 -21.64
CA CYS A 182 -1.16 -15.94 -22.27
C CYS A 182 -0.52 -17.20 -22.84
N TYR A 183 -0.63 -18.34 -22.14
CA TYR A 183 0.07 -19.61 -22.45
C TYR A 183 -0.93 -20.74 -22.71
N ASP A 184 -0.66 -21.59 -23.70
CA ASP A 184 -1.54 -22.76 -23.97
C ASP A 184 -0.99 -23.96 -23.18
N GLU A 185 -1.63 -25.12 -23.36
CA GLU A 185 -1.41 -26.34 -22.55
C GLU A 185 0.01 -26.89 -22.77
N ARG A 186 0.67 -26.59 -23.91
CA ARG A 186 2.07 -27.02 -24.19
C ARG A 186 3.08 -25.94 -23.74
N GLY A 187 2.60 -24.81 -23.22
CA GLY A 187 3.43 -23.72 -22.68
C GLY A 187 3.93 -22.78 -23.75
N CYS A 188 3.29 -22.76 -24.92
CA CYS A 188 3.59 -21.82 -26.02
C CYS A 188 2.92 -20.47 -25.75
N VAL A 189 3.66 -19.38 -25.98
CA VAL A 189 3.13 -18.00 -25.81
C VAL A 189 2.17 -17.75 -26.96
N LEU A 190 0.98 -17.21 -26.67
CA LEU A 190 0.00 -16.77 -27.69
C LEU A 190 0.60 -15.67 -28.56
N PRO A 191 0.26 -15.65 -29.87
CA PRO A 191 0.88 -14.72 -30.82
C PRO A 191 0.63 -13.24 -30.51
N ALA A 192 -0.54 -12.90 -29.98
CA ALA A 192 -0.90 -11.51 -29.58
C ALA A 192 0.13 -11.00 -28.57
N GLU A 193 0.41 -11.79 -27.53
CA GLU A 193 1.29 -11.41 -26.40
C GLU A 193 2.75 -11.34 -26.88
N LEU A 194 3.11 -12.10 -27.92
CA LEU A 194 4.46 -12.04 -28.51
C LEU A 194 4.68 -10.67 -29.13
N GLU A 195 3.76 -10.25 -30.00
CA GLU A 195 3.94 -9.04 -30.85
C GLU A 195 3.89 -7.80 -29.95
N ARG A 196 3.03 -7.80 -28.92
CA ARG A 196 3.02 -6.75 -27.88
C ARG A 196 4.41 -6.67 -27.25
N ARG A 197 4.98 -7.82 -26.92
CA ARG A 197 6.27 -7.91 -26.18
C ARG A 197 7.44 -7.59 -27.12
N ARG A 198 7.38 -7.97 -28.39
CA ARG A 198 8.46 -7.72 -29.37
C ARG A 198 8.72 -6.22 -29.48
N ALA A 199 7.65 -5.40 -29.44
CA ALA A 199 7.70 -3.92 -29.50
C ALA A 199 8.50 -3.35 -28.32
N VAL A 200 8.30 -3.86 -27.11
CA VAL A 200 8.92 -3.32 -25.86
C VAL A 200 10.34 -3.87 -25.70
N ALA A 201 10.56 -5.16 -25.95
CA ALA A 201 11.83 -5.88 -25.66
C ALA A 201 12.00 -7.07 -26.58
N PRO A 202 12.57 -6.88 -27.80
CA PRO A 202 12.64 -7.95 -28.80
C PRO A 202 13.58 -9.08 -28.43
N PRO A 203 13.40 -10.29 -29.02
CA PRO A 203 14.30 -11.41 -28.77
C PRO A 203 15.75 -11.13 -29.18
N VAL A 204 16.68 -11.87 -28.60
CA VAL A 204 18.13 -11.84 -28.94
C VAL A 204 18.58 -13.28 -29.18
N ARG A 205 19.61 -13.43 -30.02
CA ARG A 205 20.23 -14.72 -30.36
C ARG A 205 21.73 -14.47 -30.54
N PHE A 206 22.59 -15.26 -29.91
CA PHE A 206 24.05 -14.97 -29.89
C PHE A 206 24.87 -16.25 -29.76
N PRO A 207 26.11 -16.27 -30.28
CA PRO A 207 27.03 -17.37 -30.04
C PRO A 207 27.29 -17.58 -28.54
N ILE A 208 27.47 -18.84 -28.14
CA ILE A 208 27.88 -19.22 -26.76
C ILE A 208 29.01 -20.23 -26.90
N PRO A 209 30.25 -19.84 -26.53
CA PRO A 209 31.40 -20.73 -26.58
C PRO A 209 31.22 -21.96 -25.68
N VAL A 210 31.68 -23.12 -26.13
CA VAL A 210 31.74 -24.35 -25.29
C VAL A 210 32.57 -24.02 -24.04
N GLY A 211 32.21 -24.60 -22.89
CA GLY A 211 32.81 -24.28 -21.58
C GLY A 211 31.96 -23.26 -20.84
N SER A 212 31.08 -22.56 -21.55
CA SER A 212 30.08 -21.64 -20.98
C SER A 212 29.01 -22.46 -20.26
N VAL A 213 28.34 -21.83 -19.29
CA VAL A 213 27.10 -22.35 -18.66
C VAL A 213 26.07 -21.23 -18.64
N VAL A 214 24.89 -21.48 -19.19
CA VAL A 214 23.76 -20.52 -19.18
C VAL A 214 22.83 -20.92 -18.05
N ILE A 215 22.54 -20.00 -17.14
CA ILE A 215 21.46 -20.15 -16.12
C ILE A 215 20.31 -19.23 -16.53
N ARG A 216 19.08 -19.73 -16.59
CA ARG A 216 17.90 -18.90 -16.92
C ARG A 216 16.67 -19.36 -16.13
N ASP A 217 15.73 -18.44 -15.94
CA ASP A 217 14.42 -18.75 -15.34
C ASP A 217 13.77 -19.82 -16.20
N GLY A 218 13.16 -20.84 -15.57
CA GLY A 218 12.39 -21.86 -16.29
C GLY A 218 11.23 -21.26 -17.09
N ARG A 219 10.79 -20.07 -16.73
CA ARG A 219 9.58 -19.42 -17.28
C ARG A 219 9.94 -18.46 -18.42
N LEU A 220 11.25 -18.30 -18.70
CA LEU A 220 11.75 -17.41 -19.77
C LEU A 220 11.25 -17.91 -21.12
N TRP A 221 10.72 -17.01 -21.94
CA TRP A 221 10.34 -17.31 -23.35
C TRP A 221 11.62 -17.59 -24.15
N HIS A 222 11.54 -18.56 -25.05
CA HIS A 222 12.65 -18.91 -25.96
C HIS A 222 12.11 -19.89 -27.00
N ARG A 223 12.87 -20.06 -28.07
CA ARG A 223 12.57 -21.07 -29.12
C ARG A 223 13.89 -21.61 -29.63
N GLY A 224 13.94 -22.92 -29.85
CA GLY A 224 14.99 -23.55 -30.64
C GLY A 224 14.82 -23.14 -32.08
N VAL A 225 15.91 -23.05 -32.83
CA VAL A 225 15.87 -22.59 -34.24
C VAL A 225 16.67 -23.56 -35.09
N PRO A 226 16.46 -23.55 -36.42
CA PRO A 226 17.14 -24.48 -37.32
C PRO A 226 18.67 -24.50 -37.14
N ASN A 227 19.20 -25.70 -36.93
CA ASN A 227 20.62 -26.06 -37.15
C ASN A 227 20.87 -26.17 -38.66
N LEU A 228 21.57 -25.20 -39.23
CA LEU A 228 21.90 -25.16 -40.68
C LEU A 228 23.37 -25.52 -40.88
N SER A 229 24.06 -25.98 -39.84
CA SER A 229 25.41 -26.62 -39.97
C SER A 229 25.22 -28.07 -40.42
N ALA A 230 26.34 -28.77 -40.63
CA ALA A 230 26.39 -30.18 -41.08
C ALA A 230 26.52 -31.12 -39.89
N ALA A 231 26.46 -30.60 -38.66
CA ALA A 231 26.80 -31.34 -37.43
C ALA A 231 25.69 -31.17 -36.40
N PRO A 232 25.32 -32.26 -35.70
CA PRO A 232 24.41 -32.14 -34.56
C PRO A 232 24.97 -31.18 -33.49
N ARG A 233 24.09 -30.43 -32.85
CA ARG A 233 24.40 -29.44 -31.79
C ARG A 233 23.88 -29.98 -30.47
N PRO A 234 24.70 -30.71 -29.70
CA PRO A 234 24.31 -31.19 -28.38
C PRO A 234 24.30 -30.14 -27.27
N LEU A 235 23.29 -30.23 -26.40
CA LEU A 235 23.12 -29.41 -25.19
C LEU A 235 22.82 -30.34 -24.02
N LEU A 236 23.62 -30.25 -22.96
CA LEU A 236 23.34 -30.95 -21.68
C LEU A 236 22.53 -29.99 -20.82
N ALA A 237 21.45 -30.48 -20.22
CA ALA A 237 20.42 -29.65 -19.56
C ALA A 237 20.16 -30.18 -18.16
N MET A 238 20.33 -29.32 -17.17
CA MET A 238 19.86 -29.58 -15.80
C MET A 238 18.86 -28.49 -15.44
N THR A 239 18.09 -28.72 -14.38
CA THR A 239 17.07 -27.79 -13.87
C THR A 239 17.01 -27.93 -12.36
N HIS A 240 17.38 -26.88 -11.64
CA HIS A 240 17.26 -26.80 -10.17
C HIS A 240 15.85 -26.30 -9.84
N TYR A 241 15.19 -26.93 -8.88
CA TYR A 241 13.84 -26.52 -8.41
C TYR A 241 13.89 -26.21 -6.92
N THR A 242 12.89 -25.50 -6.42
CA THR A 242 12.72 -25.31 -4.95
C THR A 242 12.42 -26.69 -4.37
N GLU A 243 12.68 -26.83 -3.09
CA GLU A 243 12.46 -28.09 -2.32
C GLU A 243 11.02 -28.57 -2.52
N TRP A 244 10.06 -27.64 -2.62
CA TRP A 244 8.61 -27.97 -2.46
C TRP A 244 7.96 -28.31 -3.80
N PHE A 245 8.64 -28.02 -4.91
CA PHE A 245 8.09 -28.32 -6.25
C PHE A 245 8.32 -29.80 -6.54
N ASP A 246 7.26 -30.54 -6.85
CA ASP A 246 7.27 -32.02 -7.03
C ASP A 246 7.89 -32.37 -8.37
N MET A 247 8.93 -33.21 -8.32
CA MET A 247 9.62 -33.76 -9.50
C MET A 247 9.96 -35.22 -9.24
N PRO A 248 9.96 -36.06 -10.30
CA PRO A 248 10.41 -37.44 -10.16
C PRO A 248 11.94 -37.40 -10.09
N PRO A 249 12.55 -38.36 -9.37
CA PRO A 249 14.00 -38.34 -9.12
C PRO A 249 14.83 -38.71 -10.36
N ILE A 250 16.10 -38.30 -10.39
CA ILE A 250 17.08 -38.71 -11.42
C ILE A 250 17.60 -40.11 -11.08
N GLN A 251 17.54 -41.03 -12.03
CA GLN A 251 18.07 -42.41 -11.88
C GLN A 251 19.60 -42.37 -12.00
N LEU A 252 20.32 -42.59 -10.90
CA LEU A 252 21.81 -42.58 -10.86
C LEU A 252 22.31 -43.90 -10.29
N PRO A 253 23.53 -44.34 -10.66
CA PRO A 253 24.12 -45.56 -10.08
C PRO A 253 24.72 -45.33 -8.69
N ASP A 254 24.60 -46.32 -7.79
CA ASP A 254 25.04 -46.20 -6.37
C ASP A 254 26.57 -45.97 -6.29
N THR A 255 27.28 -46.19 -7.40
CA THR A 255 28.73 -45.93 -7.53
C THR A 255 29.02 -44.43 -7.34
N VAL A 256 28.03 -43.53 -7.54
CA VAL A 256 28.23 -42.06 -7.35
C VAL A 256 27.56 -41.57 -6.06
N LYS A 257 26.75 -42.42 -5.44
CA LYS A 257 25.96 -42.05 -4.24
C LYS A 257 26.90 -41.43 -3.22
N SER A 258 28.14 -41.91 -3.18
CA SER A 258 29.07 -41.58 -2.08
C SER A 258 29.25 -40.05 -2.04
N TRP A 259 29.47 -39.43 -3.20
CA TRP A 259 29.75 -37.98 -3.24
C TRP A 259 28.50 -37.18 -3.55
N VAL A 260 27.58 -37.73 -4.33
CA VAL A 260 26.33 -36.98 -4.68
C VAL A 260 25.46 -36.82 -3.43
N ASP A 261 25.23 -37.90 -2.68
CA ASP A 261 24.27 -37.89 -1.55
C ASP A 261 24.81 -37.02 -0.41
N GLY A 262 26.12 -37.08 -0.15
CA GLY A 262 26.71 -36.35 0.99
C GLY A 262 26.49 -34.84 0.87
N SER A 263 26.59 -34.32 -0.36
CA SER A 263 26.79 -32.89 -0.65
C SER A 263 25.61 -32.05 -0.16
N ASP A 264 25.90 -30.80 0.20
CA ASP A 264 24.88 -29.79 0.56
C ASP A 264 24.50 -28.98 -0.69
N ARG A 265 25.01 -29.40 -1.85
CA ARG A 265 24.41 -29.12 -3.19
C ARG A 265 23.48 -30.27 -3.56
N HIS A 266 22.18 -30.11 -3.36
CA HIS A 266 21.22 -31.24 -3.36
C HIS A 266 20.89 -31.66 -4.80
N THR A 267 20.81 -32.98 -4.99
CA THR A 267 20.24 -33.63 -6.19
C THR A 267 19.03 -34.44 -5.74
N HIS A 268 17.91 -34.37 -6.43
CA HIS A 268 16.77 -35.29 -6.18
C HIS A 268 17.03 -36.55 -6.99
N ALA A 269 17.66 -37.55 -6.36
CA ALA A 269 18.19 -38.75 -7.05
C ALA A 269 17.73 -40.00 -6.34
N HIS A 270 17.54 -41.05 -7.12
CA HIS A 270 17.25 -42.46 -6.70
C HIS A 270 18.43 -43.29 -7.20
N PHE A 271 19.09 -44.01 -6.30
CA PHE A 271 20.34 -44.76 -6.65
C PHE A 271 20.02 -46.24 -6.89
N VAL A 272 20.41 -46.75 -8.06
CA VAL A 272 20.19 -48.19 -8.41
C VAL A 272 21.53 -48.91 -8.37
N ALA A 273 21.53 -50.17 -7.96
CA ALA A 273 22.70 -51.08 -8.08
C ALA A 273 22.96 -51.37 -9.56
N GLY A 274 24.21 -51.24 -9.99
CA GLY A 274 24.67 -51.61 -11.34
C GLY A 274 24.38 -50.52 -12.34
N ASP A 275 24.38 -50.88 -13.63
CA ASP A 275 24.20 -49.92 -14.75
C ASP A 275 22.77 -49.36 -14.75
N VAL A 276 22.65 -48.12 -15.23
CA VAL A 276 21.35 -47.44 -15.52
C VAL A 276 21.31 -47.18 -17.02
N ASP A 277 20.18 -47.49 -17.66
CA ASP A 277 19.91 -47.14 -19.08
C ASP A 277 19.30 -45.75 -19.13
N HIS A 278 20.12 -44.72 -19.32
CA HIS A 278 19.62 -43.35 -19.60
C HIS A 278 18.65 -43.38 -20.80
N LEU A 279 19.03 -44.05 -21.89
CA LEU A 279 18.50 -43.72 -23.23
C LEU A 279 16.99 -43.95 -23.29
N THR A 280 16.54 -45.10 -22.80
CA THR A 280 15.14 -45.57 -22.98
C THR A 280 14.57 -45.89 -21.62
N GLY A 281 15.39 -45.73 -20.59
CA GLY A 281 15.00 -45.90 -19.18
C GLY A 281 14.35 -47.24 -18.95
N ASP A 282 14.97 -48.32 -19.43
CA ASP A 282 14.35 -49.68 -19.37
C ASP A 282 14.85 -50.42 -18.12
N HIS A 283 15.68 -49.77 -17.30
CA HIS A 283 16.35 -50.47 -16.17
C HIS A 283 15.28 -51.04 -15.22
N PRO A 284 15.48 -52.28 -14.70
CA PRO A 284 14.38 -53.05 -14.12
C PRO A 284 13.75 -52.41 -12.89
N PHE A 285 14.58 -51.81 -12.01
CA PHE A 285 14.08 -51.22 -10.75
C PHE A 285 14.20 -49.70 -10.81
N ALA A 286 13.09 -49.00 -11.02
CA ALA A 286 13.08 -47.53 -11.20
C ALA A 286 12.91 -46.81 -9.86
N MET B 4 -46.79 -24.07 38.87
CA MET B 4 -46.01 -24.69 37.76
C MET B 4 -45.36 -23.60 36.88
N ALA B 5 -44.89 -22.53 37.52
CA ALA B 5 -44.33 -21.31 36.87
C ALA B 5 -42.86 -21.53 36.46
N LEU B 6 -42.47 -20.88 35.35
CA LEU B 6 -41.16 -21.01 34.68
C LEU B 6 -40.07 -20.15 35.34
N ALA B 7 -38.81 -20.60 35.25
CA ALA B 7 -37.62 -19.89 35.79
C ALA B 7 -36.84 -19.24 34.66
N ALA B 8 -37.08 -19.65 33.41
CA ALA B 8 -36.37 -19.07 32.23
C ALA B 8 -37.22 -19.27 30.98
N PRO B 9 -36.84 -18.64 29.85
CA PRO B 9 -37.63 -18.73 28.62
C PRO B 9 -37.56 -20.17 28.12
N PRO B 10 -38.70 -20.80 27.78
CA PRO B 10 -38.71 -22.18 27.33
C PRO B 10 -37.88 -22.38 26.04
N GLY B 11 -37.11 -23.45 25.96
CA GLY B 11 -36.20 -23.75 24.85
C GLY B 11 -36.90 -23.81 23.52
N GLU B 12 -38.19 -24.16 23.49
CA GLU B 12 -39.03 -24.23 22.26
C GLU B 12 -39.08 -22.87 21.56
N LEU B 13 -38.99 -21.78 22.34
CA LEU B 13 -39.17 -20.39 21.86
C LEU B 13 -37.83 -19.65 21.81
N THR B 14 -36.77 -20.24 22.31
CA THR B 14 -35.53 -19.51 22.66
C THR B 14 -34.42 -19.86 21.69
N LEU B 15 -33.54 -18.90 21.45
CA LEU B 15 -32.30 -19.07 20.68
C LEU B 15 -31.23 -18.25 21.41
N ALA B 16 -30.17 -18.90 21.90
CA ALA B 16 -29.10 -18.26 22.70
C ALA B 16 -28.04 -17.67 21.78
N LEU B 17 -27.62 -16.44 22.07
CA LEU B 17 -26.62 -15.70 21.27
C LEU B 17 -25.66 -14.98 22.22
N THR B 18 -24.58 -14.47 21.64
CA THR B 18 -23.66 -13.47 22.24
C THR B 18 -23.92 -12.16 21.49
N PRO B 19 -23.57 -10.99 22.07
CA PRO B 19 -23.68 -9.73 21.35
C PRO B 19 -22.85 -9.64 20.06
N ASP B 20 -21.74 -10.38 19.97
CA ASP B 20 -20.79 -10.35 18.82
C ASP B 20 -21.37 -11.09 17.61
N ASP B 21 -22.35 -11.97 17.79
CA ASP B 21 -23.03 -12.70 16.68
C ASP B 21 -23.63 -11.67 15.71
N LYS B 22 -23.18 -11.66 14.46
CA LYS B 22 -23.69 -10.68 13.46
C LYS B 22 -24.79 -11.30 12.61
N THR B 23 -24.67 -12.59 12.28
CA THR B 23 -25.67 -13.32 11.45
C THR B 23 -25.77 -14.75 11.97
N LEU B 24 -26.91 -15.40 11.71
CA LEU B 24 -27.17 -16.81 12.06
C LEU B 24 -26.77 -17.67 10.86
N ASP B 25 -26.11 -18.81 11.11
CA ASP B 25 -25.86 -19.84 10.08
C ASP B 25 -27.22 -20.36 9.58
N PRO B 26 -27.30 -20.83 8.33
CA PRO B 26 -28.58 -21.24 7.76
C PRO B 26 -29.42 -22.16 8.67
N ALA B 27 -28.80 -23.05 9.44
CA ALA B 27 -29.50 -24.02 10.32
C ALA B 27 -30.20 -23.27 11.47
N SER B 28 -29.52 -22.26 12.04
CA SER B 28 -30.05 -21.40 13.14
C SER B 28 -31.21 -20.54 12.64
N LEU B 29 -31.05 -19.94 11.45
CA LEU B 29 -32.08 -19.05 10.86
C LEU B 29 -33.35 -19.86 10.58
N ASP B 30 -33.22 -21.05 9.97
CA ASP B 30 -34.38 -21.92 9.65
C ASP B 30 -35.15 -22.24 10.93
N ARG B 31 -34.43 -22.46 12.03
CA ARG B 31 -35.03 -22.72 13.37
C ARG B 31 -35.81 -21.49 13.87
N ALA B 32 -35.16 -20.31 13.81
CA ALA B 32 -35.77 -19.03 14.23
C ALA B 32 -37.11 -18.84 13.50
N LEU B 33 -37.08 -18.92 12.16
CA LEU B 33 -38.26 -18.83 11.27
C LEU B 33 -39.31 -19.90 11.62
N ALA B 34 -38.88 -21.14 11.92
CA ALA B 34 -39.77 -22.27 12.26
C ALA B 34 -40.51 -21.96 13.56
N ILE B 35 -39.86 -21.24 14.48
CA ILE B 35 -40.46 -20.87 15.78
C ILE B 35 -41.48 -19.75 15.55
N LEU B 36 -41.13 -18.74 14.76
CA LEU B 36 -42.03 -17.59 14.48
C LEU B 36 -43.24 -18.07 13.70
N ALA B 37 -43.05 -19.04 12.82
CA ALA B 37 -44.16 -19.67 12.08
C ALA B 37 -45.09 -20.36 13.09
N GLU B 38 -44.58 -21.36 13.79
CA GLU B 38 -45.43 -22.24 14.62
C GLU B 38 -46.00 -21.42 15.77
N HIS B 39 -45.14 -20.70 16.48
CA HIS B 39 -45.47 -20.23 17.86
C HIS B 39 -45.79 -18.74 17.86
N GLY B 40 -45.24 -17.98 16.93
CA GLY B 40 -45.53 -16.55 16.77
C GLY B 40 -44.68 -15.67 17.67
N ILE B 41 -43.78 -16.27 18.44
CA ILE B 41 -42.87 -15.52 19.35
C ILE B 41 -41.54 -16.26 19.43
N LEU B 42 -40.46 -15.49 19.38
CA LEU B 42 -39.06 -16.00 19.42
C LEU B 42 -38.30 -15.15 20.42
N VAL B 43 -37.66 -15.77 21.41
CA VAL B 43 -36.81 -15.03 22.39
C VAL B 43 -35.35 -15.23 22.01
N LEU B 44 -34.61 -14.14 21.84
CA LEU B 44 -33.15 -14.16 21.55
C LEU B 44 -32.44 -13.68 22.80
N THR B 45 -31.77 -14.58 23.55
CA THR B 45 -31.01 -14.23 24.77
C THR B 45 -29.62 -13.75 24.36
N GLY B 46 -29.07 -12.78 25.10
CA GLY B 46 -27.67 -12.32 24.96
C GLY B 46 -27.41 -11.50 23.70
N MET B 47 -28.38 -10.70 23.25
CA MET B 47 -28.28 -9.94 21.98
C MET B 47 -27.57 -8.58 22.20
N LEU B 48 -27.83 -7.90 23.31
CA LEU B 48 -27.36 -6.50 23.55
C LEU B 48 -26.47 -6.43 24.80
N ARG B 49 -25.46 -5.57 24.75
CA ARG B 49 -24.45 -5.34 25.82
C ARG B 49 -25.07 -4.52 26.95
N THR B 50 -24.58 -4.68 28.18
CA THR B 50 -24.99 -3.90 29.37
C THR B 50 -24.81 -2.40 29.11
N ARG B 51 -23.72 -2.01 28.47
CA ARG B 51 -23.44 -0.57 28.17
C ARG B 51 -24.66 0.07 27.48
N LEU B 52 -25.35 -0.63 26.58
CA LEU B 52 -26.54 -0.06 25.85
C LEU B 52 -27.79 -0.10 26.73
N THR B 53 -28.20 -1.27 27.20
CA THR B 53 -29.43 -1.43 28.02
C THR B 53 -29.38 -0.45 29.21
N ASP B 54 -28.22 -0.30 29.86
CA ASP B 54 -28.03 0.61 31.02
C ASP B 54 -28.36 2.04 30.61
N GLN B 55 -27.78 2.55 29.54
CA GLN B 55 -28.01 3.96 29.10
C GLN B 55 -29.49 4.17 28.80
N LEU B 56 -30.12 3.21 28.11
CA LEU B 56 -31.55 3.28 27.68
C LEU B 56 -32.46 3.20 28.91
N ARG B 57 -32.18 2.27 29.84
CA ARG B 57 -32.91 2.17 31.12
C ARG B 57 -32.85 3.51 31.87
N THR B 58 -31.65 4.05 32.07
CA THR B 58 -31.39 5.34 32.75
C THR B 58 -32.19 6.47 32.08
N ALA B 59 -32.12 6.56 30.74
CA ALA B 59 -32.72 7.66 29.96
C ALA B 59 -34.24 7.68 30.17
N MET B 60 -34.86 6.50 30.21
CA MET B 60 -36.33 6.34 30.28
C MET B 60 -36.83 6.59 31.72
N LEU B 61 -36.10 6.13 32.73
CA LEU B 61 -36.45 6.42 34.14
C LEU B 61 -36.29 7.92 34.42
N ASP B 62 -35.32 8.57 33.77
CA ASP B 62 -35.10 10.04 33.89
C ASP B 62 -36.29 10.79 33.26
N ASP B 63 -36.88 10.28 32.17
CA ASP B 63 -37.99 10.96 31.44
C ASP B 63 -39.35 10.68 32.10
N LEU B 64 -39.47 9.63 32.92
CA LEU B 64 -40.78 9.17 33.46
C LEU B 64 -41.50 10.29 34.21
N PRO B 65 -40.79 11.11 35.02
CA PRO B 65 -41.42 12.28 35.64
C PRO B 65 -42.11 13.21 34.64
N GLU B 66 -41.46 13.54 33.52
CA GLU B 66 -42.03 14.46 32.50
C GLU B 66 -43.28 13.81 31.89
N VAL B 67 -43.30 12.48 31.78
CA VAL B 67 -44.44 11.72 31.22
C VAL B 67 -45.64 11.82 32.17
N LEU B 68 -45.41 11.63 33.46
CA LEU B 68 -46.48 11.56 34.48
C LEU B 68 -47.01 12.96 34.82
N ARG B 69 -46.26 14.03 34.50
CA ARG B 69 -46.69 15.45 34.68
C ARG B 69 -47.80 15.80 33.69
N GLN B 70 -47.82 15.18 32.51
CA GLN B 70 -48.78 15.44 31.40
C GLN B 70 -50.23 15.54 31.90
N GLN B 71 -51.00 16.38 31.21
CA GLN B 71 -52.44 16.67 31.44
C GLN B 71 -53.19 15.34 31.56
N ASP B 72 -53.17 14.55 30.50
CA ASP B 72 -53.74 13.19 30.43
C ASP B 72 -52.57 12.23 30.17
N VAL B 73 -52.29 11.30 31.11
CA VAL B 73 -51.17 10.32 31.00
C VAL B 73 -51.65 9.17 30.13
N PRO B 74 -51.00 8.93 28.97
CA PRO B 74 -51.47 7.92 28.04
C PRO B 74 -51.11 6.53 28.55
N THR B 75 -52.11 5.69 28.75
CA THR B 75 -51.91 4.27 29.15
C THR B 75 -52.36 3.37 28.01
N ASN B 76 -51.89 2.13 28.01
CA ASN B 76 -52.42 1.00 27.21
C ASN B 76 -53.45 0.25 28.06
N PHE B 77 -54.76 0.50 27.80
CA PHE B 77 -55.92 -0.29 28.27
C PHE B 77 -56.26 0.03 29.72
N VAL B 78 -55.32 -0.09 30.66
CA VAL B 78 -55.61 0.01 32.12
C VAL B 78 -54.52 0.79 32.83
N PRO B 79 -54.79 1.31 34.05
CA PRO B 79 -53.80 2.07 34.81
C PRO B 79 -52.48 1.35 35.05
N GLY B 80 -51.37 2.09 34.97
CA GLY B 80 -50.03 1.60 35.31
C GLY B 80 -49.25 1.13 34.11
N HIS B 81 -49.88 1.02 32.94
CA HIS B 81 -49.21 0.60 31.68
C HIS B 81 -49.03 1.83 30.80
N VAL B 82 -48.01 2.64 31.09
CA VAL B 82 -47.82 3.98 30.48
C VAL B 82 -47.13 3.81 29.13
N GLN B 83 -47.62 4.51 28.11
CA GLN B 83 -46.93 4.63 26.80
C GLN B 83 -45.85 5.69 26.98
N GLN B 84 -44.59 5.34 26.70
CA GLN B 84 -43.45 6.26 26.84
C GLN B 84 -42.44 5.96 25.73
N ASP B 85 -42.20 6.91 24.86
CA ASP B 85 -41.20 6.79 23.76
C ASP B 85 -39.82 6.96 24.40
N PRO B 86 -38.81 6.14 24.04
CA PRO B 86 -37.44 6.40 24.45
C PRO B 86 -36.97 7.64 23.70
N PRO B 87 -35.86 8.28 24.13
CA PRO B 87 -35.38 9.50 23.49
C PRO B 87 -34.70 9.18 22.16
N VAL B 88 -34.78 10.14 21.24
CA VAL B 88 -34.16 10.08 19.89
C VAL B 88 -33.05 11.14 19.80
N ARG B 89 -32.19 11.17 20.82
CA ARG B 89 -30.95 11.98 20.86
C ARG B 89 -29.83 11.18 20.22
N GLU B 90 -29.01 11.82 19.38
CA GLU B 90 -27.83 11.22 18.71
C GLU B 90 -27.19 10.15 19.62
N SER B 91 -26.95 10.49 20.88
CA SER B 91 -26.13 9.73 21.88
C SER B 91 -26.85 8.47 22.36
N LEU B 92 -28.19 8.39 22.25
CA LEU B 92 -29.02 7.27 22.76
C LEU B 92 -29.69 6.53 21.59
N LEU B 93 -29.22 6.80 20.35
CA LEU B 93 -29.64 6.01 19.17
C LEU B 93 -28.46 5.12 18.75
N PHE B 94 -28.49 3.86 19.17
CA PHE B 94 -27.40 2.87 18.92
C PHE B 94 -27.76 2.03 17.71
N PRO B 95 -26.86 1.88 16.72
CA PRO B 95 -27.10 1.00 15.57
C PRO B 95 -27.42 -0.44 15.94
N ASP B 96 -26.81 -0.99 16.99
CA ASP B 96 -27.03 -2.40 17.40
C ASP B 96 -28.46 -2.57 17.93
N VAL B 97 -29.18 -1.49 18.21
CA VAL B 97 -30.57 -1.56 18.73
C VAL B 97 -31.56 -1.23 17.59
N LEU B 98 -31.41 -0.12 16.90
CA LEU B 98 -32.31 0.30 15.79
C LEU B 98 -32.19 -0.63 14.59
N LEU B 99 -30.93 -0.85 14.19
CA LEU B 99 -30.51 -1.59 12.97
C LEU B 99 -29.75 -2.84 13.39
N ASN B 100 -30.30 -3.66 14.29
CA ASN B 100 -29.61 -4.88 14.75
C ASN B 100 -29.51 -5.84 13.58
N PRO B 101 -28.30 -6.34 13.25
CA PRO B 101 -28.11 -7.15 12.04
C PRO B 101 -28.79 -8.54 12.12
N VAL B 102 -28.88 -9.12 13.33
CA VAL B 102 -29.55 -10.44 13.52
C VAL B 102 -31.07 -10.26 13.43
N VAL B 103 -31.60 -9.20 14.02
CA VAL B 103 -33.06 -8.95 14.00
C VAL B 103 -33.49 -8.79 12.54
N TYR B 104 -32.85 -7.87 11.82
CA TYR B 104 -33.18 -7.57 10.40
C TYR B 104 -32.96 -8.82 9.52
N GLN B 105 -32.02 -9.70 9.86
CA GLN B 105 -31.80 -10.97 9.11
C GLN B 105 -33.08 -11.81 9.20
N ILE B 106 -33.66 -11.90 10.39
CA ILE B 106 -34.92 -12.65 10.64
C ILE B 106 -36.08 -11.94 9.92
N THR B 107 -36.23 -10.63 10.15
CA THR B 107 -37.38 -9.86 9.61
C THR B 107 -37.31 -9.81 8.08
N HIS B 108 -36.11 -9.75 7.51
CA HIS B 108 -35.94 -9.76 6.04
C HIS B 108 -36.45 -11.09 5.48
N ALA B 109 -36.13 -12.18 6.17
CA ALA B 109 -36.51 -13.55 5.76
C ALA B 109 -38.04 -13.70 5.80
N VAL B 110 -38.68 -13.10 6.79
CA VAL B 110 -40.14 -13.26 7.03
C VAL B 110 -40.90 -12.25 6.18
N LEU B 111 -40.53 -10.97 6.22
CA LEU B 111 -41.37 -9.87 5.69
C LEU B 111 -40.88 -9.37 4.32
N GLY B 112 -39.64 -9.69 3.92
CA GLY B 112 -39.04 -9.27 2.64
C GLY B 112 -37.91 -8.29 2.84
N ALA B 113 -36.95 -8.20 1.92
CA ALA B 113 -35.77 -7.34 2.01
C ALA B 113 -36.15 -5.86 2.11
N ASP B 114 -37.39 -5.50 1.73
CA ASP B 114 -37.89 -4.10 1.72
C ASP B 114 -38.62 -3.78 3.03
N ALA B 115 -38.71 -4.74 3.95
CA ALA B 115 -39.32 -4.56 5.29
C ALA B 115 -38.58 -3.44 6.02
N ARG B 116 -39.33 -2.66 6.80
CA ARG B 116 -38.81 -1.42 7.43
C ARG B 116 -39.35 -1.27 8.85
N ASN B 117 -38.50 -0.77 9.74
CA ASN B 117 -38.92 -0.44 11.12
C ASN B 117 -39.68 0.88 11.05
N ALA B 118 -40.82 0.99 11.72
CA ALA B 118 -41.70 2.18 11.67
C ALA B 118 -42.18 2.56 13.06
N VAL B 119 -41.62 1.95 14.09
CA VAL B 119 -41.97 2.25 15.50
C VAL B 119 -40.67 2.28 16.33
N TYR B 120 -40.53 3.32 17.15
CA TYR B 120 -39.48 3.42 18.19
C TYR B 120 -40.19 3.99 19.42
N SER B 121 -40.84 3.12 20.19
CA SER B 121 -41.72 3.48 21.33
C SER B 121 -41.38 2.63 22.55
N GLY B 122 -42.20 2.68 23.61
CA GLY B 122 -41.93 1.92 24.85
C GLY B 122 -43.15 1.78 25.75
N ASN B 123 -43.02 0.91 26.74
CA ASN B 123 -44.10 0.53 27.69
C ASN B 123 -43.47 0.55 29.07
N MET B 124 -43.73 1.59 29.87
CA MET B 124 -43.30 1.67 31.28
C MET B 124 -44.41 1.07 32.16
N ASN B 125 -44.19 -0.14 32.68
CA ASN B 125 -45.14 -0.85 33.57
C ASN B 125 -44.84 -0.47 35.03
N LEU B 126 -45.67 0.39 35.62
CA LEU B 126 -45.41 0.97 36.97
C LEU B 126 -45.79 -0.02 38.05
N PRO B 127 -45.16 0.07 39.23
CA PRO B 127 -45.61 -0.64 40.42
C PRO B 127 -47.09 -0.44 40.75
N GLY B 128 -47.79 -1.54 41.01
CA GLY B 128 -49.23 -1.61 41.34
C GLY B 128 -50.09 -1.43 40.10
N SER B 129 -49.57 -1.71 38.91
CA SER B 129 -50.33 -1.67 37.64
C SER B 129 -51.44 -2.72 37.68
N HIS B 130 -52.41 -2.57 36.77
CA HIS B 130 -53.57 -3.49 36.63
C HIS B 130 -53.26 -4.56 35.59
N GLU B 131 -54.13 -5.57 35.49
CA GLU B 131 -54.09 -6.59 34.42
C GLU B 131 -54.69 -5.99 33.14
N GLN B 132 -53.94 -6.00 32.04
CA GLN B 132 -54.45 -5.67 30.69
C GLN B 132 -55.38 -6.79 30.23
N PRO B 133 -56.37 -6.51 29.36
CA PRO B 133 -57.06 -7.57 28.65
C PRO B 133 -56.12 -8.22 27.62
N VAL B 134 -56.37 -9.48 27.25
CA VAL B 134 -55.60 -10.19 26.20
C VAL B 134 -55.96 -9.54 24.86
N HIS B 135 -54.98 -9.25 24.01
CA HIS B 135 -55.20 -8.47 22.78
C HIS B 135 -54.13 -8.75 21.70
N LEU B 136 -54.39 -8.25 20.49
CA LEU B 136 -53.43 -8.07 19.39
C LEU B 136 -52.93 -6.63 19.44
N ASP B 137 -51.64 -6.41 19.24
CA ASP B 137 -51.11 -5.04 19.04
C ASP B 137 -51.51 -4.58 17.63
N GLU B 138 -51.51 -5.48 16.66
CA GLU B 138 -51.75 -5.17 15.22
C GLU B 138 -52.72 -6.21 14.69
N PRO B 139 -53.79 -5.80 13.98
CA PRO B 139 -54.86 -6.73 13.60
C PRO B 139 -54.59 -7.49 12.29
N HIS B 140 -55.45 -8.46 12.02
CA HIS B 140 -55.51 -9.16 10.71
C HIS B 140 -56.09 -8.19 9.67
N LEU B 141 -55.60 -8.27 8.44
CA LEU B 141 -55.93 -7.30 7.37
C LEU B 141 -57.36 -7.53 6.88
N TRP B 142 -57.90 -8.76 6.95
CA TRP B 142 -59.33 -9.00 6.66
C TRP B 142 -59.90 -9.96 7.69
N PRO B 143 -61.19 -9.82 8.04
CA PRO B 143 -61.86 -10.81 8.90
C PRO B 143 -62.05 -12.17 8.21
N GLY B 144 -61.89 -13.26 8.97
CA GLY B 144 -62.14 -14.64 8.55
C GLY B 144 -61.13 -15.19 7.55
N ILE B 145 -59.96 -14.57 7.41
CA ILE B 145 -58.93 -14.92 6.39
C ILE B 145 -57.62 -15.26 7.08
N SER B 146 -56.99 -16.36 6.67
CA SER B 146 -55.59 -16.69 7.03
C SER B 146 -54.66 -16.05 6.03
N HIS B 147 -53.73 -15.23 6.48
CA HIS B 147 -52.65 -14.68 5.61
C HIS B 147 -51.33 -14.71 6.37
N PRO B 148 -50.20 -14.67 5.67
CA PRO B 148 -48.91 -14.54 6.33
C PRO B 148 -48.81 -13.28 7.19
N PRO B 149 -47.76 -13.17 8.03
CA PRO B 149 -47.48 -11.92 8.75
C PRO B 149 -47.12 -10.76 7.82
N TYR B 150 -47.50 -9.55 8.23
CA TYR B 150 -47.10 -8.27 7.60
C TYR B 150 -46.31 -7.40 8.57
N CYS B 151 -46.19 -7.81 9.84
CA CYS B 151 -45.46 -7.04 10.88
C CYS B 151 -44.92 -7.95 11.98
N LEU B 152 -43.70 -7.67 12.42
CA LEU B 152 -43.05 -8.31 13.59
C LEU B 152 -42.70 -7.27 14.65
N CYS B 153 -43.30 -7.35 15.83
CA CYS B 153 -42.94 -6.56 17.02
C CYS B 153 -41.56 -7.02 17.47
N VAL B 154 -40.69 -6.07 17.81
CA VAL B 154 -39.32 -6.33 18.33
C VAL B 154 -39.21 -5.65 19.69
N ASP B 155 -39.35 -6.40 20.78
CA ASP B 155 -39.46 -5.83 22.14
C ASP B 155 -38.12 -6.02 22.85
N VAL B 156 -37.57 -4.95 23.41
CA VAL B 156 -36.30 -5.04 24.19
C VAL B 156 -36.56 -4.71 25.65
N PRO B 157 -36.53 -5.68 26.58
CA PRO B 157 -36.55 -5.36 28.00
C PRO B 157 -35.27 -4.63 28.41
N LEU B 158 -35.43 -3.59 29.23
CA LEU B 158 -34.32 -2.73 29.74
C LEU B 158 -34.05 -3.02 31.21
N ILE B 159 -34.76 -3.96 31.84
CA ILE B 159 -34.33 -4.60 33.12
C ILE B 159 -34.64 -6.10 33.04
N ASP B 160 -34.06 -6.92 33.91
CA ASP B 160 -34.48 -8.33 34.03
C ASP B 160 -36.00 -8.32 34.28
N PHE B 161 -36.78 -8.88 33.35
CA PHE B 161 -38.23 -9.14 33.48
C PHE B 161 -38.39 -10.42 34.31
N THR B 162 -39.27 -10.38 35.29
CA THR B 162 -39.54 -11.44 36.29
C THR B 162 -41.05 -11.69 36.30
N LEU B 163 -41.50 -12.81 36.85
CA LEU B 163 -42.95 -13.06 37.05
C LEU B 163 -43.51 -11.96 37.96
N GLU B 164 -42.71 -11.49 38.91
CA GLU B 164 -43.12 -10.48 39.93
C GLU B 164 -43.36 -9.11 39.26
N ASN B 165 -42.48 -8.65 38.36
CA ASN B 165 -42.45 -7.23 37.91
C ASN B 165 -43.13 -7.08 36.55
N GLY B 166 -43.94 -8.06 36.13
CA GLY B 166 -44.85 -7.91 34.98
C GLY B 166 -44.25 -8.32 33.65
N SER B 167 -43.56 -9.45 33.63
CA SER B 167 -43.19 -10.15 32.37
C SER B 167 -44.50 -10.50 31.65
N THR B 168 -44.51 -10.29 30.34
CA THR B 168 -45.71 -10.37 29.49
C THR B 168 -46.21 -11.81 29.34
N GLU B 169 -47.53 -11.99 29.49
CA GLU B 169 -48.24 -13.25 29.18
C GLU B 169 -48.35 -13.35 27.66
N TYR B 170 -47.79 -14.40 27.08
CA TYR B 170 -47.84 -14.67 25.61
C TYR B 170 -48.73 -15.90 25.37
N TRP B 171 -49.48 -15.90 24.28
CA TRP B 171 -50.34 -17.01 23.82
C TRP B 171 -49.77 -17.64 22.56
N PRO B 172 -48.94 -18.70 22.66
CA PRO B 172 -48.27 -19.27 21.50
C PRO B 172 -49.27 -19.74 20.44
N GLY B 173 -48.93 -19.49 19.17
CA GLY B 173 -49.66 -19.98 17.99
C GLY B 173 -50.88 -19.14 17.66
N SER B 174 -51.20 -18.11 18.46
CA SER B 174 -52.46 -17.34 18.37
C SER B 174 -52.41 -16.37 17.18
N HIS B 175 -51.23 -16.21 16.59
CA HIS B 175 -51.01 -15.21 15.51
C HIS B 175 -51.70 -15.64 14.22
N VAL B 176 -51.99 -16.93 14.04
CA VAL B 176 -52.62 -17.42 12.78
C VAL B 176 -54.15 -17.53 12.94
N LEU B 177 -54.68 -17.33 14.15
CA LEU B 177 -56.13 -17.44 14.42
C LEU B 177 -56.82 -16.16 13.97
N ASN B 178 -57.82 -16.27 13.07
CA ASN B 178 -58.68 -15.12 12.66
C ASN B 178 -60.14 -15.55 12.65
N PRO B 179 -60.76 -15.84 13.82
CA PRO B 179 -62.18 -16.19 13.89
C PRO B 179 -63.09 -15.00 13.55
N ASP B 180 -64.29 -15.27 13.02
CA ASP B 180 -65.35 -14.23 12.91
C ASP B 180 -65.77 -13.79 14.31
N GLU B 181 -65.94 -12.48 14.51
CA GLU B 181 -66.44 -11.87 15.77
C GLU B 181 -65.57 -12.30 16.95
N CYS B 182 -64.26 -12.39 16.78
CA CYS B 182 -63.33 -12.82 17.87
C CYS B 182 -62.74 -11.59 18.55
N TYR B 183 -62.50 -10.53 17.78
CA TYR B 183 -61.74 -9.34 18.23
C TYR B 183 -62.65 -8.11 18.23
N ASP B 184 -62.50 -7.25 19.23
CA ASP B 184 -63.25 -5.98 19.36
C ASP B 184 -62.45 -4.89 18.64
N GLU B 185 -62.96 -3.65 18.68
CA GLU B 185 -62.44 -2.50 17.88
C GLU B 185 -61.07 -2.06 18.41
N ARG B 186 -60.76 -2.38 19.67
CA ARG B 186 -59.44 -2.08 20.30
C ARG B 186 -58.48 -3.27 20.16
N GLY B 187 -58.93 -4.37 19.55
CA GLY B 187 -58.09 -5.54 19.24
C GLY B 187 -58.00 -6.52 20.40
N CYS B 188 -58.92 -6.45 21.35
CA CYS B 188 -59.03 -7.40 22.48
C CYS B 188 -59.73 -8.69 22.05
N VAL B 189 -59.18 -9.85 22.40
CA VAL B 189 -59.77 -11.17 22.15
C VAL B 189 -60.95 -11.30 23.11
N LEU B 190 -62.11 -11.73 22.59
CA LEU B 190 -63.30 -12.11 23.40
C LEU B 190 -62.94 -13.21 24.41
N PRO B 191 -63.54 -13.20 25.61
CA PRO B 191 -63.28 -14.23 26.62
C PRO B 191 -63.71 -15.65 26.19
N ALA B 192 -64.76 -15.78 25.38
CA ALA B 192 -65.20 -17.10 24.85
C ALA B 192 -64.06 -17.71 24.03
N GLU B 193 -63.45 -16.93 23.15
CA GLU B 193 -62.36 -17.39 22.22
C GLU B 193 -61.09 -17.70 23.03
N LEU B 194 -60.91 -17.09 24.19
CA LEU B 194 -59.77 -17.41 25.08
C LEU B 194 -59.92 -18.83 25.62
N GLU B 195 -61.08 -19.16 26.17
CA GLU B 195 -61.35 -20.45 26.88
C GLU B 195 -61.27 -21.59 25.84
N ARG B 196 -61.81 -21.38 24.65
CA ARG B 196 -61.67 -22.33 23.52
C ARG B 196 -60.18 -22.57 23.25
N ARG B 197 -59.40 -21.49 23.20
CA ARG B 197 -57.96 -21.54 22.84
C ARG B 197 -57.12 -22.08 24.00
N ARG B 198 -57.48 -21.79 25.24
CA ARG B 198 -56.73 -22.26 26.44
C ARG B 198 -56.69 -23.79 26.44
N ALA B 199 -57.78 -24.45 26.03
CA ALA B 199 -57.91 -25.92 25.92
C ALA B 199 -56.88 -26.50 24.93
N VAL B 200 -56.66 -25.87 23.78
CA VAL B 200 -55.73 -26.39 22.73
C VAL B 200 -54.27 -26.02 23.08
N ALA B 201 -54.01 -24.77 23.51
CA ALA B 201 -52.66 -24.18 23.64
C ALA B 201 -52.67 -23.05 24.67
N PRO B 202 -52.47 -23.36 25.98
CA PRO B 202 -52.58 -22.36 27.04
C PRO B 202 -51.45 -21.32 27.03
N PRO B 203 -51.67 -20.12 27.61
CA PRO B 203 -50.63 -19.09 27.65
C PRO B 203 -49.38 -19.53 28.40
N VAL B 204 -48.27 -18.83 28.15
CA VAL B 204 -46.99 -18.95 28.90
C VAL B 204 -46.55 -17.57 29.37
N ARG B 205 -45.88 -17.53 30.52
CA ARG B 205 -45.32 -16.30 31.12
C ARG B 205 -43.99 -16.71 31.79
N PHE B 206 -42.90 -16.01 31.49
CA PHE B 206 -41.55 -16.45 31.92
C PHE B 206 -40.62 -15.25 32.09
N PRO B 207 -39.59 -15.35 32.97
CA PRO B 207 -38.55 -14.32 33.04
C PRO B 207 -37.83 -14.14 31.70
N ILE B 208 -37.42 -12.91 31.42
CA ILE B 208 -36.59 -12.55 30.23
C ILE B 208 -35.46 -11.67 30.73
N PRO B 209 -34.21 -12.20 30.75
CA PRO B 209 -33.05 -11.42 31.17
C PRO B 209 -32.83 -10.19 30.29
N VAL B 210 -32.38 -9.09 30.88
CA VAL B 210 -31.99 -7.86 30.13
C VAL B 210 -30.87 -8.27 29.17
N GLY B 211 -30.84 -7.66 27.99
CA GLY B 211 -29.94 -8.04 26.90
C GLY B 211 -30.64 -8.93 25.91
N SER B 212 -31.76 -9.53 26.33
CA SER B 212 -32.64 -10.35 25.44
C SER B 212 -33.37 -9.42 24.48
N VAL B 213 -33.77 -9.97 23.33
CA VAL B 213 -34.67 -9.32 22.34
C VAL B 213 -35.75 -10.35 21.98
N VAL B 214 -37.00 -9.97 22.15
CA VAL B 214 -38.17 -10.80 21.77
C VAL B 214 -38.66 -10.32 20.41
N ILE B 215 -38.74 -11.21 19.43
CA ILE B 215 -39.38 -10.95 18.11
C ILE B 215 -40.68 -11.76 18.11
N ARG B 216 -41.80 -11.12 17.78
CA ARG B 216 -43.11 -11.82 17.76
C ARG B 216 -44.01 -11.23 16.68
N ASP B 217 -44.94 -12.03 16.19
CA ASP B 217 -45.96 -11.57 15.22
C ASP B 217 -46.73 -10.43 15.89
N GLY B 218 -47.01 -9.36 15.14
CA GLY B 218 -47.88 -8.27 15.61
C GLY B 218 -49.27 -8.76 16.02
N ARG B 219 -49.68 -9.91 15.51
CA ARG B 219 -51.05 -10.44 15.67
C ARG B 219 -51.13 -11.41 16.85
N LEU B 220 -49.99 -11.70 17.49
CA LEU B 220 -49.92 -12.65 18.63
C LEU B 220 -50.73 -12.10 19.81
N TRP B 221 -51.57 -12.95 20.40
CA TRP B 221 -52.30 -12.60 21.65
C TRP B 221 -51.30 -12.48 22.80
N HIS B 222 -51.52 -11.50 23.66
CA HIS B 222 -50.69 -11.26 24.86
C HIS B 222 -51.38 -10.23 25.74
N ARG B 223 -50.93 -10.13 26.99
CA ARG B 223 -51.41 -9.10 27.93
C ARG B 223 -50.28 -8.73 28.86
N GLY B 224 -50.15 -7.44 29.13
CA GLY B 224 -49.34 -6.95 30.25
C GLY B 224 -50.01 -7.34 31.54
N VAL B 225 -49.23 -7.55 32.60
CA VAL B 225 -49.76 -8.00 33.92
C VAL B 225 -49.15 -7.15 35.01
N PRO B 226 -49.75 -7.13 36.23
CA PRO B 226 -49.31 -6.25 37.31
C PRO B 226 -47.81 -6.38 37.60
N ASN B 227 -47.13 -5.24 37.62
CA ASN B 227 -45.81 -5.03 38.26
C ASN B 227 -46.01 -4.96 39.77
N LEU B 228 -45.60 -6.01 40.49
CA LEU B 228 -45.72 -6.08 41.97
C LEU B 228 -44.34 -5.89 42.60
N SER B 229 -43.33 -5.52 41.82
CA SER B 229 -42.02 -5.06 42.35
C SER B 229 -42.17 -3.60 42.79
N ALA B 230 -41.08 -3.04 43.34
CA ALA B 230 -41.00 -1.65 43.85
C ALA B 230 -40.47 -0.70 42.77
N ALA B 231 -40.22 -1.19 41.55
CA ALA B 231 -39.47 -0.48 40.50
C ALA B 231 -40.26 -0.50 39.19
N PRO B 232 -40.29 0.63 38.46
CA PRO B 232 -40.82 0.62 37.11
C PRO B 232 -40.10 -0.38 36.20
N ARG B 233 -40.84 -1.03 35.30
CA ARG B 233 -40.36 -2.06 34.36
C ARG B 233 -40.41 -1.47 32.95
N PRO B 234 -39.35 -0.83 32.48
CA PRO B 234 -39.30 -0.31 31.11
C PRO B 234 -39.08 -1.35 30.01
N LEU B 235 -39.76 -1.15 28.88
CA LEU B 235 -39.65 -1.95 27.63
C LEU B 235 -39.49 -0.98 26.47
N LEU B 236 -38.44 -1.15 25.67
CA LEU B 236 -38.28 -0.43 24.38
C LEU B 236 -38.90 -1.30 23.30
N ALA B 237 -39.70 -0.70 22.43
CA ALA B 237 -40.54 -1.42 21.44
C ALA B 237 -40.31 -0.87 20.04
N MET B 238 -39.94 -1.74 19.12
CA MET B 238 -39.93 -1.43 17.68
C MET B 238 -40.89 -2.41 17.02
N THR B 239 -41.25 -2.13 15.78
CA THR B 239 -42.12 -2.97 14.94
C THR B 239 -41.69 -2.81 13.49
N HIS B 240 -41.19 -3.87 12.87
CA HIS B 240 -40.91 -3.93 11.42
C HIS B 240 -42.20 -4.28 10.69
N TYR B 241 -42.50 -3.56 9.60
CA TYR B 241 -43.68 -3.85 8.74
C TYR B 241 -43.19 -4.15 7.31
N THR B 242 -44.05 -4.74 6.50
CA THR B 242 -43.78 -4.88 5.06
C THR B 242 -43.75 -3.46 4.48
N GLU B 243 -43.07 -3.32 3.34
CA GLU B 243 -42.94 -2.05 2.60
C GLU B 243 -44.33 -1.46 2.35
N TRP B 244 -45.35 -2.28 2.11
CA TRP B 244 -46.65 -1.82 1.54
C TRP B 244 -47.65 -1.45 2.63
N PHE B 245 -47.39 -1.81 3.88
CA PHE B 245 -48.29 -1.45 5.00
C PHE B 245 -48.02 0.00 5.39
N ASP B 246 -49.06 0.85 5.40
CA ASP B 246 -48.98 2.31 5.66
C ASP B 246 -48.76 2.55 7.16
N MET B 247 -47.68 3.27 7.48
CA MET B 247 -47.35 3.74 8.84
C MET B 247 -46.79 5.16 8.74
N PRO B 248 -47.01 5.98 9.79
CA PRO B 248 -46.42 7.32 9.83
C PRO B 248 -44.95 7.13 10.17
N PRO B 249 -44.07 8.02 9.68
CA PRO B 249 -42.63 7.86 9.86
C PRO B 249 -42.16 8.16 11.30
N ILE B 250 -41.01 7.61 11.69
CA ILE B 250 -40.36 7.91 12.99
C ILE B 250 -39.62 9.24 12.86
N GLN B 251 -39.91 10.19 13.75
CA GLN B 251 -39.22 11.50 13.86
C GLN B 251 -37.82 11.25 14.44
N LEU B 252 -36.76 11.42 13.64
CA LEU B 252 -35.34 11.26 14.07
C LEU B 252 -34.57 12.52 13.74
N PRO B 253 -33.48 12.85 14.47
CA PRO B 253 -32.64 14.01 14.14
C PRO B 253 -31.67 13.74 12.98
N ASP B 254 -31.42 14.75 12.13
CA ASP B 254 -30.58 14.65 10.90
C ASP B 254 -29.15 14.25 11.26
N THR B 255 -28.77 14.39 12.53
CA THR B 255 -27.44 13.99 13.07
C THR B 255 -27.25 12.48 12.91
N VAL B 256 -28.32 11.67 12.78
CA VAL B 256 -28.21 10.19 12.62
C VAL B 256 -28.51 9.78 11.18
N LYS B 257 -29.00 10.70 10.35
CA LYS B 257 -29.40 10.34 8.97
C LYS B 257 -28.20 9.71 8.28
N SER B 258 -27.00 10.09 8.70
CA SER B 258 -25.77 9.66 7.99
C SER B 258 -25.70 8.14 7.96
N TRP B 259 -25.92 7.50 9.10
CA TRP B 259 -25.81 6.02 9.18
C TRP B 259 -27.18 5.36 9.06
N VAL B 260 -28.24 6.01 9.54
CA VAL B 260 -29.59 5.42 9.49
C VAL B 260 -30.06 5.33 8.03
N ASP B 261 -29.95 6.41 7.27
CA ASP B 261 -30.58 6.49 5.92
C ASP B 261 -29.83 5.61 4.94
N GLY B 262 -28.50 5.49 5.06
CA GLY B 262 -27.72 4.68 4.10
C GLY B 262 -28.16 3.23 4.13
N SER B 263 -28.41 2.71 5.33
CA SER B 263 -28.49 1.25 5.61
C SER B 263 -29.56 0.58 4.75
N ASP B 264 -29.26 -0.64 4.33
CA ASP B 264 -30.21 -1.54 3.63
C ASP B 264 -30.93 -2.41 4.68
N ARG B 265 -30.77 -2.07 5.96
CA ARG B 265 -31.78 -2.30 7.03
C ARG B 265 -32.67 -1.07 7.14
N HIS B 266 -33.86 -1.12 6.56
CA HIS B 266 -34.68 0.09 6.30
C HIS B 266 -35.39 0.56 7.57
N THR B 267 -35.41 1.88 7.75
CA THR B 267 -36.25 2.59 8.74
C THR B 267 -37.19 3.50 7.97
N HIS B 268 -38.48 3.54 8.30
CA HIS B 268 -39.41 4.57 7.76
C HIS B 268 -39.27 5.79 8.65
N ALA B 269 -38.41 6.75 8.27
CA ALA B 269 -37.94 7.81 9.18
C ALA B 269 -38.08 9.17 8.51
N HIS B 270 -38.40 10.19 9.31
CA HIS B 270 -38.38 11.61 8.88
C HIS B 270 -37.32 12.36 9.68
N PHE B 271 -36.42 13.08 9.00
CA PHE B 271 -35.24 13.69 9.67
C PHE B 271 -35.47 15.18 9.92
N VAL B 272 -35.45 15.56 11.20
CA VAL B 272 -35.70 16.93 11.69
C VAL B 272 -34.33 17.56 11.99
N ALA B 273 -34.17 18.85 11.71
CA ALA B 273 -33.00 19.64 12.16
C ALA B 273 -33.13 19.89 13.66
N GLY B 274 -32.06 19.64 14.41
CA GLY B 274 -31.99 19.92 15.85
C GLY B 274 -32.66 18.85 16.67
N ASP B 275 -32.94 19.16 17.94
CA ASP B 275 -33.58 18.26 18.92
C ASP B 275 -35.01 17.91 18.50
N VAL B 276 -35.42 16.70 18.86
CA VAL B 276 -36.78 16.14 18.63
C VAL B 276 -37.39 15.90 20.00
N ASP B 277 -38.65 16.30 20.19
CA ASP B 277 -39.46 16.00 21.39
C ASP B 277 -40.11 14.63 21.21
N HIS B 278 -39.42 13.59 21.65
CA HIS B 278 -39.94 12.21 21.57
C HIS B 278 -41.23 12.12 22.40
N LEU B 279 -41.27 12.84 23.51
CA LEU B 279 -42.37 12.68 24.49
C LEU B 279 -43.70 13.12 23.87
N THR B 280 -43.75 14.29 23.23
CA THR B 280 -45.06 14.83 22.76
C THR B 280 -45.05 15.15 21.27
N GLY B 281 -43.88 15.33 20.65
CA GLY B 281 -43.85 15.64 19.20
C GLY B 281 -44.11 17.09 18.88
N ASP B 282 -43.88 18.02 19.83
CA ASP B 282 -44.24 19.46 19.64
C ASP B 282 -43.04 20.26 19.09
N HIS B 283 -41.98 19.59 18.67
CA HIS B 283 -40.88 20.14 17.82
C HIS B 283 -41.48 20.79 16.56
N PRO B 284 -41.03 22.00 16.15
CA PRO B 284 -41.50 22.61 14.91
C PRO B 284 -41.16 21.75 13.67
N PHE B 285 -42.02 21.79 12.66
CA PHE B 285 -41.80 21.10 11.35
C PHE B 285 -41.95 19.57 11.52
N ALA B 286 -42.81 19.16 12.46
CA ALA B 286 -43.21 17.75 12.71
C ALA B 286 -44.06 17.22 11.52
N VAL B 287 -43.92 15.93 11.17
CA VAL B 287 -44.85 15.18 10.27
C VAL B 287 -45.39 13.96 11.03
N ALA C 3 10.01 -10.10 18.02
CA ALA C 3 10.06 -11.60 18.14
C ALA C 3 9.88 -11.98 19.60
N MET C 4 10.59 -11.30 20.51
CA MET C 4 10.50 -11.61 21.97
C MET C 4 9.53 -10.64 22.65
N ALA C 5 8.64 -9.95 21.91
CA ALA C 5 7.72 -8.90 22.44
C ALA C 5 6.47 -9.53 23.07
N LEU C 6 5.92 -8.90 24.11
CA LEU C 6 4.81 -9.47 24.96
C LEU C 6 3.43 -9.20 24.32
N ALA C 7 2.51 -10.16 24.49
CA ALA C 7 1.13 -10.12 23.95
C ALA C 7 0.15 -9.83 25.08
N ALA C 8 0.58 -9.97 26.34
CA ALA C 8 -0.29 -9.74 27.51
C ALA C 8 0.57 -9.38 28.70
N PRO C 9 -0.05 -8.87 29.80
CA PRO C 9 0.68 -8.51 31.00
C PRO C 9 1.27 -9.77 31.61
N PRO C 10 2.58 -9.77 31.95
CA PRO C 10 3.22 -10.98 32.49
C PRO C 10 2.60 -11.43 33.82
N GLY C 11 2.40 -12.73 34.00
CA GLY C 11 1.76 -13.33 35.18
C GLY C 11 2.42 -12.92 36.49
N GLU C 12 3.74 -12.67 36.48
CA GLU C 12 4.55 -12.22 37.64
C GLU C 12 3.93 -10.96 38.26
N LEU C 13 3.34 -10.10 37.41
CA LEU C 13 2.92 -8.71 37.76
C LEU C 13 1.39 -8.64 37.82
N THR C 14 0.68 -9.69 37.44
CA THR C 14 -0.76 -9.58 37.12
C THR C 14 -1.59 -10.28 38.21
N LEU C 15 -2.77 -9.74 38.46
CA LEU C 15 -3.77 -10.34 39.37
C LEU C 15 -5.14 -10.12 38.72
N ALA C 16 -5.83 -11.21 38.36
CA ALA C 16 -7.08 -11.18 37.58
C ALA C 16 -8.28 -11.02 38.52
N LEU C 17 -9.21 -10.15 38.16
CA LEU C 17 -10.43 -9.88 38.96
C LEU C 17 -11.63 -9.74 38.04
N THR C 18 -12.81 -9.72 38.64
CA THR C 18 -14.09 -9.24 38.04
C THR C 18 -14.40 -7.90 38.68
N PRO C 19 -15.23 -7.03 38.05
CA PRO C 19 -15.66 -5.78 38.68
C PRO C 19 -16.41 -5.98 40.01
N ASP C 20 -17.09 -7.11 40.23
CA ASP C 20 -17.89 -7.38 41.46
C ASP C 20 -16.99 -7.64 42.67
N ASP C 21 -15.75 -8.10 42.47
CA ASP C 21 -14.77 -8.37 43.57
C ASP C 21 -14.53 -7.06 44.31
N LYS C 22 -14.89 -6.95 45.59
CA LYS C 22 -14.76 -5.71 46.39
C LYS C 22 -13.56 -5.79 47.35
N THR C 23 -13.05 -6.99 47.64
CA THR C 23 -11.81 -7.14 48.44
C THR C 23 -11.05 -8.38 47.95
N LEU C 24 -9.74 -8.42 48.21
CA LEU C 24 -8.87 -9.60 47.98
C LEU C 24 -8.84 -10.41 49.28
N ASP C 25 -8.93 -11.73 49.18
CA ASP C 25 -8.69 -12.65 50.33
C ASP C 25 -7.25 -12.47 50.79
N PRO C 26 -6.95 -12.71 52.08
CA PRO C 26 -5.60 -12.47 52.61
C PRO C 26 -4.46 -13.04 51.74
N ALA C 27 -4.65 -14.19 51.10
CA ALA C 27 -3.61 -14.86 50.27
C ALA C 27 -3.33 -14.02 49.03
N SER C 28 -4.38 -13.47 48.40
CA SER C 28 -4.30 -12.58 47.20
C SER C 28 -3.63 -11.25 47.55
N LEU C 29 -4.00 -10.65 48.68
CA LEU C 29 -3.43 -9.36 49.14
C LEU C 29 -1.93 -9.51 49.40
N ASP C 30 -1.51 -10.56 50.12
CA ASP C 30 -0.08 -10.82 50.42
C ASP C 30 0.71 -10.93 49.11
N ARG C 31 0.12 -11.54 48.09
CA ARG C 31 0.74 -11.68 46.73
C ARG C 31 0.88 -10.29 46.09
N ALA C 32 -0.19 -9.50 46.09
CA ALA C 32 -0.22 -8.14 45.51
C ALA C 32 0.92 -7.30 46.13
N LEU C 33 0.98 -7.25 47.47
CA LEU C 33 2.05 -6.59 48.25
C LEU C 33 3.45 -7.13 47.88
N ALA C 34 3.58 -8.45 47.71
CA ALA C 34 4.85 -9.13 47.38
C ALA C 34 5.33 -8.68 45.99
N ILE C 35 4.39 -8.41 45.09
CA ILE C 35 4.69 -7.95 43.70
C ILE C 35 5.13 -6.48 43.75
N LEU C 36 4.41 -5.63 44.51
CA LEU C 36 4.74 -4.19 44.62
C LEU C 36 6.09 -4.03 45.31
N ALA C 37 6.41 -4.89 46.26
CA ALA C 37 7.71 -4.90 46.95
C ALA C 37 8.83 -5.29 45.98
N GLU C 38 8.67 -6.39 45.26
CA GLU C 38 9.74 -6.98 44.44
C GLU C 38 9.88 -6.18 43.14
N HIS C 39 8.78 -5.99 42.42
CA HIS C 39 8.78 -5.49 41.02
C HIS C 39 8.42 -4.00 40.95
N GLY C 40 7.66 -3.48 41.90
CA GLY C 40 7.31 -2.05 41.96
C GLY C 40 6.11 -1.70 41.10
N ILE C 41 5.46 -2.70 40.50
CA ILE C 41 4.30 -2.49 39.59
C ILE C 41 3.42 -3.74 39.64
N LEU C 42 2.11 -3.52 39.69
CA LEU C 42 1.06 -4.56 39.80
C LEU C 42 -0.03 -4.24 38.79
N VAL C 43 -0.40 -5.17 37.93
CA VAL C 43 -1.51 -4.97 36.95
C VAL C 43 -2.73 -5.72 37.45
N LEU C 44 -3.87 -5.03 37.59
CA LEU C 44 -5.15 -5.64 38.01
C LEU C 44 -6.06 -5.67 36.79
N THR C 45 -6.32 -6.84 36.19
CA THR C 45 -7.24 -6.99 35.04
C THR C 45 -8.68 -7.09 35.55
N GLY C 46 -9.63 -6.54 34.79
CA GLY C 46 -11.08 -6.72 34.99
C GLY C 46 -11.62 -5.97 36.20
N MET C 47 -11.10 -4.78 36.48
CA MET C 47 -11.46 -3.97 37.68
C MET C 47 -12.70 -3.12 37.40
N LEU C 48 -12.83 -2.53 36.22
CA LEU C 48 -13.83 -1.46 35.93
C LEU C 48 -14.74 -1.88 34.77
N ARG C 49 -16.03 -1.51 34.87
CA ARG C 49 -17.08 -1.77 33.87
C ARG C 49 -16.91 -0.85 32.66
N THR C 50 -17.34 -1.32 31.50
CA THR C 50 -17.37 -0.55 30.22
C THR C 50 -18.13 0.75 30.42
N ARG C 51 -19.22 0.75 31.19
CA ARG C 51 -20.07 1.97 31.32
C ARG C 51 -19.24 3.13 31.88
N LEU C 52 -18.23 2.86 32.73
CA LEU C 52 -17.38 3.93 33.30
C LEU C 52 -16.28 4.33 32.32
N THR C 53 -15.44 3.40 31.91
CA THR C 53 -14.30 3.68 31.00
C THR C 53 -14.82 4.41 29.76
N ASP C 54 -15.98 3.98 29.21
CA ASP C 54 -16.60 4.60 28.00
C ASP C 54 -16.86 6.07 28.25
N GLN C 55 -17.57 6.42 29.33
CA GLN C 55 -17.94 7.83 29.62
C GLN C 55 -16.66 8.68 29.77
N LEU C 56 -15.66 8.15 30.46
CA LEU C 56 -14.39 8.85 30.76
C LEU C 56 -13.58 9.03 29.47
N ARG C 57 -13.48 7.98 28.67
CA ARG C 57 -12.82 8.05 27.34
C ARG C 57 -13.48 9.15 26.49
N THR C 58 -14.81 9.09 26.36
CA THR C 58 -15.62 10.07 25.57
C THR C 58 -15.36 11.49 26.07
N ALA C 59 -15.41 11.70 27.39
CA ALA C 59 -15.32 13.04 28.03
C ALA C 59 -13.98 13.67 27.68
N MET C 60 -12.90 12.86 27.69
CA MET C 60 -11.50 13.35 27.52
C MET C 60 -11.22 13.62 26.04
N LEU C 61 -11.70 12.77 25.12
CA LEU C 61 -11.58 13.02 23.66
C LEU C 61 -12.39 14.26 23.27
N ASP C 62 -13.53 14.50 23.93
CA ASP C 62 -14.37 15.70 23.70
C ASP C 62 -13.61 16.95 24.17
N ASP C 63 -12.83 16.87 25.24
CA ASP C 63 -12.08 18.02 25.81
C ASP C 63 -10.77 18.28 25.05
N LEU C 64 -10.23 17.29 24.33
CA LEU C 64 -8.88 17.37 23.71
C LEU C 64 -8.80 18.56 22.75
N PRO C 65 -9.82 18.86 21.94
CA PRO C 65 -9.81 20.09 21.13
C PRO C 65 -9.55 21.36 21.94
N GLU C 66 -10.23 21.52 23.07
CA GLU C 66 -10.08 22.73 23.94
C GLU C 66 -8.66 22.77 24.49
N VAL C 67 -8.03 21.61 24.74
CA VAL C 67 -6.65 21.51 25.27
C VAL C 67 -5.66 21.97 24.20
N LEU C 68 -5.84 21.54 22.96
CA LEU C 68 -4.88 21.80 21.86
C LEU C 68 -5.02 23.24 21.34
N ARG C 69 -6.15 23.91 21.61
CA ARG C 69 -6.37 25.34 21.24
C ARG C 69 -5.50 26.26 22.10
N GLN C 70 -5.12 25.81 23.30
CA GLN C 70 -4.40 26.61 24.33
C GLN C 70 -3.14 27.26 23.76
N GLN C 71 -2.80 28.46 24.26
CA GLN C 71 -1.58 29.21 23.84
C GLN C 71 -0.37 28.30 24.06
N ASP C 72 -0.16 27.87 25.29
CA ASP C 72 0.91 26.92 25.67
C ASP C 72 0.27 25.59 26.07
N VAL C 73 0.25 24.62 25.16
CA VAL C 73 -0.24 23.23 25.46
C VAL C 73 0.79 22.56 26.35
N PRO C 74 0.39 21.92 27.47
CA PRO C 74 1.35 21.35 28.41
C PRO C 74 1.75 19.93 27.98
N THR C 75 3.00 19.74 27.61
CA THR C 75 3.55 18.37 27.36
C THR C 75 4.43 17.96 28.54
N ASN C 76 4.61 16.66 28.72
CA ASN C 76 5.63 16.10 29.63
C ASN C 76 6.84 15.70 28.79
N PHE C 77 7.99 16.38 28.98
CA PHE C 77 9.33 16.05 28.44
C PHE C 77 9.44 16.34 26.93
N VAL C 78 8.61 15.70 26.09
CA VAL C 78 8.76 15.72 24.61
C VAL C 78 7.38 15.90 23.98
N PRO C 79 7.30 16.32 22.70
CA PRO C 79 6.02 16.59 22.05
C PRO C 79 5.11 15.37 21.96
N GLY C 80 3.81 15.57 22.14
CA GLY C 80 2.79 14.54 21.86
C GLY C 80 2.32 13.86 23.13
N HIS C 81 3.01 14.11 24.24
CA HIS C 81 2.64 13.56 25.56
C HIS C 81 2.00 14.69 26.36
N VAL C 82 0.73 14.94 26.08
CA VAL C 82 -0.04 16.09 26.63
C VAL C 82 -0.50 15.77 28.05
N GLN C 83 -0.37 16.72 28.96
CA GLN C 83 -0.93 16.57 30.31
C GLN C 83 -2.37 17.08 30.21
N GLN C 84 -3.36 16.26 30.56
CA GLN C 84 -4.78 16.65 30.44
C GLN C 84 -5.57 16.07 31.62
N ASP C 85 -6.34 16.92 32.31
CA ASP C 85 -7.07 16.51 33.54
C ASP C 85 -8.51 16.14 33.16
N PRO C 86 -9.02 14.97 33.58
CA PRO C 86 -10.41 14.59 33.31
C PRO C 86 -11.40 15.51 34.02
N PRO C 87 -12.63 15.70 33.50
CA PRO C 87 -13.62 16.56 34.12
C PRO C 87 -13.98 16.13 35.55
N VAL C 88 -14.17 17.12 36.43
CA VAL C 88 -14.62 16.92 37.84
C VAL C 88 -16.07 17.44 37.96
N ARG C 89 -16.91 17.03 37.02
CA ARG C 89 -18.37 17.25 37.03
C ARG C 89 -19.02 16.09 37.79
N GLU C 90 -19.99 16.40 38.65
CA GLU C 90 -20.77 15.40 39.44
C GLU C 90 -20.94 14.09 38.65
N SER C 91 -21.36 14.21 37.38
CA SER C 91 -21.81 13.08 36.52
C SER C 91 -20.65 12.18 36.07
N LEU C 92 -19.41 12.69 36.07
CA LEU C 92 -18.20 11.96 35.58
C LEU C 92 -17.23 11.69 36.74
N LEU C 93 -17.71 11.82 37.99
CA LEU C 93 -16.93 11.41 39.18
C LEU C 93 -17.56 10.15 39.78
N PHE C 94 -17.00 8.99 39.44
CA PHE C 94 -17.56 7.66 39.82
C PHE C 94 -16.84 7.11 41.04
N PRO C 95 -17.57 6.68 42.10
CA PRO C 95 -16.95 6.07 43.26
C PRO C 95 -16.04 4.86 42.99
N ASP C 96 -16.39 4.03 42.01
CA ASP C 96 -15.59 2.81 41.72
C ASP C 96 -14.25 3.20 41.10
N VAL C 97 -14.08 4.47 40.68
CA VAL C 97 -12.81 4.96 40.08
C VAL C 97 -12.02 5.76 41.14
N LEU C 98 -12.63 6.78 41.77
CA LEU C 98 -11.96 7.63 42.79
C LEU C 98 -11.65 6.84 44.05
N LEU C 99 -12.66 6.13 44.55
CA LEU C 99 -12.66 5.38 45.83
C LEU C 99 -12.84 3.88 45.53
N ASN C 100 -12.02 3.32 44.65
CA ASN C 100 -12.12 1.88 44.32
C ASN C 100 -11.73 1.08 45.56
N PRO C 101 -12.56 0.13 46.00
CA PRO C 101 -12.32 -0.59 47.25
C PRO C 101 -11.10 -1.52 47.22
N VAL C 102 -10.79 -2.10 46.06
CA VAL C 102 -9.62 -3.01 45.90
C VAL C 102 -8.34 -2.17 45.87
N VAL C 103 -8.36 -1.04 45.16
CA VAL C 103 -7.17 -0.16 45.06
C VAL C 103 -6.80 0.29 46.47
N TYR C 104 -7.75 0.89 47.19
CA TYR C 104 -7.54 1.42 48.55
C TYR C 104 -7.16 0.30 49.53
N GLN C 105 -7.63 -0.93 49.31
CA GLN C 105 -7.24 -2.09 50.15
C GLN C 105 -5.73 -2.29 50.05
N ILE C 106 -5.21 -2.24 48.83
CA ILE C 106 -3.74 -2.38 48.54
C ILE C 106 -3.01 -1.18 49.12
N THR C 107 -3.46 0.04 48.85
CA THR C 107 -2.73 1.28 49.25
C THR C 107 -2.78 1.44 50.77
N HIS C 108 -3.87 1.02 51.42
CA HIS C 108 -3.97 1.06 52.90
C HIS C 108 -2.90 0.12 53.48
N ALA C 109 -2.76 -1.08 52.90
CA ALA C 109 -1.83 -2.11 53.36
C ALA C 109 -0.39 -1.62 53.17
N VAL C 110 -0.11 -0.89 52.10
CA VAL C 110 1.26 -0.43 51.77
C VAL C 110 1.58 0.87 52.51
N LEU C 111 0.71 1.88 52.46
CA LEU C 111 1.04 3.27 52.86
C LEU C 111 0.43 3.63 54.23
N GLY C 112 -0.52 2.83 54.75
CA GLY C 112 -1.21 3.06 56.04
C GLY C 112 -2.67 3.44 55.85
N ALA C 113 -3.52 3.19 56.85
CA ALA C 113 -4.98 3.42 56.77
C ALA C 113 -5.30 4.91 56.56
N ASP C 114 -4.35 5.80 56.82
CA ASP C 114 -4.54 7.27 56.68
C ASP C 114 -4.11 7.76 55.29
N ALA C 115 -3.61 6.86 54.44
CA ALA C 115 -3.16 7.17 53.06
C ALA C 115 -4.34 7.74 52.27
N ARG C 116 -4.04 8.68 51.37
CA ARG C 116 -5.06 9.52 50.71
C ARG C 116 -4.69 9.75 49.24
N ASN C 117 -5.70 9.77 48.37
CA ASN C 117 -5.50 10.14 46.95
C ASN C 117 -5.41 11.65 46.89
N ALA C 118 -4.46 12.21 46.13
CA ALA C 118 -4.23 13.66 46.05
C ALA C 118 -4.01 14.09 44.60
N VAL C 119 -4.29 13.21 43.63
CA VAL C 119 -4.15 13.52 42.19
C VAL C 119 -5.35 12.92 41.45
N TYR C 120 -5.94 13.70 40.56
CA TYR C 120 -6.96 13.24 39.58
C TYR C 120 -6.61 13.94 38.26
N SER C 121 -5.70 13.34 37.50
CA SER C 121 -5.20 13.92 36.23
C SER C 121 -5.14 12.84 35.15
N GLY C 122 -4.57 13.17 34.00
CA GLY C 122 -4.46 12.20 32.91
C GLY C 122 -3.39 12.55 31.91
N ASN C 123 -3.03 11.59 31.06
CA ASN C 123 -2.02 11.77 29.99
C ASN C 123 -2.63 11.36 28.66
N MET C 124 -2.80 12.32 27.76
CA MET C 124 -3.25 12.06 26.37
C MET C 124 -2.00 11.87 25.50
N ASN C 125 -1.71 10.64 25.09
CA ASN C 125 -0.58 10.32 24.18
C ASN C 125 -1.06 10.40 22.72
N LEU C 126 -0.71 11.47 22.01
CA LEU C 126 -1.23 11.73 20.64
C LEU C 126 -0.47 10.90 19.63
N PRO C 127 -1.12 10.58 18.48
CA PRO C 127 -0.43 10.02 17.32
C PRO C 127 0.81 10.80 16.89
N GLY C 128 1.90 10.07 16.65
CA GLY C 128 3.21 10.58 16.22
C GLY C 128 3.96 11.23 17.36
N SER C 129 3.64 10.88 18.60
CA SER C 129 4.36 11.36 19.81
C SER C 129 5.82 10.89 19.77
N HIS C 130 6.66 11.56 20.54
CA HIS C 130 8.12 11.27 20.66
C HIS C 130 8.35 10.33 21.85
N GLU C 131 9.55 9.80 21.99
CA GLU C 131 9.97 8.94 23.12
C GLU C 131 10.32 9.86 24.30
N GLN C 132 9.69 9.67 25.45
CA GLN C 132 10.08 10.34 26.72
C GLN C 132 11.40 9.77 27.20
N PRO C 133 12.21 10.53 27.96
CA PRO C 133 13.33 9.94 28.71
C PRO C 133 12.79 9.10 29.86
N VAL C 134 13.57 8.11 30.31
CA VAL C 134 13.19 7.25 31.47
C VAL C 134 13.30 8.11 32.72
N HIS C 135 12.32 8.01 33.61
CA HIS C 135 12.20 8.94 34.77
C HIS C 135 11.36 8.35 35.92
N LEU C 136 11.40 9.01 37.07
CA LEU C 136 10.49 8.87 38.22
C LEU C 136 9.38 9.90 38.09
N ASP C 137 8.16 9.54 38.36
CA ASP C 137 7.07 10.53 38.51
C ASP C 137 7.25 11.24 39.86
N GLU C 138 7.68 10.51 40.88
CA GLU C 138 7.81 11.03 42.27
C GLU C 138 9.14 10.58 42.81
N PRO C 139 9.97 11.48 43.37
CA PRO C 139 11.35 11.15 43.73
C PRO C 139 11.50 10.48 45.10
N HIS C 140 12.68 9.96 45.36
CA HIS C 140 13.07 9.44 46.70
C HIS C 140 13.31 10.64 47.60
N LEU C 141 12.98 10.52 48.89
CA LEU C 141 12.93 11.69 49.80
C LEU C 141 14.33 12.24 50.08
N TRP C 142 15.34 11.40 50.19
CA TRP C 142 16.76 11.86 50.21
C TRP C 142 17.57 11.02 49.23
N PRO C 143 18.55 11.59 48.51
CA PRO C 143 19.47 10.80 47.69
C PRO C 143 20.38 9.88 48.51
N GLY C 144 20.59 8.65 48.02
CA GLY C 144 21.56 7.72 48.62
C GLY C 144 20.96 6.95 49.78
N ILE C 145 19.63 7.00 49.93
CA ILE C 145 18.93 6.40 51.10
C ILE C 145 17.91 5.38 50.58
N SER C 146 17.87 4.19 51.18
CA SER C 146 16.80 3.20 50.98
C SER C 146 15.67 3.49 51.96
N HIS C 147 14.45 3.71 51.48
CA HIS C 147 13.26 3.79 52.35
C HIS C 147 12.10 3.11 51.67
N PRO C 148 11.08 2.68 52.43
CA PRO C 148 9.84 2.18 51.83
C PRO C 148 9.15 3.21 50.96
N PRO C 149 8.12 2.80 50.19
CA PRO C 149 7.31 3.75 49.40
C PRO C 149 6.54 4.73 50.27
N TYR C 150 6.32 5.95 49.76
CA TYR C 150 5.43 6.97 50.36
C TYR C 150 4.29 7.33 49.42
N CYS C 151 4.29 6.82 48.19
CA CYS C 151 3.27 7.14 47.16
C CYS C 151 3.15 6.00 46.15
N LEU C 152 1.92 5.70 45.76
CA LEU C 152 1.57 4.71 44.71
C LEU C 152 0.78 5.39 43.61
N CYS C 153 1.30 5.40 42.39
CA CYS C 153 0.58 5.85 41.17
C CYS C 153 -0.49 4.80 40.86
N VAL C 154 -1.69 5.26 40.50
CA VAL C 154 -2.82 4.39 40.08
C VAL C 154 -3.20 4.82 38.65
N ASP C 155 -2.73 4.09 37.65
CA ASP C 155 -2.95 4.45 36.22
C ASP C 155 -4.15 3.64 35.70
N VAL C 156 -5.09 4.29 35.03
CA VAL C 156 -6.33 3.66 34.51
C VAL C 156 -6.40 3.92 33.01
N PRO C 157 -6.00 2.97 32.15
CA PRO C 157 -6.17 3.15 30.71
C PRO C 157 -7.66 3.19 30.34
N LEU C 158 -8.02 4.12 29.45
CA LEU C 158 -9.42 4.37 28.99
C LEU C 158 -9.63 3.84 27.56
N ILE C 159 -8.61 3.25 26.95
CA ILE C 159 -8.76 2.37 25.74
C ILE C 159 -7.83 1.19 25.91
N ASP C 160 -8.05 0.11 25.14
CA ASP C 160 -7.07 -1.00 25.07
C ASP C 160 -5.71 -0.38 24.72
N PHE C 161 -4.74 -0.49 25.63
CA PHE C 161 -3.32 -0.11 25.40
C PHE C 161 -2.65 -1.26 24.65
N THR C 162 -1.90 -0.91 23.62
CA THR C 162 -1.24 -1.85 22.68
C THR C 162 0.22 -1.44 22.60
N LEU C 163 1.10 -2.30 22.11
CA LEU C 163 2.51 -1.91 21.85
C LEU C 163 2.50 -0.80 20.80
N GLU C 164 1.55 -0.81 19.86
CA GLU C 164 1.44 0.17 18.75
C GLU C 164 1.10 1.57 19.29
N ASN C 165 0.13 1.70 20.21
CA ASN C 165 -0.47 3.01 20.55
C ASN C 165 0.12 3.58 21.84
N GLY C 166 1.29 3.10 22.27
CA GLY C 166 2.07 3.76 23.34
C GLY C 166 1.74 3.27 24.74
N SER C 167 1.58 1.97 24.91
CA SER C 167 1.60 1.30 26.24
C SER C 167 2.94 1.63 26.89
N THR C 168 2.90 1.96 28.17
CA THR C 168 4.04 2.55 28.91
C THR C 168 5.15 1.52 29.13
N GLU C 169 6.40 1.93 28.89
CA GLU C 169 7.60 1.13 29.23
C GLU C 169 7.81 1.22 30.73
N TYR C 170 7.81 0.09 31.43
CA TYR C 170 8.02 0.00 32.90
C TYR C 170 9.35 -0.72 33.16
N TRP C 171 10.10 -0.30 34.18
CA TRP C 171 11.39 -0.89 34.57
C TRP C 171 11.23 -1.63 35.89
N PRO C 172 10.95 -2.95 35.90
CA PRO C 172 10.66 -3.66 37.13
C PRO C 172 11.82 -3.57 38.13
N GLY C 173 11.50 -3.42 39.41
CA GLY C 173 12.45 -3.45 40.54
C GLY C 173 13.19 -2.14 40.71
N SER C 174 12.95 -1.14 39.85
CA SER C 174 13.76 0.11 39.80
C SER C 174 13.37 1.04 40.94
N HIS C 175 12.25 0.75 41.60
CA HIS C 175 11.69 1.63 42.67
C HIS C 175 12.58 1.63 43.92
N VAL C 176 13.42 0.61 44.12
CA VAL C 176 14.28 0.51 45.33
C VAL C 176 15.69 1.00 45.01
N LEU C 177 16.01 1.26 43.74
CA LEU C 177 17.32 1.82 43.32
C LEU C 177 17.34 3.30 43.70
N ASN C 178 18.35 3.75 44.44
CA ASN C 178 18.55 5.19 44.77
C ASN C 178 19.98 5.35 45.25
N PRO C 179 21.00 5.13 44.38
CA PRO C 179 22.37 5.52 44.67
C PRO C 179 22.56 7.04 44.54
N ASP C 180 23.76 7.52 44.86
CA ASP C 180 24.17 8.95 44.75
C ASP C 180 24.30 9.32 43.28
N GLU C 181 23.98 10.58 42.96
CA GLU C 181 24.05 11.13 41.57
C GLU C 181 23.30 10.18 40.63
N CYS C 182 22.04 9.84 40.94
CA CYS C 182 21.28 8.87 40.11
C CYS C 182 20.20 9.57 39.29
N TYR C 183 19.66 10.68 39.77
CA TYR C 183 18.48 11.34 39.15
C TYR C 183 18.77 12.82 39.00
N ASP C 184 18.28 13.44 37.92
CA ASP C 184 18.48 14.91 37.75
C ASP C 184 17.28 15.65 38.33
N GLU C 185 17.23 16.97 38.13
CA GLU C 185 16.22 17.86 38.74
C GLU C 185 14.81 17.50 38.26
N ARG C 186 14.68 17.03 37.02
CA ARG C 186 13.36 16.68 36.42
C ARG C 186 12.97 15.26 36.80
N GLY C 187 13.85 14.52 37.49
CA GLY C 187 13.58 13.13 37.92
C GLY C 187 13.89 12.10 36.85
N CYS C 188 14.75 12.46 35.89
CA CYS C 188 15.22 11.53 34.83
C CYS C 188 16.45 10.78 35.34
N VAL C 189 16.52 9.50 35.02
CA VAL C 189 17.65 8.62 35.42
C VAL C 189 18.88 8.99 34.61
N LEU C 190 20.05 9.06 35.24
CA LEU C 190 21.34 9.36 34.54
C LEU C 190 21.69 8.22 33.59
N PRO C 191 22.30 8.52 32.43
CA PRO C 191 22.40 7.55 31.33
C PRO C 191 23.19 6.28 31.67
N ALA C 192 24.21 6.39 32.52
CA ALA C 192 25.07 5.24 32.88
C ALA C 192 24.30 4.30 33.80
N GLU C 193 23.56 4.84 34.75
CA GLU C 193 22.73 4.01 35.68
C GLU C 193 21.63 3.29 34.90
N LEU C 194 21.15 3.91 33.81
CA LEU C 194 20.10 3.29 32.97
C LEU C 194 20.67 2.04 32.29
N GLU C 195 21.90 2.13 31.75
CA GLU C 195 22.47 1.04 30.93
C GLU C 195 22.96 -0.07 31.83
N ARG C 196 23.63 0.28 32.93
CA ARG C 196 24.00 -0.70 34.00
C ARG C 196 22.78 -1.53 34.37
N ARG C 197 21.62 -0.87 34.52
CA ARG C 197 20.37 -1.52 34.99
C ARG C 197 19.75 -2.35 33.86
N ARG C 198 19.85 -1.91 32.60
CA ARG C 198 19.27 -2.66 31.45
C ARG C 198 19.89 -4.06 31.38
N ALA C 199 21.19 -4.17 31.65
CA ALA C 199 21.97 -5.44 31.64
C ALA C 199 21.41 -6.43 32.69
N VAL C 200 21.09 -5.94 33.90
CA VAL C 200 20.66 -6.80 35.05
C VAL C 200 19.18 -7.12 34.93
N ALA C 201 18.33 -6.14 34.58
CA ALA C 201 16.85 -6.24 34.63
C ALA C 201 16.22 -5.30 33.61
N PRO C 202 16.07 -5.73 32.34
CA PRO C 202 15.63 -4.85 31.26
C PRO C 202 14.18 -4.46 31.38
N PRO C 203 13.78 -3.31 30.77
CA PRO C 203 12.39 -2.86 30.81
C PRO C 203 11.42 -3.85 30.19
N VAL C 204 10.15 -3.73 30.54
CA VAL C 204 9.03 -4.50 29.93
C VAL C 204 7.97 -3.51 29.45
N ARG C 205 7.30 -3.89 28.37
CA ARG C 205 6.23 -3.09 27.72
C ARG C 205 5.22 -4.11 27.20
N PHE C 206 3.95 -3.95 27.55
CA PHE C 206 2.92 -4.99 27.27
C PHE C 206 1.56 -4.38 27.08
N PRO C 207 0.67 -5.00 26.28
CA PRO C 207 -0.72 -4.55 26.17
C PRO C 207 -1.42 -4.60 27.53
N ILE C 208 -2.33 -3.66 27.76
CA ILE C 208 -3.20 -3.59 28.97
C ILE C 208 -4.62 -3.35 28.50
N PRO C 209 -5.53 -4.34 28.63
CA PRO C 209 -6.92 -4.18 28.26
C PRO C 209 -7.61 -3.07 29.07
N VAL C 210 -8.49 -2.29 28.44
CA VAL C 210 -9.34 -1.28 29.15
C VAL C 210 -10.15 -2.03 30.21
N GLY C 211 -10.39 -1.39 31.35
CA GLY C 211 -11.00 -2.05 32.53
C GLY C 211 -9.93 -2.48 33.51
N SER C 212 -8.69 -2.61 33.05
CA SER C 212 -7.51 -2.88 33.91
C SER C 212 -7.18 -1.63 34.71
N VAL C 213 -6.52 -1.82 35.85
CA VAL C 213 -5.92 -0.74 36.68
C VAL C 213 -4.50 -1.15 37.05
N VAL C 214 -3.53 -0.30 36.76
CA VAL C 214 -2.11 -0.53 37.13
C VAL C 214 -1.83 0.26 38.41
N ILE C 215 -1.33 -0.41 39.44
CA ILE C 215 -0.76 0.25 40.66
C ILE C 215 0.74 0.08 40.62
N ARG C 216 1.50 1.17 40.80
CA ARG C 216 2.98 1.10 40.81
C ARG C 216 3.55 2.10 41.81
N ASP C 217 4.75 1.81 42.29
CA ASP C 217 5.53 2.76 43.13
C ASP C 217 5.69 4.05 42.34
N GLY C 218 5.51 5.20 42.98
CA GLY C 218 5.76 6.52 42.36
C GLY C 218 7.19 6.66 41.91
N ARG C 219 8.10 5.86 42.48
CA ARG C 219 9.56 5.99 42.26
C ARG C 219 10.04 5.04 41.16
N LEU C 220 9.14 4.22 40.62
CA LEU C 220 9.43 3.25 39.54
C LEU C 220 9.87 4.02 38.28
N TRP C 221 10.97 3.58 37.69
CA TRP C 221 11.42 4.10 36.37
C TRP C 221 10.42 3.69 35.30
N HIS C 222 10.16 4.58 34.36
CA HIS C 222 9.26 4.31 33.21
C HIS C 222 9.40 5.46 32.22
N ARG C 223 8.88 5.25 31.01
CA ARG C 223 8.84 6.30 29.98
C ARG C 223 7.60 6.06 29.11
N GLY C 224 6.95 7.15 28.74
CA GLY C 224 5.98 7.14 27.65
C GLY C 224 6.70 6.91 26.35
N VAL C 225 6.04 6.28 25.38
CA VAL C 225 6.67 5.93 24.08
C VAL C 225 5.72 6.33 22.95
N PRO C 226 6.21 6.42 21.70
CA PRO C 226 5.39 6.88 20.59
C PRO C 226 4.09 6.10 20.43
N ASN C 227 2.97 6.83 20.38
CA ASN C 227 1.67 6.39 19.83
C ASN C 227 1.76 6.37 18.29
N LEU C 228 1.83 5.19 17.69
CA LEU C 228 1.93 5.03 16.22
C LEU C 228 0.58 4.57 15.66
N SER C 229 -0.47 4.55 16.47
CA SER C 229 -1.87 4.38 15.99
C SER C 229 -2.36 5.71 15.44
N ALA C 230 -3.58 5.74 14.91
CA ALA C 230 -4.22 6.94 14.32
C ALA C 230 -5.14 7.61 15.34
N ALA C 231 -5.12 7.16 16.59
CA ALA C 231 -6.07 7.60 17.64
C ALA C 231 -5.32 8.02 18.89
N PRO C 232 -5.73 9.13 19.54
CA PRO C 232 -5.21 9.47 20.86
C PRO C 232 -5.45 8.36 21.88
N ARG C 233 -4.48 8.17 22.77
CA ARG C 233 -4.45 7.14 23.84
C ARG C 233 -4.60 7.85 25.18
N PRO C 234 -5.84 8.02 25.69
CA PRO C 234 -6.05 8.59 27.02
C PRO C 234 -5.76 7.64 28.19
N LEU C 235 -5.16 8.20 29.24
CA LEU C 235 -4.84 7.55 30.53
C LEU C 235 -5.34 8.46 31.65
N LEU C 236 -6.19 7.94 32.54
CA LEU C 236 -6.59 8.64 33.78
C LEU C 236 -5.61 8.23 34.88
N ALA C 237 -5.13 9.20 35.64
CA ALA C 237 -4.02 9.02 36.61
C ALA C 237 -4.43 9.55 37.97
N MET C 238 -4.36 8.69 38.97
CA MET C 238 -4.43 9.11 40.38
C MET C 238 -3.11 8.71 41.05
N THR C 239 -2.87 9.25 42.24
CA THR C 239 -1.69 8.97 43.07
C THR C 239 -2.09 9.04 44.54
N HIS C 240 -2.04 7.92 45.25
CA HIS C 240 -2.20 7.84 46.72
C HIS C 240 -0.86 8.17 47.37
N TYR C 241 -0.87 9.00 48.42
CA TYR C 241 0.33 9.35 49.23
C TYR C 241 0.09 8.96 50.68
N THR C 242 1.15 8.85 51.48
CA THR C 242 1.02 8.70 52.95
C THR C 242 0.36 9.98 53.46
N GLU C 243 -0.27 9.87 54.63
CA GLU C 243 -0.93 10.99 55.34
C GLU C 243 0.05 12.17 55.47
N TRP C 244 1.35 11.91 55.68
CA TRP C 244 2.31 12.94 56.15
C TRP C 244 2.97 13.67 54.97
N PHE C 245 2.87 13.13 53.76
CA PHE C 245 3.46 13.77 52.56
C PHE C 245 2.54 14.89 52.10
N ASP C 246 3.08 16.12 52.01
CA ASP C 246 2.35 17.38 51.70
C ASP C 246 2.04 17.40 50.20
N MET C 247 0.76 17.56 49.87
CA MET C 247 0.27 17.76 48.49
C MET C 247 -0.78 18.84 48.49
N PRO C 248 -0.95 19.58 47.36
CA PRO C 248 -2.07 20.51 47.23
C PRO C 248 -3.32 19.68 47.00
N PRO C 249 -4.49 20.14 47.49
CA PRO C 249 -5.72 19.35 47.42
C PRO C 249 -6.30 19.29 46.00
N ILE C 250 -7.11 18.26 45.72
CA ILE C 250 -7.88 18.15 44.45
C ILE C 250 -9.12 19.06 44.54
N GLN C 251 -9.28 19.97 43.58
CA GLN C 251 -10.47 20.84 43.46
C GLN C 251 -11.65 19.99 42.98
N LEU C 252 -12.65 19.78 43.84
CA LEU C 252 -13.88 19.00 43.53
C LEU C 252 -15.09 19.87 43.83
N PRO C 253 -16.25 19.65 43.16
CA PRO C 253 -17.49 20.34 43.50
C PRO C 253 -18.19 19.77 44.74
N ASP C 254 -18.82 20.63 45.56
CA ASP C 254 -19.48 20.25 46.85
C ASP C 254 -20.63 19.27 46.59
N THR C 255 -21.07 19.14 45.33
CA THR C 255 -22.12 18.18 44.91
C THR C 255 -21.64 16.73 45.15
N VAL C 256 -20.33 16.49 45.26
CA VAL C 256 -19.79 15.11 45.54
C VAL C 256 -19.31 14.99 46.99
N LYS C 257 -19.23 16.10 47.72
CA LYS C 257 -18.72 16.09 49.11
C LYS C 257 -19.49 15.05 49.92
N SER C 258 -20.76 14.84 49.56
CA SER C 258 -21.66 14.00 50.37
C SER C 258 -21.07 12.58 50.48
N TRP C 259 -20.56 12.02 49.40
CA TRP C 259 -19.99 10.65 49.44
C TRP C 259 -18.47 10.68 49.53
N VAL C 260 -17.82 11.70 48.96
CA VAL C 260 -16.33 11.76 48.98
C VAL C 260 -15.85 11.95 50.42
N ASP C 261 -16.38 12.96 51.13
CA ASP C 261 -15.64 13.51 52.29
C ASP C 261 -15.68 12.51 53.46
N GLY C 262 -16.79 11.81 53.64
CA GLY C 262 -16.99 10.98 54.83
C GLY C 262 -16.30 9.66 54.70
N SER C 263 -15.91 9.27 53.47
CA SER C 263 -15.41 7.90 53.20
C SER C 263 -14.13 7.67 53.97
N ASP C 264 -13.91 6.45 54.44
CA ASP C 264 -12.65 6.05 55.12
C ASP C 264 -11.63 5.57 54.07
N ARG C 265 -11.98 5.72 52.79
CA ARG C 265 -11.01 5.84 51.67
C ARG C 265 -10.74 7.32 51.43
N HIS C 266 -9.62 7.84 51.91
CA HIS C 266 -9.39 9.30 52.04
C HIS C 266 -9.00 9.92 50.69
N THR C 267 -9.58 11.09 50.42
CA THR C 267 -9.17 11.99 49.32
C THR C 267 -8.68 13.29 49.95
N HIS C 268 -7.54 13.81 49.52
CA HIS C 268 -7.10 15.17 49.91
C HIS C 268 -7.79 16.15 48.96
N ALA C 269 -8.95 16.65 49.34
CA ALA C 269 -9.86 17.40 48.44
C ALA C 269 -10.32 18.68 49.13
N HIS C 270 -10.47 19.74 48.35
CA HIS C 270 -11.09 21.02 48.75
C HIS C 270 -12.32 21.21 47.86
N PHE C 271 -13.49 21.47 48.47
CA PHE C 271 -14.81 21.50 47.77
C PHE C 271 -15.22 22.94 47.44
N VAL C 272 -15.50 23.18 46.17
CA VAL C 272 -15.93 24.50 45.63
C VAL C 272 -17.44 24.44 45.42
N ALA C 273 -18.16 25.53 45.67
CA ALA C 273 -19.57 25.70 45.25
C ALA C 273 -19.61 25.90 43.73
N GLY C 274 -20.47 25.15 43.04
CA GLY C 274 -20.65 25.24 41.58
C GLY C 274 -19.58 24.48 40.82
N ASP C 275 -19.54 24.67 39.50
CA ASP C 275 -18.63 23.97 38.56
C ASP C 275 -17.17 24.36 38.84
N VAL C 276 -16.27 23.43 38.55
CA VAL C 276 -14.79 23.58 38.62
C VAL C 276 -14.23 23.44 37.21
N ASP C 277 -13.32 24.31 36.79
CA ASP C 277 -12.80 24.36 35.40
C ASP C 277 -11.50 23.56 35.31
N HIS C 278 -11.59 22.26 35.02
CA HIS C 278 -10.43 21.34 35.08
C HIS C 278 -9.37 21.72 34.05
N LEU C 279 -9.69 22.61 33.11
CA LEU C 279 -8.81 22.90 31.96
C LEU C 279 -8.10 24.23 32.15
N THR C 280 -6.77 24.22 32.04
CA THR C 280 -5.92 25.43 31.93
C THR C 280 -4.52 25.02 31.48
N ASN D 2 -3.43 34.91 11.63
CA ASN D 2 -4.50 34.00 11.22
C ASN D 2 -5.46 34.78 10.30
N ALA D 3 -5.76 34.16 9.16
CA ALA D 3 -6.53 34.70 8.01
C ALA D 3 -8.02 34.67 8.29
N MET D 4 -8.80 35.08 7.28
CA MET D 4 -10.24 35.33 7.40
C MET D 4 -10.99 34.03 7.09
N ALA D 5 -11.64 33.48 8.12
CA ALA D 5 -12.47 32.26 8.06
C ALA D 5 -13.86 32.57 7.50
N LEU D 6 -14.41 31.62 6.74
CA LEU D 6 -15.79 31.68 6.18
C LEU D 6 -16.56 30.43 6.60
N ALA D 7 -17.86 30.35 6.29
CA ALA D 7 -18.76 29.28 6.79
C ALA D 7 -18.95 28.17 5.75
N ALA D 8 -18.65 28.50 4.50
CA ALA D 8 -18.71 27.58 3.34
C ALA D 8 -17.75 28.10 2.27
N PRO D 9 -17.49 27.32 1.21
CA PRO D 9 -16.56 27.74 0.18
C PRO D 9 -17.16 28.93 -0.55
N PRO D 10 -16.41 30.03 -0.75
CA PRO D 10 -16.99 31.25 -1.30
C PRO D 10 -17.45 31.04 -2.75
N GLY D 11 -18.62 31.59 -3.11
CA GLY D 11 -19.24 31.38 -4.42
C GLY D 11 -18.36 31.83 -5.57
N GLU D 12 -17.46 32.81 -5.35
CA GLU D 12 -16.48 33.31 -6.35
C GLU D 12 -15.63 32.15 -6.88
N LEU D 13 -15.37 31.15 -6.03
CA LEU D 13 -14.38 30.07 -6.26
C LEU D 13 -15.11 28.74 -6.52
N THR D 14 -16.42 28.67 -6.32
CA THR D 14 -17.08 27.36 -6.12
C THR D 14 -17.97 27.04 -7.31
N LEU D 15 -17.99 25.77 -7.74
CA LEU D 15 -18.92 25.30 -8.79
C LEU D 15 -19.61 24.01 -8.37
N ALA D 16 -20.92 23.95 -8.53
CA ALA D 16 -21.75 22.86 -7.95
C ALA D 16 -21.92 21.76 -8.99
N LEU D 17 -21.80 20.52 -8.55
CA LEU D 17 -22.09 19.33 -9.40
C LEU D 17 -22.80 18.27 -8.59
N THR D 18 -23.30 17.25 -9.30
CA THR D 18 -23.66 15.91 -8.76
C THR D 18 -22.59 14.94 -9.26
N PRO D 19 -22.38 13.78 -8.58
CA PRO D 19 -21.42 12.79 -9.07
C PRO D 19 -21.73 12.24 -10.48
N ASP D 20 -23.00 12.21 -10.90
CA ASP D 20 -23.42 11.65 -12.23
C ASP D 20 -23.02 12.59 -13.38
N ASP D 21 -22.88 13.89 -13.12
CA ASP D 21 -22.38 14.85 -14.14
C ASP D 21 -21.01 14.36 -14.61
N LYS D 22 -20.85 14.14 -15.91
CA LYS D 22 -19.56 13.70 -16.51
C LYS D 22 -18.84 14.89 -17.18
N THR D 23 -19.51 16.02 -17.41
CA THR D 23 -18.90 17.24 -18.01
C THR D 23 -19.52 18.51 -17.42
N LEU D 24 -18.86 19.65 -17.57
CA LEU D 24 -19.46 20.99 -17.37
C LEU D 24 -20.02 21.48 -18.70
N ASP D 25 -21.21 22.06 -18.67
CA ASP D 25 -21.79 22.77 -19.86
C ASP D 25 -20.87 23.92 -20.22
N PRO D 26 -20.81 24.34 -21.50
CA PRO D 26 -19.86 25.36 -21.93
C PRO D 26 -19.79 26.60 -21.02
N ALA D 27 -20.92 27.04 -20.47
CA ALA D 27 -21.03 28.26 -19.63
C ALA D 27 -20.29 28.03 -18.31
N SER D 28 -20.44 26.84 -17.72
CA SER D 28 -19.78 26.41 -16.45
C SER D 28 -18.27 26.26 -16.67
N LEU D 29 -17.83 25.66 -17.77
CA LEU D 29 -16.39 25.44 -18.06
C LEU D 29 -15.70 26.79 -18.22
N ASP D 30 -16.29 27.73 -18.98
CA ASP D 30 -15.72 29.08 -19.20
C ASP D 30 -15.52 29.76 -17.85
N ARG D 31 -16.48 29.58 -16.94
CA ARG D 31 -16.41 30.12 -15.56
C ARG D 31 -15.24 29.49 -14.81
N ALA D 32 -15.18 28.16 -14.80
CA ALA D 32 -14.15 27.37 -14.09
C ALA D 32 -12.77 27.89 -14.50
N LEU D 33 -12.52 27.98 -15.80
CA LEU D 33 -11.27 28.55 -16.38
C LEU D 33 -11.05 30.01 -15.93
N ALA D 34 -12.12 30.82 -15.90
CA ALA D 34 -12.07 32.25 -15.51
C ALA D 34 -11.67 32.37 -14.03
N ILE D 35 -12.07 31.40 -13.22
CA ILE D 35 -11.78 31.34 -11.76
C ILE D 35 -10.31 30.93 -11.58
N LEU D 36 -9.84 29.92 -12.30
CA LEU D 36 -8.43 29.43 -12.19
C LEU D 36 -7.50 30.51 -12.69
N ALA D 37 -7.90 31.28 -13.70
CA ALA D 37 -7.12 32.42 -14.23
C ALA D 37 -7.03 33.54 -13.17
N GLU D 38 -8.18 33.95 -12.62
CA GLU D 38 -8.25 35.16 -11.77
C GLU D 38 -7.73 34.81 -10.38
N HIS D 39 -8.28 33.76 -9.77
CA HIS D 39 -8.12 33.44 -8.33
C HIS D 39 -7.09 32.34 -8.10
N GLY D 40 -6.85 31.45 -9.07
CA GLY D 40 -5.81 30.40 -8.97
C GLY D 40 -6.30 29.18 -8.20
N ILE D 41 -7.58 29.13 -7.83
CA ILE D 41 -8.17 28.01 -7.04
C ILE D 41 -9.64 27.92 -7.35
N LEU D 42 -10.14 26.70 -7.52
CA LEU D 42 -11.53 26.38 -7.91
C LEU D 42 -12.00 25.23 -7.01
N VAL D 43 -13.13 25.39 -6.34
CA VAL D 43 -13.72 24.32 -5.49
C VAL D 43 -14.89 23.69 -6.24
N LEU D 44 -14.89 22.38 -6.44
CA LEU D 44 -15.99 21.63 -7.12
C LEU D 44 -16.72 20.82 -6.06
N THR D 45 -17.95 21.21 -5.71
CA THR D 45 -18.78 20.48 -4.71
C THR D 45 -19.51 19.33 -5.42
N GLY D 46 -19.69 18.21 -4.70
CA GLY D 46 -20.54 17.07 -5.11
C GLY D 46 -19.95 16.26 -6.24
N MET D 47 -18.62 16.09 -6.26
CA MET D 47 -17.90 15.44 -7.39
C MET D 47 -17.85 13.92 -7.20
N LEU D 48 -17.63 13.45 -5.95
CA LEU D 48 -17.35 12.03 -5.66
C LEU D 48 -18.40 11.46 -4.72
N ARG D 49 -18.75 10.18 -4.96
CA ARG D 49 -19.71 9.37 -4.16
C ARG D 49 -19.10 8.98 -2.82
N THR D 50 -19.93 8.83 -1.79
CA THR D 50 -19.55 8.34 -0.43
C THR D 50 -18.87 6.98 -0.54
N ARG D 51 -19.36 6.09 -1.39
CA ARG D 51 -18.78 4.74 -1.59
C ARG D 51 -17.27 4.84 -1.84
N LEU D 52 -16.80 5.84 -2.60
CA LEU D 52 -15.34 5.99 -2.91
C LEU D 52 -14.60 6.65 -1.74
N THR D 53 -15.01 7.86 -1.34
CA THR D 53 -14.34 8.62 -0.26
C THR D 53 -14.21 7.73 0.97
N ASP D 54 -15.26 6.97 1.32
CA ASP D 54 -15.28 6.07 2.51
C ASP D 54 -14.14 5.06 2.41
N GLN D 55 -14.04 4.32 1.30
CA GLN D 55 -13.00 3.27 1.12
C GLN D 55 -11.60 3.90 1.23
N LEU D 56 -11.40 5.05 0.58
CA LEU D 56 -10.10 5.77 0.53
C LEU D 56 -9.75 6.32 1.91
N ARG D 57 -10.71 6.94 2.59
CA ARG D 57 -10.52 7.42 3.99
C ARG D 57 -10.06 6.26 4.87
N THR D 58 -10.81 5.14 4.86
CA THR D 58 -10.54 3.92 5.66
C THR D 58 -9.13 3.42 5.35
N ALA D 59 -8.78 3.29 4.06
CA ALA D 59 -7.50 2.71 3.59
C ALA D 59 -6.33 3.51 4.15
N MET D 60 -6.44 4.84 4.16
CA MET D 60 -5.34 5.77 4.53
C MET D 60 -5.19 5.82 6.07
N LEU D 61 -6.28 5.80 6.82
CA LEU D 61 -6.23 5.75 8.31
C LEU D 61 -5.68 4.38 8.73
N ASP D 62 -5.95 3.33 7.98
CA ASP D 62 -5.43 1.96 8.25
C ASP D 62 -3.91 1.95 7.99
N ASP D 63 -3.42 2.70 7.01
CA ASP D 63 -1.97 2.74 6.64
C ASP D 63 -1.19 3.68 7.54
N LEU D 64 -1.82 4.61 8.23
CA LEU D 64 -1.12 5.68 9.00
C LEU D 64 -0.17 5.05 10.03
N PRO D 65 -0.56 3.98 10.75
CA PRO D 65 0.37 3.26 11.62
C PRO D 65 1.66 2.83 10.91
N GLU D 66 1.57 2.25 9.72
CA GLU D 66 2.76 1.78 8.95
C GLU D 66 3.65 2.98 8.60
N VAL D 67 3.04 4.14 8.36
CA VAL D 67 3.76 5.40 7.99
C VAL D 67 4.54 5.89 9.20
N LEU D 68 3.92 5.90 10.37
CA LEU D 68 4.51 6.46 11.62
C LEU D 68 5.57 5.50 12.19
N ARG D 69 5.58 4.23 11.80
CA ARG D 69 6.59 3.24 12.26
C ARG D 69 7.93 3.50 11.55
N GLN D 70 7.92 4.29 10.49
CA GLN D 70 9.09 4.49 9.59
C GLN D 70 10.22 5.15 10.39
N GLN D 71 11.47 4.81 10.07
CA GLN D 71 12.64 5.34 10.82
C GLN D 71 12.65 6.86 10.70
N ASP D 72 12.48 7.39 9.49
CA ASP D 72 12.15 8.82 9.29
C ASP D 72 10.74 8.93 8.72
N VAL D 73 9.84 9.59 9.44
CA VAL D 73 8.49 9.96 8.90
C VAL D 73 8.66 11.24 8.11
N PRO D 74 8.32 11.27 6.81
CA PRO D 74 8.52 12.45 6.00
C PRO D 74 7.40 13.45 6.35
N THR D 75 7.78 14.60 6.88
CA THR D 75 6.81 15.69 7.14
C THR D 75 7.04 16.78 6.11
N ASN D 76 6.04 17.61 5.86
CA ASN D 76 6.19 18.84 5.03
C ASN D 76 6.39 20.04 5.96
N PHE D 77 7.60 20.58 6.00
CA PHE D 77 8.02 21.83 6.69
C PHE D 77 8.09 21.67 8.21
N VAL D 78 6.98 21.32 8.85
CA VAL D 78 6.84 21.37 10.34
C VAL D 78 6.19 20.08 10.81
N PRO D 79 6.28 19.74 12.12
CA PRO D 79 5.71 18.51 12.64
C PRO D 79 4.19 18.44 12.45
N GLY D 80 3.67 17.25 12.15
CA GLY D 80 2.22 16.97 12.13
C GLY D 80 1.68 16.96 10.71
N HIS D 81 2.50 17.36 9.75
CA HIS D 81 2.09 17.39 8.33
C HIS D 81 2.79 16.25 7.60
N VAL D 82 2.26 15.04 7.71
CA VAL D 82 2.90 13.80 7.21
C VAL D 82 2.59 13.64 5.72
N GLN D 83 3.59 13.30 4.93
CA GLN D 83 3.38 12.89 3.53
C GLN D 83 3.05 11.40 3.52
N GLN D 84 1.88 11.03 3.01
CA GLN D 84 1.41 9.62 2.94
C GLN D 84 0.78 9.35 1.59
N ASP D 85 1.32 8.42 0.82
CA ASP D 85 0.71 7.97 -0.47
C ASP D 85 -0.49 7.09 -0.15
N PRO D 86 -1.64 7.26 -0.83
CA PRO D 86 -2.73 6.29 -0.73
C PRO D 86 -2.27 5.01 -1.41
N PRO D 87 -2.96 3.87 -1.18
CA PRO D 87 -2.53 2.59 -1.74
C PRO D 87 -2.84 2.52 -3.25
N VAL D 88 -1.98 1.79 -3.97
CA VAL D 88 -2.09 1.56 -5.44
C VAL D 88 -2.41 0.07 -5.68
N ARG D 89 -3.37 -0.45 -4.92
CA ARG D 89 -3.97 -1.78 -5.09
C ARG D 89 -5.14 -1.66 -6.08
N GLU D 90 -5.23 -2.60 -7.01
CA GLU D 90 -6.30 -2.70 -8.04
C GLU D 90 -7.63 -2.20 -7.45
N SER D 91 -8.00 -2.67 -6.24
CA SER D 91 -9.35 -2.48 -5.62
C SER D 91 -9.57 -1.04 -5.14
N LEU D 92 -8.50 -0.27 -4.88
CA LEU D 92 -8.58 1.12 -4.35
C LEU D 92 -8.09 2.13 -5.38
N LEU D 93 -7.97 1.71 -6.65
CA LEU D 93 -7.70 2.63 -7.78
C LEU D 93 -8.99 2.76 -8.60
N PHE D 94 -9.76 3.82 -8.34
CA PHE D 94 -11.06 4.07 -8.98
C PHE D 94 -10.88 5.04 -10.14
N PRO D 95 -11.42 4.72 -11.34
CA PRO D 95 -11.36 5.64 -12.48
C PRO D 95 -11.94 7.05 -12.22
N ASP D 96 -13.00 7.15 -11.42
CA ASP D 96 -13.65 8.46 -11.13
C ASP D 96 -12.73 9.32 -10.27
N VAL D 97 -11.64 8.76 -9.72
CA VAL D 97 -10.68 9.53 -8.88
C VAL D 97 -9.43 9.84 -9.71
N LEU D 98 -8.78 8.82 -10.28
CA LEU D 98 -7.51 8.98 -11.07
C LEU D 98 -7.79 9.73 -12.38
N LEU D 99 -8.81 9.26 -13.09
CA LEU D 99 -9.22 9.72 -14.44
C LEU D 99 -10.60 10.36 -14.37
N ASN D 100 -10.79 11.31 -13.44
CA ASN D 100 -12.10 11.98 -13.28
C ASN D 100 -12.38 12.77 -14.53
N PRO D 101 -13.56 12.59 -15.17
CA PRO D 101 -13.83 13.22 -16.46
C PRO D 101 -13.98 14.74 -16.39
N VAL D 102 -14.47 15.26 -15.27
CA VAL D 102 -14.67 16.73 -15.07
C VAL D 102 -13.31 17.37 -14.78
N VAL D 103 -12.49 16.72 -13.97
CA VAL D 103 -11.14 17.27 -13.63
C VAL D 103 -10.35 17.38 -14.92
N TYR D 104 -10.23 16.30 -15.68
CA TYR D 104 -9.47 16.25 -16.95
C TYR D 104 -10.06 17.21 -17.98
N GLN D 105 -11.37 17.44 -17.95
CA GLN D 105 -12.01 18.43 -18.87
C GLN D 105 -11.41 19.81 -18.61
N ILE D 106 -11.27 20.17 -17.33
CA ILE D 106 -10.70 21.46 -16.89
C ILE D 106 -9.21 21.47 -17.22
N THR D 107 -8.46 20.43 -16.87
CA THR D 107 -6.98 20.42 -17.01
C THR D 107 -6.62 20.36 -18.50
N HIS D 108 -7.43 19.70 -19.34
CA HIS D 108 -7.18 19.64 -20.79
C HIS D 108 -7.33 21.06 -21.35
N ALA D 109 -8.35 21.77 -20.89
CA ALA D 109 -8.66 23.15 -21.34
C ALA D 109 -7.54 24.10 -20.92
N VAL D 110 -6.97 23.91 -19.73
CA VAL D 110 -5.94 24.83 -19.17
C VAL D 110 -4.56 24.44 -19.70
N LEU D 111 -4.16 23.16 -19.62
CA LEU D 111 -2.75 22.72 -19.80
C LEU D 111 -2.52 22.07 -21.17
N GLY D 112 -3.58 21.70 -21.91
CA GLY D 112 -3.50 21.03 -23.22
C GLY D 112 -3.97 19.58 -23.15
N ALA D 113 -4.44 19.01 -24.27
CA ALA D 113 -4.96 17.62 -24.35
C ALA D 113 -3.88 16.59 -23.96
N ASP D 114 -2.61 16.99 -24.01
CA ASP D 114 -1.44 16.12 -23.74
C ASP D 114 -1.01 16.21 -22.27
N ALA D 115 -1.69 17.03 -21.47
CA ALA D 115 -1.44 17.16 -20.01
C ALA D 115 -1.66 15.79 -19.36
N ARG D 116 -0.88 15.50 -18.33
CA ARG D 116 -0.82 14.16 -17.69
C ARG D 116 -0.74 14.29 -16.15
N ASN D 117 -1.39 13.40 -15.44
CA ASN D 117 -1.27 13.31 -13.97
C ASN D 117 0.04 12.61 -13.68
N ALA D 118 0.84 13.09 -12.72
CA ALA D 118 2.17 12.54 -12.40
C ALA D 118 2.36 12.44 -10.89
N VAL D 119 1.29 12.61 -10.12
CA VAL D 119 1.31 12.49 -8.64
C VAL D 119 0.04 11.76 -8.20
N TYR D 120 0.20 10.77 -7.34
CA TYR D 120 -0.90 10.10 -6.61
C TYR D 120 -0.39 9.93 -5.19
N SER D 121 -0.51 11.00 -4.40
CA SER D 121 0.08 11.12 -3.04
C SER D 121 -0.99 11.64 -2.07
N GLY D 122 -0.59 12.07 -0.87
CA GLY D 122 -1.51 12.54 0.17
C GLY D 122 -0.84 13.29 1.31
N ASN D 123 -1.64 13.95 2.12
CA ASN D 123 -1.21 14.77 3.26
C ASN D 123 -2.09 14.36 4.44
N MET D 124 -1.51 13.66 5.41
CA MET D 124 -2.18 13.34 6.69
C MET D 124 -1.83 14.45 7.69
N ASN D 125 -2.79 15.33 8.00
CA ASN D 125 -2.61 16.42 9.01
C ASN D 125 -3.01 15.90 10.40
N LEU D 126 -2.02 15.62 11.25
CA LEU D 126 -2.27 14.96 12.56
C LEU D 126 -2.74 15.99 13.58
N PRO D 127 -3.51 15.54 14.59
CA PRO D 127 -3.81 16.37 15.77
C PRO D 127 -2.56 16.96 16.43
N GLY D 128 -2.65 18.26 16.73
CA GLY D 128 -1.61 19.06 17.39
C GLY D 128 -0.51 19.42 16.42
N SER D 129 -0.79 19.40 15.11
CA SER D 129 0.18 19.81 14.06
C SER D 129 0.53 21.29 14.24
N HIS D 130 1.66 21.68 13.66
CA HIS D 130 2.20 23.05 13.69
C HIS D 130 1.70 23.80 12.45
N GLU D 131 1.92 25.11 12.44
CA GLU D 131 1.60 26.01 11.31
C GLU D 131 2.74 25.88 10.29
N GLN D 132 2.42 25.52 9.05
CA GLN D 132 3.39 25.56 7.93
C GLN D 132 3.66 27.02 7.57
N PRO D 133 4.84 27.34 7.02
CA PRO D 133 5.04 28.63 6.38
C PRO D 133 4.24 28.71 5.07
N VAL D 134 3.91 29.91 4.62
CA VAL D 134 3.23 30.13 3.31
C VAL D 134 4.21 29.76 2.21
N HIS D 135 3.76 29.03 1.20
CA HIS D 135 4.64 28.47 0.15
C HIS D 135 3.91 28.13 -1.14
N LEU D 136 4.67 27.86 -2.20
CA LEU D 136 4.26 27.18 -3.45
C LEU D 136 4.55 25.70 -3.31
N ASP D 137 3.66 24.84 -3.78
CA ASP D 137 3.96 23.40 -3.93
C ASP D 137 4.89 23.24 -5.15
N GLU D 138 4.68 24.04 -6.19
CA GLU D 138 5.42 23.94 -7.47
C GLU D 138 5.82 25.34 -7.89
N PRO D 139 7.11 25.58 -8.24
CA PRO D 139 7.60 26.94 -8.45
C PRO D 139 7.34 27.49 -9.85
N HIS D 140 7.58 28.78 -9.99
CA HIS D 140 7.66 29.46 -11.31
C HIS D 140 8.93 29.00 -12.03
N LEU D 141 8.84 28.84 -13.35
CA LEU D 141 9.93 28.20 -14.13
C LEU D 141 11.13 29.15 -14.24
N TRP D 142 10.89 30.45 -14.27
CA TRP D 142 11.94 31.49 -14.15
C TRP D 142 11.50 32.54 -13.14
N PRO D 143 12.42 33.16 -12.36
CA PRO D 143 12.09 34.29 -11.50
C PRO D 143 11.88 35.60 -12.26
N GLY D 144 10.90 36.40 -11.83
CA GLY D 144 10.68 37.76 -12.37
C GLY D 144 9.86 37.70 -13.65
N ILE D 145 9.36 36.53 -14.01
CA ILE D 145 8.66 36.30 -15.31
C ILE D 145 7.22 35.89 -15.05
N SER D 146 6.28 36.51 -15.78
CA SER D 146 4.86 36.08 -15.84
C SER D 146 4.74 35.03 -16.94
N HIS D 147 4.27 33.83 -16.61
CA HIS D 147 3.92 32.80 -17.62
C HIS D 147 2.63 32.13 -17.22
N PRO D 148 1.93 31.49 -18.17
CA PRO D 148 0.76 30.68 -17.82
C PRO D 148 1.10 29.55 -16.87
N PRO D 149 0.08 28.88 -16.30
CA PRO D 149 0.30 27.66 -15.52
C PRO D 149 0.87 26.51 -16.35
N TYR D 150 1.69 25.65 -15.71
CA TYR D 150 2.19 24.38 -16.29
C TYR D 150 1.72 23.18 -15.46
N CYS D 151 1.07 23.43 -14.32
CA CYS D 151 0.63 22.36 -13.40
C CYS D 151 -0.57 22.81 -12.57
N LEU D 152 -1.53 21.90 -12.40
CA LEU D 152 -2.71 22.09 -11.51
C LEU D 152 -2.72 20.99 -10.45
N CYS D 153 -2.61 21.37 -9.18
CA CYS D 153 -2.83 20.49 -8.01
C CYS D 153 -4.32 20.13 -7.96
N VAL D 154 -4.64 18.88 -7.72
CA VAL D 154 -6.02 18.36 -7.57
C VAL D 154 -6.13 17.73 -6.19
N ASP D 155 -6.71 18.46 -5.23
CA ASP D 155 -6.77 18.01 -3.82
C ASP D 155 -8.15 17.42 -3.56
N VAL D 156 -8.19 16.24 -2.95
CA VAL D 156 -9.46 15.50 -2.66
C VAL D 156 -9.52 15.24 -1.16
N PRO D 157 -10.26 16.06 -0.37
CA PRO D 157 -10.43 15.77 1.05
C PRO D 157 -11.26 14.50 1.23
N LEU D 158 -10.83 13.66 2.16
CA LEU D 158 -11.43 12.34 2.48
C LEU D 158 -12.22 12.38 3.79
N ILE D 159 -12.29 13.53 4.46
CA ILE D 159 -13.29 13.83 5.53
C ILE D 159 -13.74 15.28 5.34
N ASP D 160 -14.86 15.66 5.92
CA ASP D 160 -15.28 17.08 5.97
C ASP D 160 -14.11 17.86 6.56
N PHE D 161 -13.53 18.77 5.78
CA PHE D 161 -12.52 19.76 6.23
C PHE D 161 -13.24 20.92 6.92
N THR D 162 -12.75 21.28 8.11
CA THR D 162 -13.37 22.28 9.01
C THR D 162 -12.28 23.30 9.37
N LEU D 163 -12.66 24.46 9.88
CA LEU D 163 -11.65 25.43 10.40
C LEU D 163 -10.89 24.77 11.55
N GLU D 164 -11.56 23.91 12.33
CA GLU D 164 -10.97 23.23 13.51
C GLU D 164 -9.87 22.23 13.10
N ASN D 165 -10.10 21.40 12.08
CA ASN D 165 -9.26 20.20 11.82
C ASN D 165 -8.27 20.47 10.68
N GLY D 166 -7.99 21.74 10.35
CA GLY D 166 -6.86 22.11 9.47
C GLY D 166 -7.23 22.17 7.99
N SER D 167 -8.37 22.75 7.66
CA SER D 167 -8.67 23.21 6.29
C SER D 167 -7.59 24.22 5.88
N THR D 168 -7.10 24.11 4.67
CA THR D 168 -5.90 24.83 4.19
C THR D 168 -6.17 26.33 4.02
N GLU D 169 -5.22 27.16 4.47
CA GLU D 169 -5.21 28.62 4.19
C GLU D 169 -4.77 28.82 2.73
N TYR D 170 -5.62 29.45 1.92
CA TYR D 170 -5.35 29.75 0.50
C TYR D 170 -5.21 31.26 0.32
N TRP D 171 -4.31 31.69 -0.56
CA TRP D 171 -4.08 33.11 -0.93
C TRP D 171 -4.55 33.35 -2.36
N PRO D 172 -5.81 33.74 -2.61
CA PRO D 172 -6.33 33.85 -3.97
C PRO D 172 -5.53 34.86 -4.80
N GLY D 173 -5.30 34.54 -6.07
CA GLY D 173 -4.65 35.41 -7.08
C GLY D 173 -3.13 35.38 -6.98
N SER D 174 -2.56 34.65 -6.03
CA SER D 174 -1.11 34.66 -5.72
C SER D 174 -0.33 33.87 -6.76
N HIS D 175 -1.02 33.11 -7.60
CA HIS D 175 -0.38 32.22 -8.60
C HIS D 175 0.31 33.04 -9.70
N VAL D 176 -0.08 34.29 -9.91
CA VAL D 176 0.52 35.13 -11.00
C VAL D 176 1.67 36.00 -10.45
N LEU D 177 1.80 36.09 -9.14
CA LEU D 177 2.85 36.92 -8.48
C LEU D 177 4.17 36.19 -8.58
N ASN D 178 5.22 36.83 -9.08
CA ASN D 178 6.57 36.23 -9.21
C ASN D 178 7.58 37.36 -9.45
N PRO D 179 7.79 38.25 -8.47
CA PRO D 179 8.90 39.21 -8.50
C PRO D 179 10.23 38.51 -8.18
N ASP D 180 11.33 39.27 -8.26
CA ASP D 180 12.70 38.80 -7.94
C ASP D 180 12.84 38.64 -6.43
N GLU D 181 13.66 37.68 -6.02
CA GLU D 181 13.87 37.28 -4.59
C GLU D 181 12.52 37.10 -3.88
N CYS D 182 11.49 36.64 -4.58
CA CYS D 182 10.15 36.38 -3.96
C CYS D 182 10.21 35.14 -3.07
N TYR D 183 10.95 34.10 -3.48
CA TYR D 183 10.76 32.70 -2.99
C TYR D 183 12.11 32.11 -2.57
N ASP D 184 12.12 31.23 -1.57
CA ASP D 184 13.37 30.56 -1.11
C ASP D 184 13.50 29.19 -1.77
N GLU D 185 14.56 28.44 -1.43
CA GLU D 185 14.88 27.14 -2.06
C GLU D 185 13.74 26.13 -1.85
N ARG D 186 13.04 26.20 -0.72
CA ARG D 186 11.94 25.26 -0.40
C ARG D 186 10.62 25.77 -0.96
N GLY D 187 10.62 26.93 -1.63
CA GLY D 187 9.42 27.51 -2.26
C GLY D 187 8.54 28.26 -1.29
N CYS D 188 9.11 28.72 -0.17
CA CYS D 188 8.41 29.57 0.82
C CYS D 188 8.47 31.04 0.37
N VAL D 189 7.34 31.72 0.42
CA VAL D 189 7.23 33.16 0.05
C VAL D 189 7.95 33.96 1.12
N LEU D 190 8.73 34.96 0.72
CA LEU D 190 9.43 35.88 1.66
C LEU D 190 8.41 36.70 2.42
N PRO D 191 8.69 37.03 3.70
CA PRO D 191 7.72 37.74 4.55
C PRO D 191 7.34 39.13 4.03
N ALA D 192 8.29 39.85 3.42
CA ALA D 192 8.04 41.20 2.87
C ALA D 192 6.95 41.10 1.79
N GLU D 193 7.07 40.11 0.91
CA GLU D 193 6.11 39.87 -0.19
C GLU D 193 4.73 39.48 0.36
N LEU D 194 4.69 38.78 1.48
CA LEU D 194 3.40 38.38 2.09
C LEU D 194 2.65 39.62 2.55
N GLU D 195 3.32 40.47 3.33
CA GLU D 195 2.66 41.64 4.00
C GLU D 195 2.21 42.63 2.93
N ARG D 196 3.00 42.80 1.88
CA ARG D 196 2.62 43.58 0.67
C ARG D 196 1.33 43.01 0.09
N ARG D 197 1.26 41.69 -0.03
CA ARG D 197 0.13 40.98 -0.69
C ARG D 197 -1.08 40.95 0.24
N ARG D 198 -0.87 40.81 1.55
CA ARG D 198 -1.98 40.72 2.54
C ARG D 198 -2.83 42.00 2.46
N ALA D 199 -2.18 43.16 2.25
CA ALA D 199 -2.82 44.50 2.12
C ALA D 199 -3.79 44.53 0.93
N VAL D 200 -3.41 43.96 -0.22
CA VAL D 200 -4.24 44.02 -1.46
C VAL D 200 -5.32 42.92 -1.43
N ALA D 201 -4.95 41.70 -1.03
CA ALA D 201 -5.80 40.49 -1.18
C ALA D 201 -5.45 39.46 -0.10
N PRO D 202 -6.04 39.55 1.10
CA PRO D 202 -5.65 38.71 2.23
C PRO D 202 -6.05 37.24 2.05
N PRO D 203 -5.38 36.31 2.75
CA PRO D 203 -5.72 34.88 2.68
C PRO D 203 -7.15 34.58 3.15
N VAL D 204 -7.68 33.45 2.72
CA VAL D 204 -9.00 32.90 3.15
C VAL D 204 -8.80 31.45 3.59
N ARG D 205 -9.68 30.98 4.46
CA ARG D 205 -9.73 29.59 4.96
C ARG D 205 -11.20 29.23 5.12
N PHE D 206 -11.64 28.07 4.61
CA PHE D 206 -13.08 27.73 4.61
C PHE D 206 -13.29 26.22 4.71
N PRO D 207 -14.42 25.77 5.29
CA PRO D 207 -14.79 24.36 5.25
C PRO D 207 -14.94 23.86 3.81
N ILE D 208 -14.59 22.59 3.59
CA ILE D 208 -14.80 21.88 2.29
C ILE D 208 -15.39 20.52 2.61
N PRO D 209 -16.66 20.28 2.24
CA PRO D 209 -17.31 18.98 2.47
C PRO D 209 -16.60 17.85 1.72
N VAL D 210 -16.53 16.67 2.33
CA VAL D 210 -16.03 15.44 1.64
C VAL D 210 -16.88 15.20 0.40
N GLY D 211 -16.27 14.71 -0.67
CA GLY D 211 -16.93 14.55 -1.98
C GLY D 211 -16.62 15.74 -2.89
N SER D 212 -16.17 16.85 -2.29
CA SER D 212 -15.64 18.03 -3.02
C SER D 212 -14.28 17.67 -3.61
N VAL D 213 -13.89 18.37 -4.68
CA VAL D 213 -12.54 18.34 -5.28
C VAL D 213 -12.07 19.78 -5.50
N VAL D 214 -10.91 20.13 -4.97
CA VAL D 214 -10.27 21.45 -5.19
C VAL D 214 -9.25 21.31 -6.31
N ILE D 215 -9.36 22.14 -7.34
CA ILE D 215 -8.32 22.30 -8.39
C ILE D 215 -7.68 23.66 -8.18
N ARG D 216 -6.34 23.74 -8.11
CA ARG D 216 -5.64 25.03 -7.94
C ARG D 216 -4.32 25.02 -8.70
N ASP D 217 -3.86 26.20 -9.07
CA ASP D 217 -2.53 26.41 -9.68
C ASP D 217 -1.50 25.83 -8.71
N GLY D 218 -0.52 25.09 -9.21
CA GLY D 218 0.60 24.59 -8.39
C GLY D 218 1.37 25.72 -7.73
N ARG D 219 1.27 26.94 -8.28
CA ARG D 219 2.08 28.11 -7.87
C ARG D 219 1.33 28.95 -6.85
N LEU D 220 0.08 28.60 -6.55
CA LEU D 220 -0.77 29.34 -5.57
C LEU D 220 -0.14 29.26 -4.19
N TRP D 221 -0.04 30.41 -3.51
CA TRP D 221 0.43 30.47 -2.10
C TRP D 221 -0.61 29.82 -1.22
N HIS D 222 -0.14 29.10 -0.22
CA HIS D 222 -1.02 28.45 0.78
C HIS D 222 -0.15 27.94 1.93
N ARG D 223 -0.78 27.62 3.05
CA ARG D 223 -0.10 26.95 4.18
C ARG D 223 -1.08 25.96 4.82
N GLY D 224 -0.57 24.80 5.19
CA GLY D 224 -1.26 23.90 6.11
C GLY D 224 -1.32 24.53 7.47
N VAL D 225 -2.37 24.25 8.24
CA VAL D 225 -2.55 24.88 9.58
C VAL D 225 -2.88 23.80 10.59
N PRO D 226 -2.71 24.11 11.90
CA PRO D 226 -2.95 23.11 12.94
C PRO D 226 -4.32 22.44 12.85
N ASN D 227 -4.27 21.10 12.85
CA ASN D 227 -5.42 20.20 13.17
C ASN D 227 -5.62 20.22 14.70
N LEU D 228 -6.68 20.88 15.17
CA LEU D 228 -6.99 20.99 16.61
C LEU D 228 -8.14 20.06 16.97
N SER D 229 -8.58 19.21 16.05
CA SER D 229 -9.52 18.10 16.35
C SER D 229 -8.72 16.95 16.96
N ALA D 230 -9.42 15.88 17.34
CA ALA D 230 -8.84 14.68 17.97
C ALA D 230 -8.58 13.59 16.93
N ALA D 231 -8.73 13.90 15.65
CA ALA D 231 -8.70 12.91 14.54
C ALA D 231 -7.77 13.37 13.44
N PRO D 232 -6.98 12.47 12.84
CA PRO D 232 -6.22 12.78 11.63
C PRO D 232 -7.14 13.25 10.48
N ARG D 233 -6.64 14.21 9.70
CA ARG D 233 -7.35 14.82 8.55
C ARG D 233 -6.65 14.39 7.27
N PRO D 234 -7.08 13.28 6.64
CA PRO D 234 -6.51 12.84 5.38
C PRO D 234 -6.93 13.62 4.14
N LEU D 235 -5.97 13.82 3.23
CA LEU D 235 -6.13 14.48 1.90
C LEU D 235 -5.44 13.60 0.85
N LEU D 236 -6.16 13.24 -0.20
CA LEU D 236 -5.56 12.58 -1.39
C LEU D 236 -5.20 13.69 -2.38
N ALA D 237 -4.01 13.62 -2.94
CA ALA D 237 -3.41 14.69 -3.78
C ALA D 237 -2.93 14.14 -5.12
N MET D 238 -3.43 14.71 -6.20
CA MET D 238 -2.86 14.50 -7.54
C MET D 238 -2.41 15.86 -8.07
N THR D 239 -1.60 15.83 -9.12
CA THR D 239 -1.07 17.02 -9.82
C THR D 239 -0.94 16.69 -11.31
N HIS D 240 -1.71 17.36 -12.16
CA HIS D 240 -1.59 17.31 -13.63
C HIS D 240 -0.52 18.31 -14.06
N TYR D 241 0.38 17.90 -14.95
CA TYR D 241 1.44 18.77 -15.52
C TYR D 241 1.31 18.82 -17.05
N THR D 242 1.93 19.79 -17.68
CA THR D 242 2.05 19.81 -19.16
C THR D 242 2.91 18.62 -19.54
N GLU D 243 2.76 18.16 -20.78
CA GLU D 243 3.52 17.04 -21.37
C GLU D 243 5.03 17.29 -21.17
N TRP D 244 5.48 18.54 -21.26
CA TRP D 244 6.92 18.85 -21.44
C TRP D 244 7.63 19.02 -20.09
N PHE D 245 6.89 19.17 -19.00
CA PHE D 245 7.50 19.30 -17.66
C PHE D 245 7.92 17.91 -17.16
N ASP D 246 9.21 17.77 -16.79
CA ASP D 246 9.84 16.49 -16.37
C ASP D 246 9.38 16.10 -14.98
N MET D 247 8.81 14.91 -14.85
CA MET D 247 8.38 14.30 -13.58
C MET D 247 8.72 12.81 -13.62
N PRO D 248 9.03 12.21 -12.45
CA PRO D 248 9.19 10.77 -12.36
C PRO D 248 7.81 10.15 -12.43
N PRO D 249 7.69 8.93 -13.00
CA PRO D 249 6.38 8.30 -13.21
C PRO D 249 5.76 7.77 -11.91
N ILE D 250 4.43 7.60 -11.90
CA ILE D 250 3.71 6.95 -10.76
C ILE D 250 3.85 5.44 -10.91
N GLN D 251 4.33 4.77 -9.86
CA GLN D 251 4.41 3.29 -9.81
C GLN D 251 3.00 2.73 -9.62
N LEU D 252 2.46 2.05 -10.63
CA LEU D 252 1.13 1.40 -10.60
C LEU D 252 1.29 -0.07 -10.95
N PRO D 253 0.39 -0.96 -10.46
CA PRO D 253 0.41 -2.37 -10.88
C PRO D 253 -0.21 -2.61 -12.27
N ASP D 254 0.34 -3.55 -13.05
CA ASP D 254 -0.08 -3.84 -14.46
C ASP D 254 -1.54 -4.30 -14.49
N THR D 255 -2.11 -4.66 -13.33
CA THR D 255 -3.54 -5.04 -13.19
C THR D 255 -4.45 -3.86 -13.57
N VAL D 256 -3.95 -2.61 -13.53
CA VAL D 256 -4.78 -1.40 -13.91
C VAL D 256 -4.36 -0.86 -15.28
N LYS D 257 -3.28 -1.36 -15.87
CA LYS D 257 -2.77 -0.87 -17.17
C LYS D 257 -3.90 -0.88 -18.20
N SER D 258 -4.72 -1.93 -18.22
CA SER D 258 -5.82 -2.12 -19.21
C SER D 258 -6.61 -0.81 -19.39
N TRP D 259 -7.00 -0.16 -18.31
CA TRP D 259 -7.89 1.03 -18.41
C TRP D 259 -7.09 2.32 -18.21
N VAL D 260 -6.04 2.30 -17.38
CA VAL D 260 -5.21 3.51 -17.18
C VAL D 260 -4.49 3.85 -18.49
N ASP D 261 -3.83 2.87 -19.12
CA ASP D 261 -2.97 3.13 -20.29
C ASP D 261 -3.81 3.54 -21.51
N GLY D 262 -4.98 2.93 -21.68
CA GLY D 262 -5.84 3.19 -22.85
C GLY D 262 -6.26 4.65 -22.91
N SER D 263 -6.58 5.22 -21.75
CA SER D 263 -7.34 6.50 -21.63
C SER D 263 -6.61 7.63 -22.34
N ASP D 264 -7.37 8.53 -22.96
CA ASP D 264 -6.85 9.80 -23.52
C ASP D 264 -6.92 10.90 -22.44
N ARG D 265 -7.25 10.51 -21.21
CA ARG D 265 -6.88 11.20 -19.96
C ARG D 265 -5.54 10.63 -19.46
N HIS D 266 -4.44 11.35 -19.70
CA HIS D 266 -3.08 10.73 -19.60
C HIS D 266 -2.62 10.69 -18.14
N THR D 267 -2.00 9.57 -17.77
CA THR D 267 -1.23 9.40 -16.52
C THR D 267 0.23 9.15 -16.91
N HIS D 268 1.21 9.80 -16.27
CA HIS D 268 2.64 9.45 -16.43
C HIS D 268 2.92 8.31 -15.45
N ALA D 269 2.78 7.08 -15.90
CA ALA D 269 2.78 5.87 -15.06
C ALA D 269 3.75 4.85 -15.64
N HIS D 270 4.43 4.14 -14.76
CA HIS D 270 5.24 2.94 -15.09
C HIS D 270 4.59 1.76 -14.35
N PHE D 271 4.31 0.68 -15.08
CA PHE D 271 3.51 -0.47 -14.58
C PHE D 271 4.45 -1.61 -14.15
N VAL D 272 4.27 -2.04 -12.90
CA VAL D 272 5.08 -3.08 -12.24
C VAL D 272 4.23 -4.34 -12.24
N ALA D 273 4.84 -5.50 -12.45
CA ALA D 273 4.21 -6.82 -12.21
C ALA D 273 4.09 -7.03 -10.70
N GLY D 274 2.90 -7.44 -10.24
CA GLY D 274 2.65 -7.76 -8.82
C GLY D 274 2.42 -6.52 -8.00
N ASP D 275 2.49 -6.66 -6.68
CA ASP D 275 2.09 -5.61 -5.71
C ASP D 275 3.17 -4.53 -5.68
N VAL D 276 2.78 -3.30 -5.32
CA VAL D 276 3.70 -2.13 -5.24
C VAL D 276 3.69 -1.61 -3.81
N ASP D 277 4.85 -1.41 -3.21
CA ASP D 277 4.95 -0.98 -1.79
C ASP D 277 4.94 0.54 -1.75
N HIS D 278 3.78 1.15 -1.54
CA HIS D 278 3.61 2.62 -1.72
C HIS D 278 4.31 3.36 -0.60
N LEU D 279 4.46 2.74 0.57
CA LEU D 279 5.22 3.32 1.72
C LEU D 279 6.64 2.76 1.72
N HIS D 283 10.86 9.91 0.71
CA HIS D 283 9.72 10.30 -0.16
C HIS D 283 10.12 11.49 -1.03
N PRO D 284 9.92 11.44 -2.36
CA PRO D 284 10.30 12.53 -3.26
C PRO D 284 9.56 13.84 -3.00
N PHE D 285 8.28 13.76 -2.61
CA PHE D 285 7.32 14.89 -2.70
C PHE D 285 7.28 15.65 -1.38
N ALA D 286 8.02 15.20 -0.37
CA ALA D 286 7.89 15.74 1.00
C ALA D 286 9.01 16.75 1.24
N VAL D 287 8.66 17.94 1.72
CA VAL D 287 9.59 19.11 1.78
C VAL D 287 9.90 19.42 3.25
N ARG D 288 11.12 19.19 3.70
CA ARG D 288 11.45 19.11 5.14
C ARG D 288 11.67 20.52 5.71
N LEU E 6 8.45 2.42 -40.80
CA LEU E 6 8.01 1.29 -39.96
C LEU E 6 8.64 -0.04 -40.42
N ALA E 7 8.89 -0.92 -39.44
CA ALA E 7 9.55 -2.25 -39.65
C ALA E 7 8.49 -3.37 -39.57
N ALA E 8 7.30 -3.07 -39.05
CA ALA E 8 6.16 -4.02 -38.97
C ALA E 8 4.86 -3.22 -38.87
N PRO E 9 3.69 -3.89 -38.97
CA PRO E 9 2.41 -3.17 -38.98
C PRO E 9 2.21 -2.56 -37.60
N PRO E 10 1.83 -1.27 -37.51
CA PRO E 10 1.70 -0.60 -36.21
C PRO E 10 0.61 -1.25 -35.33
N GLY E 11 0.90 -1.41 -34.03
CA GLY E 11 0.02 -2.09 -33.06
C GLY E 11 -1.37 -1.51 -33.00
N GLU E 12 -1.52 -0.21 -33.28
CA GLU E 12 -2.83 0.52 -33.29
C GLU E 12 -3.78 -0.14 -34.29
N LEU E 13 -3.23 -0.69 -35.38
CA LEU E 13 -3.98 -1.17 -36.57
C LEU E 13 -3.96 -2.70 -36.62
N THR E 14 -3.23 -3.36 -35.73
CA THR E 14 -2.89 -4.79 -35.85
C THR E 14 -3.68 -5.59 -34.81
N LEU E 15 -3.99 -6.83 -35.16
CA LEU E 15 -4.60 -7.82 -34.27
C LEU E 15 -3.94 -9.17 -34.60
N ALA E 16 -3.20 -9.73 -33.65
CA ALA E 16 -2.36 -10.93 -33.86
C ALA E 16 -3.18 -12.19 -33.62
N LEU E 17 -3.07 -13.17 -34.51
CA LEU E 17 -3.88 -14.41 -34.47
C LEU E 17 -2.99 -15.59 -34.85
N THR E 18 -3.52 -16.80 -34.65
CA THR E 18 -3.05 -18.07 -35.25
C THR E 18 -4.07 -18.47 -36.31
N PRO E 19 -3.69 -19.32 -37.30
CA PRO E 19 -4.66 -19.84 -38.26
C PRO E 19 -5.83 -20.63 -37.65
N ASP E 20 -5.64 -21.27 -36.49
CA ASP E 20 -6.68 -22.10 -35.81
C ASP E 20 -7.80 -21.22 -35.22
N ASP E 21 -7.52 -19.95 -34.90
CA ASP E 21 -8.53 -19.01 -34.34
C ASP E 21 -9.72 -18.92 -35.29
N LYS E 22 -10.91 -19.34 -34.83
CA LYS E 22 -12.14 -19.37 -35.67
C LYS E 22 -13.06 -18.19 -35.32
N THR E 23 -12.97 -17.63 -34.13
CA THR E 23 -13.72 -16.39 -33.77
C THR E 23 -12.90 -15.54 -32.81
N LEU E 24 -13.19 -14.24 -32.79
CA LEU E 24 -12.63 -13.28 -31.80
C LEU E 24 -13.58 -13.21 -30.61
N ASP E 25 -13.04 -13.20 -29.38
CA ASP E 25 -13.84 -12.95 -28.16
C ASP E 25 -14.43 -11.55 -28.26
N PRO E 26 -15.58 -11.28 -27.62
CA PRO E 26 -16.24 -9.98 -27.75
C PRO E 26 -15.31 -8.77 -27.58
N ALA E 27 -14.31 -8.84 -26.70
CA ALA E 27 -13.38 -7.72 -26.40
C ALA E 27 -12.48 -7.46 -27.63
N SER E 28 -12.02 -8.53 -28.29
CA SER E 28 -11.18 -8.47 -29.53
C SER E 28 -12.00 -7.91 -30.70
N LEU E 29 -13.24 -8.37 -30.87
CA LEU E 29 -14.12 -7.92 -31.97
C LEU E 29 -14.41 -6.43 -31.82
N ASP E 30 -14.77 -5.96 -30.62
CA ASP E 30 -15.07 -4.53 -30.34
C ASP E 30 -13.86 -3.69 -30.72
N ARG E 31 -12.65 -4.18 -30.45
CA ARG E 31 -11.39 -3.49 -30.79
C ARG E 31 -11.23 -3.42 -32.32
N ALA E 32 -11.42 -4.55 -33.01
CA ALA E 32 -11.31 -4.64 -34.48
C ALA E 32 -12.23 -3.59 -35.12
N LEU E 33 -13.52 -3.59 -34.74
CA LEU E 33 -14.54 -2.60 -35.16
C LEU E 33 -14.11 -1.16 -34.83
N ALA E 34 -13.53 -0.93 -33.65
CA ALA E 34 -13.08 0.41 -33.19
C ALA E 34 -11.94 0.90 -34.09
N ILE E 35 -11.11 -0.02 -34.59
CA ILE E 35 -9.97 0.29 -35.50
C ILE E 35 -10.52 0.64 -36.89
N LEU E 36 -11.46 -0.16 -37.40
CA LEU E 36 -12.06 0.06 -38.74
C LEU E 36 -12.85 1.37 -38.74
N ALA E 37 -13.50 1.69 -37.62
CA ALA E 37 -14.24 2.96 -37.46
C ALA E 37 -13.26 4.15 -37.47
N GLU E 38 -12.21 4.09 -36.65
CA GLU E 38 -11.34 5.27 -36.43
C GLU E 38 -10.38 5.40 -37.62
N HIS E 39 -9.67 4.33 -37.95
CA HIS E 39 -8.51 4.35 -38.87
C HIS E 39 -8.88 3.89 -40.29
N GLY E 40 -9.91 3.04 -40.43
CA GLY E 40 -10.41 2.60 -41.75
C GLY E 40 -9.61 1.43 -42.31
N ILE E 41 -8.68 0.88 -41.53
CA ILE E 41 -7.82 -0.26 -41.97
C ILE E 41 -7.37 -1.05 -40.75
N LEU E 42 -7.42 -2.37 -40.87
CA LEU E 42 -7.12 -3.35 -39.80
C LEU E 42 -6.22 -4.44 -40.38
N VAL E 43 -5.08 -4.72 -39.78
CA VAL E 43 -4.17 -5.80 -40.23
C VAL E 43 -4.31 -6.99 -39.29
N LEU E 44 -4.63 -8.18 -39.82
CA LEU E 44 -4.74 -9.45 -39.04
C LEU E 44 -3.51 -10.30 -39.38
N THR E 45 -2.57 -10.43 -38.46
CA THR E 45 -1.34 -11.25 -38.66
C THR E 45 -1.66 -12.70 -38.30
N GLY E 46 -1.05 -13.65 -39.02
CA GLY E 46 -1.12 -15.09 -38.73
C GLY E 46 -2.48 -15.71 -39.02
N MET E 47 -3.17 -15.26 -40.08
CA MET E 47 -4.54 -15.71 -40.41
C MET E 47 -4.51 -16.99 -41.26
N LEU E 48 -3.57 -17.11 -42.21
CA LEU E 48 -3.56 -18.20 -43.21
C LEU E 48 -2.28 -19.03 -43.10
N ARG E 49 -2.43 -20.33 -43.32
CA ARG E 49 -1.35 -21.36 -43.29
C ARG E 49 -0.47 -21.22 -44.55
N THR E 50 0.81 -21.57 -44.43
CA THR E 50 1.80 -21.60 -45.54
C THR E 50 1.28 -22.48 -46.68
N ARG E 51 0.68 -23.63 -46.36
CA ARG E 51 0.20 -24.58 -47.39
C ARG E 51 -0.74 -23.87 -48.37
N LEU E 52 -1.57 -22.91 -47.92
CA LEU E 52 -2.50 -22.17 -48.82
C LEU E 52 -1.77 -21.06 -49.58
N THR E 53 -1.15 -20.12 -48.87
CA THR E 53 -0.48 -18.95 -49.49
C THR E 53 0.51 -19.46 -50.55
N ASP E 54 1.25 -20.53 -50.25
CA ASP E 54 2.25 -21.13 -51.19
C ASP E 54 1.57 -21.52 -52.50
N GLN E 55 0.49 -22.31 -52.44
CA GLN E 55 -0.21 -22.81 -53.65
C GLN E 55 -0.73 -21.61 -54.47
N LEU E 56 -1.33 -20.62 -53.79
CA LEU E 56 -1.94 -19.42 -54.42
C LEU E 56 -0.84 -18.56 -55.06
N ARG E 57 0.25 -18.32 -54.33
CA ARG E 57 1.41 -17.57 -54.86
C ARG E 57 1.91 -18.25 -56.14
N THR E 58 2.18 -19.56 -56.07
CA THR E 58 2.70 -20.38 -57.20
C THR E 58 1.74 -20.28 -58.38
N ALA E 59 0.44 -20.46 -58.16
CA ALA E 59 -0.60 -20.49 -59.22
C ALA E 59 -0.60 -19.17 -60.00
N MET E 60 -0.47 -18.04 -59.30
CA MET E 60 -0.59 -16.68 -59.88
C MET E 60 0.70 -16.31 -60.63
N LEU E 61 1.87 -16.66 -60.08
CA LEU E 61 3.16 -16.43 -60.78
C LEU E 61 3.23 -17.32 -62.03
N ASP E 62 2.65 -18.52 -61.99
CA ASP E 62 2.59 -19.45 -63.14
C ASP E 62 1.70 -18.85 -64.24
N ASP E 63 0.62 -18.14 -63.87
CA ASP E 63 -0.35 -17.57 -64.84
C ASP E 63 0.17 -16.23 -65.43
N LEU E 64 1.09 -15.55 -64.74
CA LEU E 64 1.50 -14.17 -65.10
C LEU E 64 2.03 -14.12 -66.53
N PRO E 65 2.85 -15.09 -66.99
CA PRO E 65 3.27 -15.11 -68.40
C PRO E 65 2.08 -15.07 -69.38
N GLU E 66 1.05 -15.89 -69.16
CA GLU E 66 -0.13 -15.95 -70.06
C GLU E 66 -0.88 -14.61 -70.01
N VAL E 67 -0.87 -13.91 -68.86
CA VAL E 67 -1.52 -12.58 -68.68
C VAL E 67 -0.77 -11.54 -69.52
N LEU E 68 0.56 -11.55 -69.50
CA LEU E 68 1.40 -10.51 -70.16
C LEU E 68 1.46 -10.77 -71.67
N ARG E 69 1.14 -11.98 -72.14
CA ARG E 69 1.08 -12.34 -73.59
C ARG E 69 -0.14 -11.68 -74.23
N GLN E 70 -1.23 -11.44 -73.49
CA GLN E 70 -2.51 -10.85 -73.96
C GLN E 70 -2.27 -9.59 -74.81
N GLN E 71 -3.16 -9.38 -75.79
CA GLN E 71 -3.20 -8.21 -76.70
C GLN E 71 -3.09 -6.93 -75.87
N ASP E 72 -4.07 -6.71 -74.98
CA ASP E 72 -4.10 -5.54 -74.06
C ASP E 72 -4.00 -6.04 -72.61
N VAL E 73 -2.91 -5.71 -71.92
CA VAL E 73 -2.67 -6.08 -70.50
C VAL E 73 -3.39 -5.06 -69.63
N PRO E 74 -4.37 -5.47 -68.82
CA PRO E 74 -5.19 -4.54 -68.06
C PRO E 74 -4.40 -4.01 -66.86
N THR E 75 -4.16 -2.71 -66.81
CA THR E 75 -3.42 -2.06 -65.70
C THR E 75 -4.37 -1.16 -64.92
N ASN E 76 -4.09 -0.95 -63.64
CA ASN E 76 -4.83 0.04 -62.80
C ASN E 76 -4.02 1.34 -62.77
N PHE E 77 -4.54 2.39 -63.42
CA PHE E 77 -4.04 3.79 -63.42
C PHE E 77 -2.75 3.94 -64.23
N VAL E 78 -1.67 3.26 -63.86
CA VAL E 78 -0.30 3.49 -64.41
C VAL E 78 0.35 2.14 -64.69
N PRO E 79 1.39 2.09 -65.53
CA PRO E 79 2.02 0.84 -65.94
C PRO E 79 2.61 0.07 -64.76
N GLY E 80 2.50 -1.27 -64.77
CA GLY E 80 3.17 -2.15 -63.81
C GLY E 80 2.22 -2.63 -62.73
N HIS E 81 1.01 -2.08 -62.72
CA HIS E 81 -0.05 -2.49 -61.75
C HIS E 81 -1.08 -3.29 -62.51
N VAL E 82 -0.80 -4.58 -62.71
CA VAL E 82 -1.62 -5.49 -63.55
C VAL E 82 -2.80 -5.98 -62.72
N GLN E 83 -4.02 -5.96 -63.28
CA GLN E 83 -5.16 -6.69 -62.72
C GLN E 83 -5.02 -8.16 -63.16
N GLN E 84 -4.97 -9.08 -62.21
CA GLN E 84 -4.90 -10.54 -62.50
C GLN E 84 -5.80 -11.28 -61.52
N ASP E 85 -6.84 -11.94 -62.02
CA ASP E 85 -7.75 -12.77 -61.19
C ASP E 85 -7.01 -14.05 -60.83
N PRO E 86 -7.07 -14.53 -59.57
CA PRO E 86 -6.52 -15.85 -59.24
C PRO E 86 -7.42 -16.90 -59.89
N PRO E 87 -6.98 -18.17 -59.98
CA PRO E 87 -7.77 -19.20 -60.63
C PRO E 87 -8.96 -19.62 -59.74
N VAL E 88 -10.06 -20.01 -60.39
CA VAL E 88 -11.30 -20.53 -59.75
C VAL E 88 -11.44 -22.02 -60.09
N ARG E 89 -10.36 -22.77 -59.94
CA ARG E 89 -10.32 -24.23 -60.04
C ARG E 89 -10.62 -24.82 -58.66
N GLU E 90 -11.47 -25.85 -58.61
CA GLU E 90 -11.87 -26.56 -57.36
C GLU E 90 -10.68 -26.61 -56.39
N SER E 91 -9.49 -27.00 -56.87
CA SER E 91 -8.29 -27.33 -56.05
C SER E 91 -7.64 -26.08 -55.44
N LEU E 92 -7.88 -24.88 -56.00
CA LEU E 92 -7.25 -23.61 -55.53
C LEU E 92 -8.33 -22.67 -54.96
N LEU E 93 -9.52 -23.21 -54.66
CA LEU E 93 -10.58 -22.45 -53.94
C LEU E 93 -10.72 -23.02 -52.53
N PHE E 94 -10.04 -22.39 -51.57
CA PHE E 94 -9.98 -22.84 -50.16
C PHE E 94 -11.02 -22.08 -49.34
N PRO E 95 -11.85 -22.79 -48.53
CA PRO E 95 -12.79 -22.14 -47.63
C PRO E 95 -12.16 -21.15 -46.63
N ASP E 96 -10.95 -21.40 -46.15
CA ASP E 96 -10.29 -20.48 -45.19
C ASP E 96 -9.92 -19.16 -45.86
N VAL E 97 -9.98 -19.08 -47.19
CA VAL E 97 -9.65 -17.84 -47.94
C VAL E 97 -10.96 -17.15 -48.37
N LEU E 98 -11.85 -17.86 -49.07
CA LEU E 98 -13.13 -17.27 -49.58
C LEU E 98 -14.08 -16.96 -48.43
N LEU E 99 -14.25 -17.94 -47.54
CA LEU E 99 -15.21 -17.96 -46.41
C LEU E 99 -14.43 -18.01 -45.08
N ASN E 100 -13.47 -17.11 -44.89
CA ASN E 100 -12.68 -17.10 -43.64
C ASN E 100 -13.61 -16.73 -42.49
N PRO E 101 -13.67 -17.52 -41.40
CA PRO E 101 -14.65 -17.29 -40.34
C PRO E 101 -14.40 -16.01 -39.52
N VAL E 102 -13.14 -15.61 -39.37
CA VAL E 102 -12.77 -14.36 -38.63
C VAL E 102 -13.09 -13.15 -39.49
N VAL E 103 -12.78 -13.22 -40.79
CA VAL E 103 -13.03 -12.09 -41.70
C VAL E 103 -14.54 -11.81 -41.70
N TYR E 104 -15.34 -12.84 -41.98
CA TYR E 104 -16.83 -12.72 -42.05
C TYR E 104 -17.41 -12.30 -40.70
N GLN E 105 -16.77 -12.68 -39.58
CA GLN E 105 -17.23 -12.24 -38.24
C GLN E 105 -17.15 -10.71 -38.15
N ILE E 106 -16.05 -10.15 -38.63
CA ILE E 106 -15.81 -8.68 -38.66
C ILE E 106 -16.80 -8.05 -39.66
N THR E 107 -16.89 -8.57 -40.87
CA THR E 107 -17.72 -7.94 -41.94
C THR E 107 -19.21 -8.07 -41.60
N HIS E 108 -19.63 -9.14 -40.93
CA HIS E 108 -21.04 -9.30 -40.48
C HIS E 108 -21.35 -8.20 -39.46
N ALA E 109 -20.42 -7.96 -38.54
CA ALA E 109 -20.58 -6.97 -37.46
C ALA E 109 -20.64 -5.57 -38.05
N VAL E 110 -19.89 -5.30 -39.12
CA VAL E 110 -19.80 -3.94 -39.72
C VAL E 110 -20.93 -3.74 -40.72
N LEU E 111 -21.15 -4.67 -41.64
CA LEU E 111 -22.01 -4.47 -42.84
C LEU E 111 -23.39 -5.15 -42.68
N GLY E 112 -23.56 -6.07 -41.72
CA GLY E 112 -24.83 -6.81 -41.48
C GLY E 112 -24.69 -8.28 -41.83
N ALA E 113 -25.50 -9.15 -41.21
CA ALA E 113 -25.39 -10.62 -41.37
C ALA E 113 -25.67 -11.05 -42.82
N ASP E 114 -26.26 -10.18 -43.64
CA ASP E 114 -26.58 -10.47 -45.06
C ASP E 114 -25.45 -10.01 -45.99
N ALA E 115 -24.38 -9.44 -45.45
CA ALA E 115 -23.20 -8.97 -46.22
C ALA E 115 -22.59 -10.14 -46.97
N ARG E 116 -22.08 -9.88 -48.16
CA ARG E 116 -21.65 -10.92 -49.12
C ARG E 116 -20.35 -10.48 -49.82
N ASN E 117 -19.48 -11.45 -50.09
CA ASN E 117 -18.28 -11.21 -50.91
C ASN E 117 -18.72 -11.21 -52.36
N ALA E 118 -18.24 -10.27 -53.17
CA ALA E 118 -18.65 -10.12 -54.59
C ALA E 118 -17.44 -9.88 -55.49
N VAL E 119 -16.24 -10.05 -54.95
CA VAL E 119 -14.97 -9.89 -55.71
C VAL E 119 -14.02 -11.02 -55.32
N TYR E 120 -13.42 -11.67 -56.31
CA TYR E 120 -12.29 -12.63 -56.14
C TYR E 120 -11.31 -12.30 -57.26
N SER E 121 -10.47 -11.29 -57.03
CA SER E 121 -9.55 -10.71 -58.03
C SER E 121 -8.14 -10.60 -57.45
N GLY E 122 -7.23 -9.89 -58.14
CA GLY E 122 -5.85 -9.71 -57.66
C GLY E 122 -5.12 -8.56 -58.32
N ASN E 123 -3.99 -8.17 -57.73
CA ASN E 123 -3.13 -7.05 -58.20
C ASN E 123 -1.71 -7.59 -58.23
N MET E 124 -1.18 -7.84 -59.42
CA MET E 124 0.25 -8.19 -59.64
C MET E 124 1.04 -6.91 -59.85
N ASN E 125 1.81 -6.47 -58.85
CA ASN E 125 2.67 -5.26 -58.92
C ASN E 125 4.05 -5.67 -59.47
N LEU E 126 4.32 -5.37 -60.74
CA LEU E 126 5.53 -5.85 -61.43
C LEU E 126 6.71 -4.96 -61.05
N PRO E 127 7.93 -5.53 -61.11
CA PRO E 127 9.16 -4.73 -61.04
C PRO E 127 9.18 -3.55 -62.01
N GLY E 128 9.57 -2.39 -61.48
CA GLY E 128 9.71 -1.13 -62.23
C GLY E 128 8.36 -0.49 -62.49
N SER E 129 7.35 -0.83 -61.68
CA SER E 129 6.01 -0.23 -61.76
C SER E 129 6.10 1.26 -61.43
N HIS E 130 5.07 2.00 -61.84
CA HIS E 130 4.96 3.47 -61.64
C HIS E 130 4.17 3.71 -60.35
N GLU E 131 4.16 4.96 -59.90
CA GLU E 131 3.38 5.42 -58.72
C GLU E 131 1.94 5.63 -59.18
N GLN E 132 0.99 4.96 -58.54
CA GLN E 132 -0.46 5.21 -58.75
C GLN E 132 -0.80 6.56 -58.12
N PRO E 133 -1.82 7.28 -58.62
CA PRO E 133 -2.38 8.40 -57.87
C PRO E 133 -3.13 7.87 -56.64
N VAL E 134 -3.27 8.70 -55.60
CA VAL E 134 -4.05 8.35 -54.38
C VAL E 134 -5.51 8.29 -54.78
N HIS E 135 -6.25 7.27 -54.33
CA HIS E 135 -7.64 7.02 -54.79
C HIS E 135 -8.46 6.19 -53.81
N LEU E 136 -9.77 6.14 -54.06
CA LEU E 136 -10.74 5.18 -53.50
C LEU E 136 -10.88 4.01 -54.46
N ASP E 137 -10.93 2.79 -53.96
CA ASP E 137 -11.31 1.62 -54.77
C ASP E 137 -12.82 1.68 -55.00
N GLU E 138 -13.58 2.13 -54.00
CA GLU E 138 -15.06 2.17 -54.04
C GLU E 138 -15.52 3.53 -53.52
N PRO E 139 -16.40 4.25 -54.24
CA PRO E 139 -16.71 5.63 -53.89
C PRO E 139 -17.78 5.78 -52.81
N HIS E 140 -17.98 7.00 -52.35
CA HIS E 140 -19.12 7.36 -51.47
C HIS E 140 -20.39 7.38 -52.33
N LEU E 141 -21.53 7.02 -51.75
CA LEU E 141 -22.80 6.89 -52.50
C LEU E 141 -23.28 8.24 -53.03
N TRP E 142 -23.12 9.30 -52.24
CA TRP E 142 -23.41 10.69 -52.68
C TRP E 142 -22.23 11.56 -52.32
N PRO E 143 -21.90 12.62 -53.11
CA PRO E 143 -20.93 13.63 -52.70
C PRO E 143 -21.44 14.45 -51.50
N GLY E 144 -20.55 14.84 -50.60
CA GLY E 144 -20.84 15.88 -49.60
C GLY E 144 -21.52 15.31 -48.39
N ILE E 145 -21.63 13.99 -48.31
CA ILE E 145 -22.48 13.28 -47.32
C ILE E 145 -21.60 12.31 -46.52
N SER E 146 -21.74 12.35 -45.19
CA SER E 146 -21.16 11.33 -44.28
C SER E 146 -22.12 10.17 -44.16
N HIS E 147 -21.69 8.95 -44.47
CA HIS E 147 -22.48 7.72 -44.18
C HIS E 147 -21.56 6.63 -43.70
N PRO E 148 -22.09 5.61 -43.00
CA PRO E 148 -21.27 4.44 -42.64
C PRO E 148 -20.73 3.73 -43.87
N PRO E 149 -19.80 2.76 -43.67
CA PRO E 149 -19.33 1.92 -44.75
C PRO E 149 -20.44 1.02 -45.33
N TYR E 150 -20.35 0.73 -46.64
CA TYR E 150 -21.20 -0.25 -47.36
C TYR E 150 -20.35 -1.37 -47.95
N CYS E 151 -19.03 -1.27 -47.88
CA CYS E 151 -18.08 -2.27 -48.45
C CYS E 151 -16.75 -2.24 -47.70
N LEU E 152 -16.19 -3.43 -47.48
CA LEU E 152 -14.84 -3.65 -46.89
C LEU E 152 -13.99 -4.46 -47.86
N CYS E 153 -12.88 -3.88 -48.32
CA CYS E 153 -11.83 -4.59 -49.11
C CYS E 153 -11.13 -5.56 -48.17
N VAL E 154 -10.86 -6.77 -48.65
CA VAL E 154 -10.13 -7.83 -47.91
C VAL E 154 -8.91 -8.20 -48.76
N ASP E 155 -7.74 -7.64 -48.44
CA ASP E 155 -6.49 -7.82 -49.24
C ASP E 155 -5.66 -8.92 -48.60
N VAL E 156 -5.19 -9.89 -49.39
CA VAL E 156 -4.40 -11.05 -48.90
C VAL E 156 -3.08 -11.07 -49.64
N PRO E 157 -1.98 -10.55 -49.07
CA PRO E 157 -0.67 -10.64 -49.69
C PRO E 157 -0.23 -12.12 -49.74
N LEU E 158 0.34 -12.51 -50.90
CA LEU E 158 0.79 -13.89 -51.20
C LEU E 158 2.33 -13.98 -51.16
N ILE E 159 3.03 -12.89 -50.85
CA ILE E 159 4.46 -12.89 -50.44
C ILE E 159 4.62 -11.87 -49.32
N ASP E 160 5.70 -11.95 -48.55
CA ASP E 160 6.05 -10.87 -47.59
C ASP E 160 6.08 -9.56 -48.38
N PHE E 161 5.19 -8.63 -48.06
CA PHE E 161 5.18 -7.23 -48.56
C PHE E 161 6.22 -6.45 -47.77
N THR E 162 7.05 -5.69 -48.49
CA THR E 162 8.20 -4.93 -47.95
C THR E 162 8.05 -3.50 -48.48
N LEU E 163 8.75 -2.55 -47.89
CA LEU E 163 8.77 -1.16 -48.43
C LEU E 163 9.38 -1.20 -49.83
N GLU E 164 10.32 -2.11 -50.07
CA GLU E 164 11.05 -2.25 -51.37
C GLU E 164 10.09 -2.72 -52.49
N ASN E 165 9.25 -3.73 -52.24
CA ASN E 165 8.53 -4.44 -53.33
C ASN E 165 7.09 -3.95 -53.46
N GLY E 166 6.76 -2.77 -52.93
CA GLY E 166 5.49 -2.07 -53.22
C GLY E 166 4.37 -2.44 -52.25
N SER E 167 4.67 -2.51 -50.96
CA SER E 167 3.65 -2.49 -49.87
C SER E 167 2.85 -1.21 -50.04
N THR E 168 1.52 -1.31 -49.91
CA THR E 168 0.58 -0.22 -50.27
C THR E 168 0.67 0.95 -49.29
N GLU E 169 0.68 2.17 -49.82
CA GLU E 169 0.55 3.42 -49.02
C GLU E 169 -0.92 3.55 -48.62
N TYR E 170 -1.19 3.59 -47.32
CA TYR E 170 -2.55 3.72 -46.75
C TYR E 170 -2.64 5.08 -46.05
N TRP E 171 -3.82 5.72 -46.15
CA TRP E 171 -4.11 7.02 -45.50
C TRP E 171 -5.10 6.82 -44.35
N PRO E 172 -4.66 6.61 -43.10
CA PRO E 172 -5.57 6.29 -42.01
C PRO E 172 -6.62 7.39 -41.80
N GLY E 173 -7.86 6.98 -41.51
CA GLY E 173 -8.99 7.87 -41.18
C GLY E 173 -9.63 8.52 -42.39
N SER E 174 -9.13 8.28 -43.60
CA SER E 174 -9.54 9.00 -44.84
C SER E 174 -10.88 8.47 -45.33
N HIS E 175 -11.33 7.35 -44.77
CA HIS E 175 -12.57 6.67 -45.23
C HIS E 175 -13.82 7.49 -44.87
N VAL E 176 -13.73 8.40 -43.91
CA VAL E 176 -14.91 9.21 -43.48
C VAL E 176 -14.91 10.58 -44.19
N LEU E 177 -13.82 10.94 -44.85
CA LEU E 177 -13.68 12.24 -45.56
C LEU E 177 -14.48 12.14 -46.85
N ASN E 178 -15.36 13.10 -47.13
CA ASN E 178 -16.11 13.17 -48.41
C ASN E 178 -16.67 14.59 -48.55
N PRO E 179 -15.80 15.60 -48.73
CA PRO E 179 -16.25 16.94 -49.09
C PRO E 179 -16.64 17.00 -50.57
N ASP E 180 -17.19 18.14 -51.00
CA ASP E 180 -17.62 18.40 -52.39
C ASP E 180 -16.39 18.59 -53.29
N GLU E 181 -16.51 18.20 -54.56
CA GLU E 181 -15.44 18.27 -55.59
C GLU E 181 -14.13 17.69 -55.06
N CYS E 182 -14.20 16.58 -54.30
CA CYS E 182 -13.03 15.92 -53.67
C CYS E 182 -12.44 14.85 -54.60
N TYR E 183 -13.30 14.12 -55.32
CA TYR E 183 -12.90 12.90 -56.05
C TYR E 183 -13.21 13.04 -57.54
N ASP E 184 -12.28 12.62 -58.40
CA ASP E 184 -12.51 12.59 -59.87
C ASP E 184 -13.23 11.28 -60.25
N GLU E 185 -13.61 11.14 -61.51
CA GLU E 185 -14.48 10.04 -62.01
C GLU E 185 -13.76 8.68 -61.87
N ARG E 186 -12.44 8.67 -61.98
CA ARG E 186 -11.61 7.45 -61.71
C ARG E 186 -11.61 7.09 -60.22
N GLY E 187 -11.82 8.07 -59.34
CA GLY E 187 -11.90 7.80 -57.88
C GLY E 187 -10.72 8.40 -57.17
N CYS E 188 -9.96 9.21 -57.90
CA CYS E 188 -8.68 9.82 -57.43
C CYS E 188 -8.99 11.05 -56.58
N VAL E 189 -8.31 11.17 -55.43
CA VAL E 189 -8.42 12.34 -54.52
C VAL E 189 -7.72 13.51 -55.23
N LEU E 190 -8.37 14.67 -55.25
CA LEU E 190 -7.75 15.93 -55.74
C LEU E 190 -6.51 16.28 -54.93
N PRO E 191 -5.47 16.85 -55.57
CA PRO E 191 -4.21 17.13 -54.88
C PRO E 191 -4.33 18.16 -53.74
N ALA E 192 -5.22 19.15 -53.86
CA ALA E 192 -5.48 20.14 -52.79
C ALA E 192 -5.90 19.42 -51.50
N GLU E 193 -6.85 18.49 -51.61
CA GLU E 193 -7.44 17.75 -50.46
C GLU E 193 -6.41 16.80 -49.86
N LEU E 194 -5.42 16.34 -50.66
CA LEU E 194 -4.33 15.48 -50.15
C LEU E 194 -3.46 16.28 -49.19
N GLU E 195 -3.00 17.46 -49.62
CA GLU E 195 -1.99 18.26 -48.89
C GLU E 195 -2.63 18.77 -47.59
N ARG E 196 -3.90 19.18 -47.64
CA ARG E 196 -4.68 19.53 -46.43
C ARG E 196 -4.68 18.35 -45.47
N ARG E 197 -4.92 17.15 -45.98
CA ARG E 197 -5.07 15.91 -45.16
C ARG E 197 -3.70 15.42 -44.68
N ARG E 198 -2.64 15.58 -45.48
CA ARG E 198 -1.27 15.13 -45.10
C ARG E 198 -0.84 15.85 -43.83
N ALA E 199 -1.18 17.12 -43.68
CA ALA E 199 -0.89 17.97 -42.50
C ALA E 199 -1.53 17.39 -41.23
N VAL E 200 -2.78 16.91 -41.29
CA VAL E 200 -3.52 16.41 -40.10
C VAL E 200 -3.12 14.96 -39.80
N ALA E 201 -3.03 14.10 -40.82
CA ALA E 201 -2.88 12.63 -40.68
C ALA E 201 -2.17 12.06 -41.91
N PRO E 202 -0.81 12.06 -41.92
CA PRO E 202 -0.05 11.67 -43.11
C PRO E 202 -0.15 10.18 -43.41
N PRO E 203 0.07 9.77 -44.68
CA PRO E 203 0.03 8.37 -45.06
C PRO E 203 1.07 7.51 -44.31
N VAL E 204 0.80 6.21 -44.22
CA VAL E 204 1.71 5.21 -43.61
C VAL E 204 1.90 4.07 -44.61
N ARG E 205 3.06 3.44 -44.54
CA ARG E 205 3.47 2.33 -45.43
C ARG E 205 4.32 1.41 -44.57
N PHE E 206 4.02 0.11 -44.54
CA PHE E 206 4.67 -0.83 -43.60
C PHE E 206 4.73 -2.23 -44.20
N PRO E 207 5.74 -3.05 -43.83
CA PRO E 207 5.76 -4.46 -44.19
C PRO E 207 4.52 -5.19 -43.68
N ILE E 208 4.05 -6.16 -44.46
CA ILE E 208 2.94 -7.07 -44.09
C ILE E 208 3.39 -8.48 -44.42
N PRO E 209 3.66 -9.32 -43.39
CA PRO E 209 4.06 -10.70 -43.61
C PRO E 209 2.99 -11.51 -44.35
N VAL E 210 3.39 -12.41 -45.23
CA VAL E 210 2.49 -13.40 -45.89
C VAL E 210 1.80 -14.20 -44.78
N GLY E 211 0.53 -14.54 -44.99
CA GLY E 211 -0.33 -15.18 -43.97
C GLY E 211 -1.18 -14.14 -43.28
N SER E 212 -0.81 -12.86 -43.38
CA SER E 212 -1.62 -11.71 -42.91
C SER E 212 -2.82 -11.54 -43.82
N VAL E 213 -3.88 -10.94 -43.29
CA VAL E 213 -5.07 -10.46 -44.04
C VAL E 213 -5.38 -9.04 -43.61
N VAL E 214 -5.43 -8.11 -44.56
CA VAL E 214 -5.77 -6.69 -44.29
C VAL E 214 -7.25 -6.50 -44.63
N ILE E 215 -8.03 -6.00 -43.69
CA ILE E 215 -9.44 -5.53 -43.94
C ILE E 215 -9.43 -4.01 -43.87
N ARG E 216 -10.02 -3.33 -44.86
CA ARG E 216 -10.08 -1.84 -44.88
C ARG E 216 -11.37 -1.37 -45.54
N ASP E 217 -11.80 -0.17 -45.20
CA ASP E 217 -12.95 0.48 -45.85
C ASP E 217 -12.66 0.57 -47.33
N GLY E 218 -13.64 0.27 -48.19
CA GLY E 218 -13.54 0.46 -49.64
C GLY E 218 -13.24 1.90 -50.01
N ARG E 219 -13.56 2.85 -49.12
CA ARG E 219 -13.49 4.30 -49.39
C ARG E 219 -12.18 4.89 -48.88
N LEU E 220 -11.33 4.06 -48.25
CA LEU E 220 -10.02 4.48 -47.69
C LEU E 220 -9.11 4.93 -48.83
N TRP E 221 -8.48 6.09 -48.66
CA TRP E 221 -7.45 6.58 -49.62
C TRP E 221 -6.23 5.66 -49.56
N HIS E 222 -5.64 5.38 -50.70
CA HIS E 222 -4.40 4.57 -50.79
C HIS E 222 -3.86 4.68 -52.20
N ARG E 223 -2.61 4.28 -52.38
CA ARG E 223 -2.00 4.20 -53.73
C ARG E 223 -1.02 3.04 -53.72
N GLY E 224 -1.01 2.30 -54.83
CA GLY E 224 0.06 1.36 -55.13
C GLY E 224 1.31 2.16 -55.42
N VAL E 225 2.48 1.60 -55.11
CA VAL E 225 3.76 2.32 -55.29
C VAL E 225 4.74 1.38 -56.00
N PRO E 226 5.83 1.94 -56.58
CA PRO E 226 6.78 1.13 -57.35
C PRO E 226 7.31 -0.08 -56.56
N ASN E 227 7.19 -1.25 -57.19
CA ASN E 227 7.94 -2.48 -56.87
C ASN E 227 9.38 -2.30 -57.38
N LEU E 228 10.33 -2.13 -56.47
CA LEU E 228 11.77 -1.93 -56.81
C LEU E 228 12.55 -3.22 -56.53
N SER E 229 11.88 -4.31 -56.18
CA SER E 229 12.50 -5.66 -56.14
C SER E 229 12.57 -6.21 -57.57
N ALA E 230 13.15 -7.40 -57.75
CA ALA E 230 13.32 -8.08 -59.06
C ALA E 230 12.20 -9.09 -59.28
N ALA E 231 11.19 -9.11 -58.42
CA ALA E 231 10.14 -10.16 -58.40
C ALA E 231 8.76 -9.51 -58.36
N PRO E 232 7.80 -10.06 -59.13
CA PRO E 232 6.41 -9.64 -59.00
C PRO E 232 5.87 -9.81 -57.58
N ARG E 233 5.02 -8.87 -57.16
CA ARG E 233 4.36 -8.83 -55.83
C ARG E 233 2.88 -9.12 -56.02
N PRO E 234 2.46 -10.39 -55.93
CA PRO E 234 1.03 -10.74 -56.01
C PRO E 234 0.21 -10.44 -54.75
N LEU E 235 -1.01 -9.98 -54.99
CA LEU E 235 -2.05 -9.68 -53.97
C LEU E 235 -3.36 -10.32 -54.43
N LEU E 236 -3.97 -11.14 -53.58
CA LEU E 236 -5.34 -11.66 -53.80
C LEU E 236 -6.29 -10.71 -53.11
N ALA E 237 -7.37 -10.33 -53.80
CA ALA E 237 -8.28 -9.25 -53.39
C ALA E 237 -9.72 -9.73 -53.39
N MET E 238 -10.38 -9.60 -52.25
CA MET E 238 -11.84 -9.77 -52.17
C MET E 238 -12.41 -8.45 -51.64
N THR E 239 -13.73 -8.30 -51.75
CA THR E 239 -14.49 -7.13 -51.26
C THR E 239 -15.87 -7.62 -50.83
N HIS E 240 -16.19 -7.51 -49.55
CA HIS E 240 -17.54 -7.75 -48.98
C HIS E 240 -18.36 -6.47 -49.13
N TYR E 241 -19.60 -6.59 -49.58
CA TYR E 241 -20.57 -5.46 -49.70
C TYR E 241 -21.80 -5.74 -48.83
N THR E 242 -22.59 -4.70 -48.54
CA THR E 242 -23.92 -4.88 -47.93
C THR E 242 -24.78 -5.63 -48.93
N GLU E 243 -25.83 -6.27 -48.43
CA GLU E 243 -26.77 -7.07 -49.25
C GLU E 243 -27.35 -6.19 -50.36
N TRP E 244 -27.56 -4.89 -50.08
CA TRP E 244 -28.42 -4.04 -50.95
C TRP E 244 -27.58 -3.38 -52.05
N PHE E 245 -26.26 -3.38 -51.94
CA PHE E 245 -25.38 -2.78 -52.95
C PHE E 245 -25.25 -3.74 -54.12
N ASP E 246 -25.58 -3.28 -55.34
CA ASP E 246 -25.64 -4.09 -56.59
C ASP E 246 -24.21 -4.32 -57.08
N MET E 247 -23.87 -5.60 -57.26
CA MET E 247 -22.59 -6.05 -57.87
C MET E 247 -22.87 -7.21 -58.81
N PRO E 248 -22.06 -7.38 -59.88
CA PRO E 248 -22.18 -8.55 -60.73
C PRO E 248 -21.58 -9.74 -59.97
N PRO E 249 -22.11 -10.97 -60.18
CA PRO E 249 -21.69 -12.13 -59.40
C PRO E 249 -20.30 -12.65 -59.78
N ILE E 250 -19.66 -13.38 -58.88
CA ILE E 250 -18.36 -14.06 -59.14
C ILE E 250 -18.65 -15.36 -59.90
N GLN E 251 -18.02 -15.56 -61.05
CA GLN E 251 -18.10 -16.83 -61.82
C GLN E 251 -17.31 -17.92 -61.08
N LEU E 252 -18.00 -18.92 -60.53
CA LEU E 252 -17.38 -20.08 -59.83
C LEU E 252 -17.87 -21.37 -60.48
N PRO E 253 -17.08 -22.48 -60.42
CA PRO E 253 -17.55 -23.77 -60.92
C PRO E 253 -18.51 -24.50 -59.96
N ASP E 254 -19.52 -25.21 -60.49
CA ASP E 254 -20.58 -25.87 -59.67
C ASP E 254 -19.95 -26.96 -58.77
N THR E 255 -18.70 -27.34 -59.05
CA THR E 255 -17.91 -28.29 -58.21
C THR E 255 -17.73 -27.73 -56.80
N VAL E 256 -17.83 -26.41 -56.58
CA VAL E 256 -17.68 -25.79 -55.22
C VAL E 256 -19.04 -25.35 -54.66
N LYS E 257 -20.09 -25.43 -55.47
CA LYS E 257 -21.42 -24.88 -55.14
C LYS E 257 -21.85 -25.45 -53.79
N SER E 258 -21.53 -26.72 -53.57
CA SER E 258 -22.13 -27.48 -52.45
C SER E 258 -21.77 -26.80 -51.13
N TRP E 259 -20.49 -26.49 -50.91
CA TRP E 259 -20.11 -25.73 -49.69
C TRP E 259 -20.45 -24.24 -49.81
N VAL E 260 -20.17 -23.62 -50.96
CA VAL E 260 -20.24 -22.14 -51.05
C VAL E 260 -21.69 -21.67 -50.85
N ASP E 261 -22.61 -22.33 -51.53
CA ASP E 261 -24.05 -21.97 -51.52
C ASP E 261 -24.65 -22.31 -50.15
N GLY E 262 -24.15 -23.36 -49.49
CA GLY E 262 -24.66 -23.74 -48.16
C GLY E 262 -24.44 -22.61 -47.17
N SER E 263 -23.28 -21.96 -47.24
CA SER E 263 -22.70 -21.22 -46.08
C SER E 263 -23.56 -20.01 -45.75
N ASP E 264 -23.60 -19.66 -44.46
CA ASP E 264 -24.20 -18.41 -43.96
C ASP E 264 -23.13 -17.30 -43.92
N ARG E 265 -21.94 -17.60 -44.47
CA ARG E 265 -20.98 -16.61 -45.00
C ARG E 265 -21.24 -16.45 -46.50
N HIS E 266 -21.95 -15.39 -46.89
CA HIS E 266 -22.56 -15.27 -48.23
C HIS E 266 -21.49 -14.86 -49.26
N THR E 267 -21.56 -15.49 -50.42
CA THR E 267 -20.84 -15.10 -51.64
C THR E 267 -21.90 -14.75 -52.69
N HIS E 268 -21.75 -13.64 -53.39
CA HIS E 268 -22.61 -13.34 -54.57
C HIS E 268 -21.97 -14.04 -55.77
N ALA E 269 -22.39 -15.27 -56.04
CA ALA E 269 -21.74 -16.17 -57.01
C ALA E 269 -22.77 -16.75 -57.95
N HIS E 270 -22.39 -16.93 -59.21
CA HIS E 270 -23.15 -17.68 -60.23
C HIS E 270 -22.27 -18.86 -60.63
N PHE E 271 -22.84 -20.07 -60.59
CA PHE E 271 -22.09 -21.35 -60.76
C PHE E 271 -22.25 -21.87 -62.20
N VAL E 272 -21.11 -22.09 -62.85
CA VAL E 272 -20.99 -22.57 -64.26
C VAL E 272 -20.66 -24.06 -64.20
N ALA E 273 -21.19 -24.85 -65.13
CA ALA E 273 -20.80 -26.27 -65.33
C ALA E 273 -19.41 -26.29 -65.98
N GLY E 274 -18.50 -27.10 -65.44
CA GLY E 274 -17.13 -27.27 -65.96
C GLY E 274 -16.21 -26.15 -65.55
N ASP E 275 -15.06 -26.04 -66.20
CA ASP E 275 -14.06 -24.96 -65.91
C ASP E 275 -14.54 -23.64 -66.49
N VAL E 276 -13.97 -22.53 -66.02
CA VAL E 276 -14.62 -21.18 -66.11
C VAL E 276 -13.66 -20.19 -66.76
N MET F 4 12.81 24.73 11.36
CA MET F 4 13.27 24.43 9.98
C MET F 4 14.39 23.39 10.04
N ALA F 5 14.13 22.27 10.71
CA ALA F 5 15.16 21.23 10.97
C ALA F 5 15.49 20.48 9.68
N LEU F 6 16.73 19.97 9.58
CA LEU F 6 17.25 19.30 8.35
C LEU F 6 16.88 17.80 8.34
N ALA F 7 16.65 17.24 7.15
CA ALA F 7 16.18 15.85 6.94
C ALA F 7 17.33 14.96 6.45
N ALA F 8 18.39 15.59 5.93
CA ALA F 8 19.58 14.92 5.37
C ALA F 8 20.73 15.92 5.36
N PRO F 9 21.98 15.46 5.09
CA PRO F 9 23.15 16.31 5.21
C PRO F 9 23.08 17.36 4.10
N PRO F 10 23.28 18.66 4.41
CA PRO F 10 23.13 19.72 3.43
C PRO F 10 24.12 19.60 2.27
N GLY F 11 23.65 19.84 1.04
CA GLY F 11 24.41 19.65 -0.21
C GLY F 11 25.75 20.39 -0.21
N GLU F 12 25.83 21.54 0.46
CA GLU F 12 27.08 22.36 0.44
C GLU F 12 28.19 21.61 1.18
N LEU F 13 27.87 20.67 2.06
CA LEU F 13 28.84 19.95 2.94
C LEU F 13 28.99 18.49 2.47
N THR F 14 28.21 18.06 1.51
CA THR F 14 28.07 16.62 1.20
C THR F 14 28.74 16.30 -0.13
N LEU F 15 29.27 15.08 -0.23
CA LEU F 15 29.82 14.51 -1.46
C LEU F 15 29.39 13.05 -1.50
N ALA F 16 28.60 12.66 -2.50
CA ALA F 16 27.99 11.31 -2.61
C ALA F 16 28.96 10.36 -3.31
N LEU F 17 29.11 9.16 -2.75
CA LEU F 17 30.14 8.20 -3.24
C LEU F 17 29.59 6.78 -3.15
N THR F 18 30.40 5.81 -3.52
CA THR F 18 30.09 4.37 -3.37
C THR F 18 31.32 3.66 -2.82
N PRO F 19 31.18 2.46 -2.21
CA PRO F 19 32.34 1.71 -1.72
C PRO F 19 33.35 1.37 -2.84
N ASP F 20 32.83 1.07 -4.04
CA ASP F 20 33.68 0.79 -5.23
C ASP F 20 34.50 2.03 -5.59
N ASP F 21 33.92 3.24 -5.49
CA ASP F 21 34.69 4.51 -5.65
C ASP F 21 35.91 4.49 -4.72
N LYS F 22 37.12 4.58 -5.28
CA LYS F 22 38.37 4.37 -4.52
C LYS F 22 39.23 5.63 -4.54
N THR F 23 39.04 6.49 -5.54
CA THR F 23 39.61 7.86 -5.57
C THR F 23 38.55 8.85 -6.08
N LEU F 24 38.73 10.14 -5.76
CA LEU F 24 37.92 11.26 -6.29
C LEU F 24 38.64 11.79 -7.53
N ASP F 25 37.89 12.06 -8.59
CA ASP F 25 38.40 12.77 -9.80
C ASP F 25 38.82 14.17 -9.38
N PRO F 26 39.78 14.79 -10.07
CA PRO F 26 40.29 16.11 -9.69
C PRO F 26 39.21 17.13 -9.31
N ALA F 27 38.07 17.14 -10.01
CA ALA F 27 36.98 18.12 -9.79
C ALA F 27 36.33 17.89 -8.43
N SER F 28 36.13 16.62 -8.06
CA SER F 28 35.54 16.18 -6.76
C SER F 28 36.49 16.51 -5.61
N LEU F 29 37.79 16.23 -5.78
CA LEU F 29 38.82 16.46 -4.72
C LEU F 29 38.91 17.96 -4.43
N ASP F 30 38.99 18.80 -5.47
CA ASP F 30 39.08 20.28 -5.32
C ASP F 30 37.88 20.76 -4.50
N ARG F 31 36.70 20.20 -4.76
CA ARG F 31 35.44 20.55 -4.06
C ARG F 31 35.54 20.14 -2.58
N ALA F 32 35.95 18.90 -2.31
CA ALA F 32 36.11 18.35 -0.94
C ALA F 32 36.99 19.30 -0.13
N LEU F 33 38.20 19.59 -0.64
CA LEU F 33 39.16 20.56 -0.05
C LEU F 33 38.53 21.95 0.16
N ALA F 34 37.76 22.42 -0.82
CA ALA F 34 37.10 23.76 -0.78
C ALA F 34 36.07 23.81 0.35
N ILE F 35 35.43 22.67 0.63
CA ILE F 35 34.42 22.53 1.71
C ILE F 35 35.13 22.51 3.06
N LEU F 36 36.22 21.74 3.19
CA LEU F 36 36.99 21.65 4.46
C LEU F 36 37.63 23.00 4.76
N ALA F 37 38.05 23.74 3.75
CA ALA F 37 38.62 25.09 3.90
C ALA F 37 37.54 26.07 4.39
N GLU F 38 36.39 26.10 3.72
CA GLU F 38 35.36 27.13 3.97
C GLU F 38 34.60 26.78 5.25
N HIS F 39 34.08 25.56 5.31
CA HIS F 39 33.07 25.13 6.32
C HIS F 39 33.71 24.34 7.46
N GLY F 40 34.82 23.66 7.22
CA GLY F 40 35.57 22.91 8.26
C GLY F 40 35.00 21.52 8.49
N ILE F 41 34.04 21.09 7.67
CA ILE F 41 33.39 19.76 7.82
C ILE F 41 32.87 19.31 6.46
N LEU F 42 33.07 18.03 6.15
CA LEU F 42 32.71 17.39 4.86
C LEU F 42 32.02 16.06 5.18
N VAL F 43 30.84 15.81 4.64
CA VAL F 43 30.12 14.52 4.84
C VAL F 43 30.26 13.71 3.55
N LEU F 44 30.77 12.48 3.65
CA LEU F 44 30.89 11.54 2.50
C LEU F 44 29.84 10.45 2.68
N THR F 45 28.77 10.45 1.87
CA THR F 45 27.72 9.41 1.92
C THR F 45 28.18 8.20 1.09
N GLY F 46 27.85 6.99 1.53
CA GLY F 46 27.99 5.77 0.72
C GLY F 46 29.40 5.19 0.74
N MET F 47 30.20 5.46 1.77
CA MET F 47 31.64 5.14 1.80
C MET F 47 31.90 3.69 2.22
N LEU F 48 31.15 3.16 3.19
CA LEU F 48 31.43 1.85 3.82
C LEU F 48 30.25 0.89 3.65
N ARG F 49 30.59 -0.40 3.46
CA ARG F 49 29.64 -1.51 3.26
C ARG F 49 28.96 -1.88 4.58
N THR F 50 27.73 -2.38 4.50
CA THR F 50 26.93 -2.92 5.64
C THR F 50 27.73 -4.01 6.35
N ARG F 51 28.41 -4.88 5.61
CA ARG F 51 29.18 -6.01 6.19
C ARG F 51 30.14 -5.48 7.27
N LEU F 52 30.76 -4.31 7.07
CA LEU F 52 31.74 -3.74 8.04
C LEU F 52 31.02 -3.02 9.18
N THR F 53 30.20 -2.03 8.87
CA THR F 53 29.48 -1.23 9.91
C THR F 53 28.75 -2.19 10.86
N ASP F 54 28.09 -3.24 10.33
CA ASP F 54 27.32 -4.23 11.13
C ASP F 54 28.26 -4.88 12.16
N GLN F 55 29.38 -5.44 11.73
CA GLN F 55 30.32 -6.15 12.65
C GLN F 55 30.81 -5.18 13.73
N LEU F 56 31.16 -3.95 13.34
CA LEU F 56 31.73 -2.91 14.24
C LEU F 56 30.65 -2.45 15.23
N ARG F 57 29.44 -2.19 14.74
CA ARG F 57 28.28 -1.82 15.60
C ARG F 57 28.08 -2.91 16.66
N THR F 58 27.97 -4.17 16.21
CA THR F 58 27.75 -5.35 17.10
C THR F 58 28.85 -5.43 18.15
N ALA F 59 30.12 -5.32 17.73
CA ALA F 59 31.30 -5.51 18.61
C ALA F 59 31.26 -4.48 19.76
N MET F 60 30.89 -3.24 19.44
CA MET F 60 30.94 -2.10 20.41
C MET F 60 29.75 -2.17 21.37
N LEU F 61 28.55 -2.52 20.89
CA LEU F 61 27.37 -2.71 21.75
C LEU F 61 27.59 -3.92 22.68
N ASP F 62 28.31 -4.95 22.22
CA ASP F 62 28.65 -6.14 23.02
C ASP F 62 29.61 -5.74 24.14
N ASP F 63 30.53 -4.78 23.89
CA ASP F 63 31.56 -4.37 24.89
C ASP F 63 30.98 -3.35 25.90
N LEU F 64 29.91 -2.64 25.54
CA LEU F 64 29.39 -1.50 26.34
C LEU F 64 29.08 -1.93 27.77
N PRO F 65 28.46 -3.10 28.03
CA PRO F 65 28.23 -3.53 29.40
C PRO F 65 29.52 -3.58 30.24
N GLU F 66 30.60 -4.16 29.69
CA GLU F 66 31.88 -4.30 30.43
C GLU F 66 32.47 -2.91 30.66
N VAL F 67 32.23 -1.94 29.75
CA VAL F 67 32.73 -0.54 29.87
C VAL F 67 32.01 0.14 31.04
N LEU F 68 30.69 -0.04 31.15
CA LEU F 68 29.87 0.69 32.17
C LEU F 68 30.03 0.05 33.56
N ARG F 69 30.53 -1.18 33.64
CA ARG F 69 30.82 -1.88 34.93
C ARG F 69 32.07 -1.27 35.59
N GLN F 70 33.01 -0.70 34.80
CA GLN F 70 34.29 -0.09 35.26
C GLN F 70 34.09 0.82 36.47
N GLN F 71 35.12 0.87 37.33
CA GLN F 71 35.25 1.70 38.55
C GLN F 71 34.82 3.13 38.21
N ASP F 72 35.56 3.80 37.33
CA ASP F 72 35.24 5.17 36.85
C ASP F 72 35.00 5.10 35.33
N VAL F 73 33.77 5.40 34.89
CA VAL F 73 33.38 5.40 33.45
C VAL F 73 33.82 6.71 32.85
N PRO F 74 34.72 6.70 31.85
CA PRO F 74 35.26 7.93 31.29
C PRO F 74 34.22 8.57 30.36
N THR F 75 33.77 9.77 30.68
CA THR F 75 32.83 10.54 29.83
C THR F 75 33.55 11.78 29.33
N ASN F 76 33.06 12.33 28.22
CA ASN F 76 33.43 13.67 27.70
C ASN F 76 32.46 14.71 28.25
N PHE F 77 32.90 15.52 29.20
CA PHE F 77 32.25 16.78 29.68
C PHE F 77 31.06 16.49 30.60
N VAL F 78 30.08 15.71 30.15
CA VAL F 78 28.79 15.53 30.89
C VAL F 78 28.35 14.07 30.80
N PRO F 79 27.43 13.63 31.68
CA PRO F 79 26.97 12.23 31.69
C PRO F 79 26.39 11.74 30.35
N GLY F 80 26.68 10.50 30.00
CA GLY F 80 26.07 9.83 28.83
C GLY F 80 26.95 9.86 27.60
N HIS F 81 28.05 10.60 27.63
CA HIS F 81 28.97 10.69 26.46
C HIS F 81 30.23 9.88 26.74
N VAL F 82 30.14 8.56 26.62
CA VAL F 82 31.18 7.60 27.10
C VAL F 82 32.27 7.50 26.05
N GLN F 83 33.54 7.57 26.47
CA GLN F 83 34.68 7.24 25.59
C GLN F 83 34.82 5.72 25.59
N GLN F 84 34.75 5.11 24.42
CA GLN F 84 34.87 3.64 24.28
C GLN F 84 35.65 3.35 23.01
N ASP F 85 36.80 2.68 23.14
CA ASP F 85 37.62 2.25 21.99
C ASP F 85 36.92 1.07 21.33
N PRO F 86 36.83 1.01 19.97
CA PRO F 86 36.41 -0.22 19.31
C PRO F 86 37.52 -1.25 19.50
N PRO F 87 37.26 -2.55 19.28
CA PRO F 87 38.25 -3.58 19.54
C PRO F 87 39.31 -3.59 18.41
N VAL F 88 40.54 -3.97 18.77
CA VAL F 88 41.68 -4.04 17.81
C VAL F 88 42.10 -5.50 17.64
N ARG F 89 41.12 -6.38 17.48
CA ARG F 89 41.29 -7.82 17.16
C ARG F 89 41.43 -7.94 15.64
N GLU F 90 42.37 -8.76 15.18
CA GLU F 90 42.68 -8.99 13.75
C GLU F 90 41.39 -8.93 12.92
N SER F 91 40.32 -9.62 13.36
CA SER F 91 39.07 -9.87 12.60
C SER F 91 38.19 -8.61 12.48
N LEU F 92 38.37 -7.62 13.36
CA LEU F 92 37.56 -6.37 13.37
C LEU F 92 38.42 -5.15 13.00
N LEU F 93 39.60 -5.39 12.43
CA LEU F 93 40.45 -4.30 11.87
C LEU F 93 40.43 -4.41 10.35
N PHE F 94 39.58 -3.61 9.70
CA PHE F 94 39.35 -3.66 8.24
C PHE F 94 40.17 -2.57 7.56
N PRO F 95 40.95 -2.89 6.50
CA PRO F 95 41.67 -1.87 5.73
C PRO F 95 40.81 -0.73 5.17
N ASP F 96 39.59 -1.03 4.74
CA ASP F 96 38.69 0.01 4.17
C ASP F 96 38.26 1.01 5.24
N VAL F 97 38.49 0.71 6.52
CA VAL F 97 38.12 1.62 7.65
C VAL F 97 39.38 2.34 8.15
N LEU F 98 40.45 1.61 8.51
CA LEU F 98 41.71 2.20 9.05
C LEU F 98 42.44 3.00 7.98
N LEU F 99 42.59 2.36 6.80
CA LEU F 99 43.38 2.84 5.64
C LEU F 99 42.43 3.06 4.46
N ASN F 100 41.36 3.81 4.68
CA ASN F 100 40.37 4.09 3.60
C ASN F 100 41.06 4.91 2.53
N PRO F 101 41.02 4.49 1.24
CA PRO F 101 41.77 5.16 0.19
C PRO F 101 41.25 6.57 -0.14
N VAL F 102 39.95 6.80 0.00
CA VAL F 102 39.33 8.13 -0.27
C VAL F 102 39.65 9.07 0.89
N VAL F 103 39.58 8.59 2.12
CA VAL F 103 39.85 9.43 3.31
C VAL F 103 41.30 9.91 3.21
N TYR F 104 42.25 8.99 3.05
CA TYR F 104 43.70 9.30 2.98
C TYR F 104 44.00 10.18 1.76
N GLN F 105 43.24 10.05 0.66
CA GLN F 105 43.42 10.92 -0.53
C GLN F 105 43.16 12.38 -0.12
N ILE F 106 42.08 12.60 0.64
CA ILE F 106 41.69 13.95 1.13
C ILE F 106 42.74 14.40 2.16
N THR F 107 43.09 13.57 3.14
CA THR F 107 43.97 13.99 4.26
C THR F 107 45.40 14.20 3.73
N HIS F 108 45.83 13.44 2.72
CA HIS F 108 47.17 13.63 2.10
C HIS F 108 47.19 15.02 1.43
N ALA F 109 46.11 15.37 0.74
CA ALA F 109 45.97 16.65 0.00
C ALA F 109 45.96 17.81 1.00
N VAL F 110 45.34 17.64 2.17
CA VAL F 110 45.18 18.73 3.17
C VAL F 110 46.42 18.80 4.05
N LEU F 111 46.88 17.69 4.62
CA LEU F 111 47.88 17.67 5.73
C LEU F 111 49.28 17.30 5.24
N GLY F 112 49.42 16.73 4.03
CA GLY F 112 50.71 16.27 3.45
C GLY F 112 50.78 14.75 3.38
N ALA F 113 51.60 14.22 2.48
CA ALA F 113 51.78 12.76 2.24
C ALA F 113 52.27 12.05 3.51
N ASP F 114 52.88 12.79 4.45
CA ASP F 114 53.46 12.22 5.69
C ASP F 114 52.44 12.22 6.84
N ALA F 115 51.22 12.73 6.59
CA ALA F 115 50.11 12.69 7.57
C ALA F 115 49.81 11.24 7.96
N ARG F 116 49.45 11.04 9.22
CA ARG F 116 49.29 9.71 9.84
C ARG F 116 48.07 9.68 10.75
N ASN F 117 47.37 8.55 10.79
CA ASN F 117 46.26 8.34 11.73
C ASN F 117 46.90 7.98 13.07
N ALA F 118 46.43 8.54 14.17
CA ALA F 118 47.01 8.32 15.53
C ALA F 118 45.91 8.10 16.56
N VAL F 119 44.68 7.91 16.09
CA VAL F 119 43.51 7.65 16.98
C VAL F 119 42.66 6.55 16.34
N TYR F 120 42.28 5.56 17.14
CA TYR F 120 41.27 4.54 16.80
C TYR F 120 40.44 4.38 18.06
N SER F 121 39.48 5.27 18.27
CA SER F 121 38.66 5.38 19.50
C SER F 121 37.18 5.51 19.12
N GLY F 122 36.31 5.86 20.07
CA GLY F 122 34.87 5.94 19.82
C GLY F 122 34.11 6.72 20.87
N ASN F 123 32.87 7.07 20.54
CA ASN F 123 31.97 7.83 21.42
C ASN F 123 30.65 7.08 21.45
N MET F 124 30.34 6.43 22.56
CA MET F 124 29.03 5.80 22.81
C MET F 124 28.13 6.84 23.48
N ASN F 125 27.17 7.41 22.75
CA ASN F 125 26.18 8.41 23.26
C ASN F 125 24.97 7.65 23.80
N LEU F 126 24.86 7.54 25.12
CA LEU F 126 23.85 6.67 25.77
C LEU F 126 22.51 7.39 25.80
N PRO F 127 21.39 6.63 25.83
CA PRO F 127 20.09 7.18 26.14
C PRO F 127 20.04 8.00 27.42
N GLY F 128 19.42 9.17 27.33
CA GLY F 128 19.28 10.14 28.45
C GLY F 128 20.56 10.88 28.71
N SER F 129 21.46 10.96 27.73
CA SER F 129 22.70 11.77 27.82
C SER F 129 22.34 13.25 27.96
N HIS F 130 23.29 14.02 28.48
CA HIS F 130 23.16 15.46 28.74
C HIS F 130 23.72 16.22 27.54
N GLU F 131 23.51 17.53 27.49
CA GLU F 131 24.05 18.43 26.42
C GLU F 131 25.50 18.75 26.79
N GLN F 132 26.45 18.46 25.90
CA GLN F 132 27.85 18.89 26.04
C GLN F 132 27.93 20.40 25.83
N PRO F 133 28.93 21.09 26.41
CA PRO F 133 29.28 22.43 25.99
C PRO F 133 29.91 22.39 24.60
N VAL F 134 29.81 23.51 23.86
CA VAL F 134 30.45 23.66 22.54
C VAL F 134 31.96 23.73 22.76
N HIS F 135 32.74 23.02 21.94
CA HIS F 135 34.19 22.87 22.16
C HIS F 135 34.95 22.50 20.89
N LEU F 136 36.29 22.55 20.98
CA LEU F 136 37.27 21.97 20.03
C LEU F 136 37.68 20.61 20.58
N ASP F 137 37.82 19.61 19.72
CA ASP F 137 38.46 18.34 20.12
C ASP F 137 39.97 18.58 20.19
N GLU F 138 40.50 19.41 19.29
CA GLU F 138 41.96 19.65 19.14
C GLU F 138 42.17 21.15 19.01
N PRO F 139 43.09 21.76 19.79
CA PRO F 139 43.19 23.21 19.85
C PRO F 139 44.05 23.84 18.76
N HIS F 140 44.06 25.17 18.74
CA HIS F 140 44.94 25.98 17.88
C HIS F 140 46.32 26.09 18.54
N LEU F 141 47.36 25.89 17.75
CA LEU F 141 48.72 25.63 18.25
C LEU F 141 49.28 26.85 18.99
N TRP F 142 49.03 28.05 18.48
CA TRP F 142 49.28 29.30 19.25
C TRP F 142 47.99 30.12 19.34
N PRO F 143 47.72 30.79 20.47
CA PRO F 143 46.56 31.68 20.59
C PRO F 143 46.70 33.00 19.84
N GLY F 144 45.59 33.48 19.28
CA GLY F 144 45.52 34.75 18.54
C GLY F 144 46.12 34.67 17.15
N ILE F 145 46.35 33.46 16.62
CA ILE F 145 47.11 33.24 15.35
C ILE F 145 46.25 32.42 14.40
N SER F 146 46.21 32.82 13.13
CA SER F 146 45.64 32.02 12.02
C SER F 146 46.70 31.08 11.48
N HIS F 147 46.43 29.78 11.46
CA HIS F 147 47.29 28.81 10.74
C HIS F 147 46.43 27.78 10.03
N PRO F 148 46.95 27.09 9.01
CA PRO F 148 46.24 25.98 8.40
C PRO F 148 45.93 24.86 9.39
N PRO F 149 45.10 23.88 9.00
CA PRO F 149 44.87 22.69 9.82
C PRO F 149 46.13 21.83 9.98
N TYR F 150 46.25 21.16 11.13
CA TYR F 150 47.30 20.14 11.41
C TYR F 150 46.66 18.78 11.72
N CYS F 151 45.34 18.71 11.81
CA CYS F 151 44.62 17.46 12.14
C CYS F 151 43.20 17.49 11.58
N LEU F 152 42.77 16.35 11.05
CA LEU F 152 41.39 16.10 10.57
C LEU F 152 40.78 14.92 11.34
N CYS F 153 39.71 15.17 12.09
CA CYS F 153 38.88 14.13 12.73
C CYS F 153 38.15 13.37 11.61
N VAL F 154 38.10 12.05 11.71
CA VAL F 154 37.38 11.15 10.76
C VAL F 154 36.35 10.38 11.57
N ASP F 155 35.09 10.81 11.53
CA ASP F 155 34.01 10.22 12.37
C ASP F 155 33.20 9.27 11.52
N VAL F 156 32.99 8.03 12.01
CA VAL F 156 32.29 6.95 11.27
C VAL F 156 31.10 6.50 12.08
N PRO F 157 29.87 6.99 11.80
CA PRO F 157 28.69 6.52 12.52
C PRO F 157 28.43 5.04 12.19
N LEU F 158 28.10 4.26 13.22
CA LEU F 158 27.85 2.80 13.14
C LEU F 158 26.36 2.50 13.26
N ILE F 159 25.49 3.50 13.38
CA ILE F 159 24.03 3.38 13.15
C ILE F 159 23.57 4.65 12.42
N ASP F 160 22.37 4.65 11.85
CA ASP F 160 21.78 5.89 11.29
C ASP F 160 21.69 6.90 12.42
N PHE F 161 22.44 7.99 12.32
CA PHE F 161 22.36 9.16 13.23
C PHE F 161 21.13 9.98 12.84
N THR F 162 20.33 10.36 13.84
CA THR F 162 19.03 11.05 13.69
C THR F 162 19.07 12.28 14.61
N LEU F 163 18.17 13.23 14.43
CA LEU F 163 18.06 14.35 15.40
C LEU F 163 17.74 13.78 16.78
N GLU F 164 16.92 12.74 16.82
CA GLU F 164 16.42 12.16 18.10
C GLU F 164 17.58 11.53 18.89
N ASN F 165 18.49 10.82 18.23
CA ASN F 165 19.43 9.90 18.94
C ASN F 165 20.81 10.53 19.05
N GLY F 166 20.93 11.84 18.86
CA GLY F 166 22.15 12.60 19.21
C GLY F 166 23.15 12.72 18.06
N SER F 167 22.66 13.02 16.87
CA SER F 167 23.51 13.53 15.76
C SER F 167 24.19 14.82 16.25
N THR F 168 25.47 14.97 15.95
CA THR F 168 26.32 16.03 16.52
C THR F 168 25.95 17.41 15.94
N GLU F 169 25.88 18.42 16.82
CA GLU F 169 25.76 19.85 16.44
C GLU F 169 27.13 20.32 15.95
N TYR F 170 27.19 20.79 14.70
CA TYR F 170 28.42 21.30 14.06
C TYR F 170 28.27 22.81 13.84
N TRP F 171 29.35 23.56 14.00
CA TRP F 171 29.40 25.03 13.78
C TRP F 171 30.25 25.34 12.55
N PRO F 172 29.66 25.43 11.33
CA PRO F 172 30.45 25.60 10.12
C PRO F 172 31.30 26.87 10.17
N GLY F 173 32.54 26.76 9.66
CA GLY F 173 33.49 27.86 9.49
C GLY F 173 34.23 28.21 10.79
N SER F 174 33.95 27.53 11.90
CA SER F 174 34.46 27.89 13.25
C SER F 174 35.91 27.44 13.40
N HIS F 175 36.39 26.63 12.48
CA HIS F 175 37.75 26.04 12.55
C HIS F 175 38.83 27.09 12.34
N VAL F 176 38.52 28.23 11.72
CA VAL F 176 39.53 29.30 11.44
C VAL F 176 39.50 30.37 12.53
N LEU F 177 38.48 30.37 13.39
CA LEU F 177 38.31 31.37 14.47
C LEU F 177 39.30 31.06 15.59
N ASN F 178 40.09 32.04 16.03
CA ASN F 178 41.04 31.87 17.17
C ASN F 178 41.45 33.23 17.70
N PRO F 179 40.51 33.99 18.29
CA PRO F 179 40.85 35.19 19.05
C PRO F 179 41.43 34.84 20.43
N ASP F 180 41.91 35.86 21.16
CA ASP F 180 42.52 35.70 22.51
C ASP F 180 41.41 35.42 23.53
N GLU F 181 41.73 34.65 24.56
CA GLU F 181 40.83 34.27 25.68
C GLU F 181 39.49 33.76 25.13
N CYS F 182 39.53 32.97 24.05
CA CYS F 182 38.34 32.39 23.37
C CYS F 182 38.01 31.02 23.95
N TYR F 183 39.04 30.22 24.29
CA TYR F 183 38.93 28.79 24.66
C TYR F 183 39.51 28.59 26.07
N ASP F 184 38.87 27.74 26.87
CA ASP F 184 39.39 27.35 28.20
C ASP F 184 40.27 26.11 28.06
N GLU F 185 40.81 25.62 29.17
CA GLU F 185 41.91 24.62 29.15
C GLU F 185 41.38 23.27 28.66
N ARG F 186 40.07 23.04 28.77
CA ARG F 186 39.42 21.81 28.25
C ARG F 186 38.94 21.99 26.80
N GLY F 187 39.17 23.17 26.21
CA GLY F 187 38.88 23.47 24.80
C GLY F 187 37.44 23.86 24.55
N CYS F 188 36.70 24.27 25.60
CA CYS F 188 35.32 24.80 25.48
C CYS F 188 35.35 26.27 25.03
N VAL F 189 34.51 26.61 24.07
CA VAL F 189 34.36 28.00 23.54
C VAL F 189 33.66 28.79 24.63
N LEU F 190 34.16 29.98 24.96
CA LEU F 190 33.49 30.94 25.88
C LEU F 190 32.11 31.29 25.36
N PRO F 191 31.12 31.49 26.27
CA PRO F 191 29.76 31.80 25.85
C PRO F 191 29.62 33.13 25.08
N ALA F 192 30.44 34.14 25.40
CA ALA F 192 30.48 35.43 24.68
C ALA F 192 30.75 35.18 23.20
N GLU F 193 31.79 34.40 22.89
CA GLU F 193 32.26 34.13 21.51
C GLU F 193 31.24 33.27 20.77
N LEU F 194 30.44 32.47 21.47
CA LEU F 194 29.38 31.65 20.85
C LEU F 194 28.31 32.57 20.30
N GLU F 195 27.81 33.49 21.12
CA GLU F 195 26.62 34.32 20.79
C GLU F 195 27.00 35.28 19.68
N ARG F 196 28.22 35.83 19.71
CA ARG F 196 28.79 36.64 18.60
C ARG F 196 28.75 35.82 17.31
N ARG F 197 29.19 34.57 17.39
CA ARG F 197 29.35 33.68 16.20
C ARG F 197 27.97 33.17 15.73
N ARG F 198 27.04 32.92 16.66
CA ARG F 198 25.69 32.40 16.31
C ARG F 198 24.99 33.40 15.37
N ALA F 199 25.17 34.69 15.60
CA ALA F 199 24.61 35.80 14.80
C ALA F 199 25.10 35.73 13.35
N VAL F 200 26.40 35.48 13.13
CA VAL F 200 27.02 35.50 11.77
C VAL F 200 26.75 34.17 11.05
N ALA F 201 26.91 33.04 11.74
CA ALA F 201 26.91 31.67 11.14
C ALA F 201 26.46 30.64 12.17
N PRO F 202 25.14 30.42 12.32
CA PRO F 202 24.61 29.56 13.37
C PRO F 202 24.93 28.09 13.18
N PRO F 203 24.91 27.28 14.26
CA PRO F 203 25.15 25.85 14.16
C PRO F 203 24.14 25.13 13.28
N VAL F 204 24.51 23.94 12.79
CA VAL F 204 23.62 23.02 12.04
C VAL F 204 23.69 21.63 12.71
N ARG F 205 22.62 20.86 12.59
CA ARG F 205 22.53 19.47 13.10
C ARG F 205 21.67 18.68 12.11
N PHE F 206 22.13 17.52 11.65
CA PHE F 206 21.42 16.78 10.56
C PHE F 206 21.61 15.28 10.68
N PRO F 207 20.65 14.46 10.21
CA PRO F 207 20.84 13.03 10.12
C PRO F 207 22.05 12.66 9.24
N ILE F 208 22.72 11.58 9.60
CA ILE F 208 23.85 10.99 8.84
C ILE F 208 23.61 9.49 8.74
N PRO F 209 23.28 8.97 7.54
CA PRO F 209 23.08 7.53 7.35
C PRO F 209 24.34 6.73 7.66
N VAL F 210 24.18 5.55 8.26
CA VAL F 210 25.30 4.58 8.48
C VAL F 210 25.92 4.28 7.11
N GLY F 211 27.24 4.08 7.07
CA GLY F 211 28.00 3.93 5.81
C GLY F 211 28.60 5.26 5.37
N SER F 212 28.11 6.37 5.94
CA SER F 212 28.69 7.72 5.76
C SER F 212 30.02 7.79 6.53
N VAL F 213 30.89 8.69 6.10
CA VAL F 213 32.11 9.11 6.86
C VAL F 213 32.16 10.63 6.87
N VAL F 214 32.27 11.22 8.04
CA VAL F 214 32.43 12.69 8.22
C VAL F 214 33.91 12.98 8.41
N ILE F 215 34.48 13.85 7.58
CA ILE F 215 35.83 14.41 7.81
C ILE F 215 35.66 15.86 8.23
N ARG F 216 36.30 16.28 9.32
CA ARG F 216 36.20 17.69 9.80
C ARG F 216 37.53 18.13 10.41
N ASP F 217 37.77 19.44 10.40
CA ASP F 217 38.92 20.05 11.08
C ASP F 217 38.83 19.66 12.56
N GLY F 218 39.94 19.28 13.17
CA GLY F 218 40.00 19.01 14.62
C GLY F 218 39.61 20.23 15.45
N ARG F 219 39.71 21.43 14.86
CA ARG F 219 39.52 22.72 15.56
C ARG F 219 38.06 23.20 15.44
N LEU F 220 37.24 22.48 14.67
CA LEU F 220 35.81 22.85 14.43
C LEU F 220 35.05 22.81 15.74
N TRP F 221 34.28 23.85 16.03
CA TRP F 221 33.34 23.87 17.18
C TRP F 221 32.23 22.86 16.94
N HIS F 222 31.83 22.16 17.99
CA HIS F 222 30.75 21.16 17.95
C HIS F 222 30.40 20.77 19.37
N ARG F 223 29.25 20.15 19.54
CA ARG F 223 28.83 19.61 20.85
C ARG F 223 28.01 18.36 20.60
N GLY F 224 28.24 17.35 21.43
CA GLY F 224 27.34 16.20 21.52
C GLY F 224 26.06 16.66 22.16
N VAL F 225 24.95 16.02 21.81
CA VAL F 225 23.61 16.44 22.32
C VAL F 225 22.86 15.19 22.78
N PRO F 226 21.80 15.35 23.60
CA PRO F 226 21.08 14.21 24.16
C PRO F 226 20.61 13.21 23.12
N ASN F 227 20.99 11.95 23.35
CA ASN F 227 20.35 10.74 22.78
C ASN F 227 19.01 10.52 23.49
N LEU F 228 17.90 10.79 22.80
CA LEU F 228 16.54 10.64 23.37
C LEU F 228 15.87 9.38 22.82
N SER F 229 16.61 8.57 22.04
CA SER F 229 16.18 7.21 21.65
C SER F 229 16.41 6.26 22.83
N ALA F 230 16.00 5.01 22.67
CA ALA F 230 16.10 3.93 23.68
C ALA F 230 17.36 3.10 23.44
N ALA F 231 18.22 3.51 22.50
CA ALA F 231 19.36 2.71 22.02
C ALA F 231 20.63 3.55 22.06
N PRO F 232 21.75 2.95 22.51
CA PRO F 232 23.05 3.62 22.40
C PRO F 232 23.39 3.96 20.95
N ARG F 233 24.05 5.10 20.75
CA ARG F 233 24.48 5.63 19.43
C ARG F 233 26.00 5.55 19.37
N PRO F 234 26.57 4.45 18.86
CA PRO F 234 28.01 4.33 18.68
C PRO F 234 28.58 5.11 17.49
N LEU F 235 29.77 5.69 17.71
CA LEU F 235 30.59 6.40 16.71
C LEU F 235 32.01 5.87 16.82
N LEU F 236 32.58 5.43 15.70
CA LEU F 236 34.01 5.09 15.61
C LEU F 236 34.74 6.35 15.15
N ALA F 237 35.85 6.66 15.80
CA ALA F 237 36.56 7.94 15.66
C ALA F 237 38.02 7.68 15.36
N MET F 238 38.49 8.22 14.25
CA MET F 238 39.93 8.32 13.97
C MET F 238 40.26 9.80 13.81
N THR F 239 41.55 10.11 13.82
CA THR F 239 42.08 11.48 13.67
C THR F 239 43.44 11.37 12.98
N HIS F 240 43.55 11.90 11.76
CA HIS F 240 44.84 12.06 11.03
C HIS F 240 45.50 13.34 11.51
N TYR F 241 46.80 13.30 11.79
CA TYR F 241 47.62 14.47 12.18
C TYR F 241 48.78 14.65 11.20
N THR F 242 49.39 15.81 11.19
CA THR F 242 50.67 16.00 10.45
C THR F 242 51.71 15.14 11.14
N GLU F 243 52.76 14.81 10.40
CA GLU F 243 53.92 14.01 10.84
C GLU F 243 54.47 14.58 12.14
N TRP F 244 54.49 15.91 12.29
CA TRP F 244 55.34 16.62 13.29
C TRP F 244 54.55 16.85 14.57
N PHE F 245 53.24 16.66 14.56
CA PHE F 245 52.42 16.82 15.78
C PHE F 245 52.56 15.55 16.63
N ASP F 246 52.94 15.71 17.90
CA ASP F 246 53.25 14.61 18.86
C ASP F 246 51.94 13.99 19.34
N MET F 247 51.82 12.68 19.15
CA MET F 247 50.69 11.85 19.63
C MET F 247 51.24 10.51 20.11
N PRO F 248 50.59 9.90 21.12
CA PRO F 248 50.97 8.56 21.56
C PRO F 248 50.45 7.59 20.53
N PRO F 249 51.15 6.44 20.33
CA PRO F 249 50.80 5.51 19.25
C PRO F 249 49.54 4.70 19.55
N ILE F 250 48.89 4.18 18.50
CA ILE F 250 47.76 3.23 18.63
C ILE F 250 48.34 1.85 18.91
N GLN F 251 47.92 1.21 20.00
CA GLN F 251 48.25 -0.20 20.33
C GLN F 251 47.49 -1.11 19.38
N LEU F 252 48.22 -1.79 18.48
CA LEU F 252 47.65 -2.75 17.49
C LEU F 252 48.35 -4.08 17.67
N PRO F 253 47.70 -5.21 17.36
CA PRO F 253 48.36 -6.52 17.37
C PRO F 253 49.27 -6.76 16.16
N ASP F 254 50.42 -7.43 16.36
CA ASP F 254 51.44 -7.70 15.30
C ASP F 254 50.84 -8.53 14.16
N THR F 255 49.68 -9.16 14.40
CA THR F 255 48.92 -9.94 13.39
C THR F 255 48.46 -9.03 12.25
N VAL F 256 48.38 -7.71 12.44
CA VAL F 256 47.97 -6.74 11.37
C VAL F 256 49.18 -5.97 10.83
N LYS F 257 50.34 -6.09 11.47
CA LYS F 257 51.55 -5.32 11.11
C LYS F 257 51.82 -5.50 9.62
N SER F 258 51.50 -6.66 9.09
CA SER F 258 51.91 -7.01 7.71
C SER F 258 51.34 -5.98 6.74
N TRP F 259 50.07 -5.62 6.89
CA TRP F 259 49.43 -4.65 5.96
C TRP F 259 49.42 -3.25 6.56
N VAL F 260 49.41 -3.12 7.87
CA VAL F 260 49.50 -1.77 8.51
C VAL F 260 50.89 -1.19 8.28
N ASP F 261 51.97 -1.93 8.59
CA ASP F 261 53.32 -1.30 8.62
C ASP F 261 53.76 -0.94 7.19
N GLY F 262 53.43 -1.77 6.21
CA GLY F 262 53.87 -1.56 4.82
C GLY F 262 53.36 -0.24 4.26
N SER F 263 52.12 0.12 4.58
CA SER F 263 51.29 1.02 3.75
C SER F 263 51.89 2.43 3.70
N ASP F 264 51.66 3.13 2.58
CA ASP F 264 52.02 4.57 2.44
C ASP F 264 50.80 5.43 2.79
N ARG F 265 49.75 4.80 3.31
CA ARG F 265 48.75 5.46 4.21
C ARG F 265 49.20 5.22 5.65
N HIS F 266 49.81 6.23 6.28
CA HIS F 266 50.57 6.02 7.54
C HIS F 266 49.63 5.93 8.74
N THR F 267 49.95 5.02 9.65
CA THR F 267 49.36 4.90 11.00
C THR F 267 50.50 5.09 12.01
N HIS F 268 50.30 5.90 13.05
CA HIS F 268 51.24 5.95 14.19
C HIS F 268 50.85 4.83 15.15
N ALA F 269 51.46 3.66 14.98
CA ALA F 269 51.08 2.42 15.68
C ALA F 269 52.31 1.78 16.30
N HIS F 270 52.13 1.16 17.45
CA HIS F 270 53.10 0.28 18.13
C HIS F 270 52.44 -1.10 18.20
N PHE F 271 53.15 -2.15 17.78
CA PHE F 271 52.57 -3.48 17.54
C PHE F 271 52.89 -4.41 18.72
N VAL F 272 51.83 -4.99 19.30
CA VAL F 272 51.91 -5.71 20.59
C VAL F 272 51.57 -7.17 20.29
N ALA F 273 52.33 -8.10 20.89
CA ALA F 273 52.10 -9.56 20.73
C ALA F 273 50.69 -9.89 21.23
N GLY F 274 49.90 -10.54 20.36
CA GLY F 274 48.56 -11.03 20.73
C GLY F 274 47.64 -9.92 21.18
N ASP F 275 47.04 -10.03 22.37
CA ASP F 275 45.71 -9.45 22.69
C ASP F 275 45.90 -8.15 23.46
N VAL F 276 45.29 -7.05 22.97
CA VAL F 276 45.50 -5.69 23.53
C VAL F 276 44.25 -5.27 24.31
N ASP F 277 44.45 -4.73 25.52
CA ASP F 277 43.40 -4.61 26.56
C ASP F 277 42.54 -3.37 26.31
N HIS F 278 41.75 -3.37 25.23
CA HIS F 278 41.27 -2.09 24.63
C HIS F 278 40.34 -1.36 25.62
N LEU F 279 39.46 -2.11 26.30
CA LEU F 279 38.34 -1.51 27.07
C LEU F 279 38.89 -0.69 28.24
N THR F 280 39.90 -1.20 28.95
CA THR F 280 40.27 -0.63 30.27
C THR F 280 41.58 0.15 30.13
N HIS F 283 41.36 7.43 30.65
CA HIS F 283 41.43 7.39 29.16
C HIS F 283 42.03 8.70 28.62
N PRO F 284 43.02 8.64 27.71
CA PRO F 284 43.66 9.85 27.19
C PRO F 284 42.73 10.77 26.38
N PHE F 285 41.77 10.22 25.62
CA PHE F 285 40.91 11.02 24.70
C PHE F 285 39.71 11.61 25.46
N ALA F 286 39.26 10.98 26.57
CA ALA F 286 38.17 11.46 27.46
C ALA F 286 38.49 12.83 28.06
N VAL F 287 37.54 13.78 28.05
CA VAL F 287 37.73 15.20 28.47
C VAL F 287 36.62 15.57 29.47
N ARG F 288 36.79 15.12 30.72
CA ARG F 288 35.82 15.17 31.85
C ARG F 288 36.12 16.38 32.73
#